data_6V75
#
_entry.id   6V75
#
_cell.length_a   82.523
_cell.length_b   157.955
_cell.length_c   93.031
_cell.angle_alpha   90.000
_cell.angle_beta   101.080
_cell.angle_gamma   90.000
#
_symmetry.space_group_name_H-M   'P 1 21 1'
#
loop_
_entity.id
_entity.type
_entity.pdbx_description
1 polymer 'Pyruvate kinase PKM'
2 non-polymer 'POTASSIUM ION'
3 non-polymer GLYCEROL
4 non-polymer 'CHLORIDE ION'
5 non-polymer 1,6-di-O-phosphono-beta-D-fructofuranose
6 non-polymer 'MAGNESIUM ION'
7 non-polymer 'OXALATE ION'
8 non-polymer 'ASPARTIC ACID'
9 non-polymer DI(HYDROXYETHYL)ETHER
10 water water
#
_entity_poly.entity_id   1
_entity_poly.type   'polypeptide(L)'
_entity_poly.pdbx_seq_one_letter_code
;MGSSHHHHHHSSGLVPRGSMSKPHSEAGTAFIQTQQLHAAMADTFLEHMCRLDIDSPPITARNTGIICTIGPASRSVETL
KEMIKSGMNVARLNFSHGTHEYHAETIKNVRTATESFASDPILYRPVAVALDTKGPEIRTGLIKGSGTAEVELKKGATLK
ITLDNAYMEKCDENILWLDYKNICKVVEVGSKIYVDDGLISLQVKQKGADFLVTEVENGGSLGSKKGVNLPGAAVDLPAV
SEKDIQDLKFGVEQDVDMVFASFIRKASDVHEVRKVLGEKGKNIKIISKIENHEGVRRFDEILEASDGIMVARGDLGIEI
PAEKVFLAQKMMIGRCNRAGKPVICATQMLESMIKKPRPTRAEGSDVANAVLDGADCIMLSGETAKGDYPLEAVRMQHLI
AREAEAAIYHLQLFEELRRLAPITSDPTEATAVGAVEASFKCCSGAIIVLTKSGRSAHQVARYRPRAPIIAVTRNPQTAR
QAHLYRGIFPVLCKDPVQEAWAEDVDLRVNFAMNVGKARGFFKKGDVVIVLTGWRPGSGFTNTMRVVPVP
;
_entity_poly.pdbx_strand_id   C,A,B,D
#
# COMPACT_ATOMS: atom_id res chain seq x y z
N THR A 34 -30.95 24.44 1.48
CA THR A 34 -31.10 24.33 0.03
C THR A 34 -30.24 23.19 -0.51
N GLN A 35 -29.58 23.43 -1.64
CA GLN A 35 -28.74 22.42 -2.23
C GLN A 35 -27.65 23.02 -3.12
N GLN A 36 -26.76 23.78 -2.50
CA GLN A 36 -25.64 24.47 -3.13
C GLN A 36 -26.03 25.86 -3.59
N LEU A 37 -27.31 26.00 -3.97
CA LEU A 37 -27.92 27.22 -4.49
C LEU A 37 -28.11 28.43 -3.61
N HIS A 38 -27.69 28.40 -2.35
CA HIS A 38 -27.83 29.54 -1.47
C HIS A 38 -26.62 30.44 -1.55
N ALA A 39 -25.54 29.91 -2.08
CA ALA A 39 -24.28 30.62 -2.19
C ALA A 39 -24.16 31.32 -3.51
N ALA A 40 -24.46 30.63 -4.60
CA ALA A 40 -24.40 31.22 -5.92
C ALA A 40 -25.39 32.34 -6.17
N MET A 41 -26.09 32.83 -5.14
CA MET A 41 -27.15 33.82 -5.29
C MET A 41 -26.82 35.06 -4.47
N ALA A 42 -25.58 35.52 -4.58
CA ALA A 42 -25.10 36.68 -3.84
C ALA A 42 -24.57 37.73 -4.82
N ASP A 43 -24.42 38.96 -4.31
CA ASP A 43 -23.98 40.09 -5.12
C ASP A 43 -22.48 40.35 -5.01
N THR A 44 -21.79 39.73 -4.06
CA THR A 44 -20.37 39.94 -3.86
C THR A 44 -19.67 38.60 -3.68
N PHE A 45 -18.38 38.57 -4.00
CA PHE A 45 -17.58 37.36 -3.82
C PHE A 45 -17.38 37.04 -2.35
N LEU A 46 -17.32 38.06 -1.50
CA LEU A 46 -17.09 37.82 -0.08
C LEU A 46 -18.31 37.16 0.58
N GLU A 47 -19.51 37.61 0.24
CA GLU A 47 -20.70 36.99 0.80
C GLU A 47 -20.92 35.58 0.26
N HIS A 48 -20.43 35.30 -0.96
CA HIS A 48 -20.55 33.97 -1.52
C HIS A 48 -19.74 32.97 -0.70
N MET A 49 -18.58 33.38 -0.18
CA MET A 49 -17.79 32.50 0.67
C MET A 49 -18.46 32.30 2.03
N CYS A 50 -19.12 33.34 2.54
CA CYS A 50 -19.75 33.24 3.85
C CYS A 50 -20.99 32.35 3.82
N ARG A 51 -21.52 32.04 2.65
CA ARG A 51 -22.71 31.22 2.51
C ARG A 51 -22.41 29.79 2.07
N LEU A 52 -21.15 29.36 2.16
CA LEU A 52 -20.78 27.99 1.82
C LEU A 52 -21.18 27.07 2.96
N ASP A 53 -22.29 26.36 2.79
CA ASP A 53 -22.82 25.47 3.82
C ASP A 53 -22.35 24.05 3.58
N ILE A 54 -21.88 23.39 4.63
CA ILE A 54 -21.46 21.99 4.52
C ILE A 54 -22.62 21.02 4.66
N ASP A 55 -23.81 21.51 5.03
CA ASP A 55 -25.02 20.70 5.10
C ASP A 55 -25.79 20.73 3.79
N SER A 56 -25.17 21.21 2.72
CA SER A 56 -25.78 21.23 1.40
C SER A 56 -25.08 20.23 0.50
N PRO A 57 -25.79 19.18 0.10
CA PRO A 57 -25.17 18.11 -0.68
C PRO A 57 -25.17 18.45 -2.15
N PRO A 58 -24.28 17.84 -2.93
CA PRO A 58 -24.32 18.00 -4.40
C PRO A 58 -25.54 17.32 -5.00
N ILE A 59 -25.72 17.46 -6.31
CA ILE A 59 -26.88 16.89 -6.98
C ILE A 59 -26.49 16.46 -8.39
N THR A 60 -25.82 17.35 -9.12
CA THR A 60 -25.43 17.05 -10.49
C THR A 60 -24.34 15.97 -10.50
N ALA A 61 -23.95 15.56 -11.70
CA ALA A 61 -22.88 14.58 -11.87
C ALA A 61 -21.52 15.26 -11.78
N ARG A 62 -20.47 14.48 -12.00
CA ARG A 62 -19.11 15.02 -12.01
C ARG A 62 -18.85 15.70 -13.35
N ASN A 63 -18.29 16.91 -13.29
CA ASN A 63 -17.93 17.65 -14.49
C ASN A 63 -16.45 17.59 -14.81
N THR A 64 -15.60 17.33 -13.81
CA THR A 64 -14.16 17.29 -14.00
C THR A 64 -13.72 15.87 -14.31
N GLY A 65 -13.12 15.67 -15.49
CA GLY A 65 -12.56 14.37 -15.82
C GLY A 65 -11.41 14.00 -14.91
N ILE A 66 -11.18 12.70 -14.78
CA ILE A 66 -10.16 12.17 -13.89
C ILE A 66 -9.24 11.27 -14.71
N ILE A 67 -7.95 11.59 -14.73
CA ILE A 67 -6.93 10.82 -15.42
C ILE A 67 -6.07 10.13 -14.37
N CYS A 68 -6.02 8.79 -14.44
CA CYS A 68 -5.23 7.98 -13.52
C CYS A 68 -4.13 7.27 -14.28
N THR A 69 -2.93 7.25 -13.70
CA THR A 69 -1.79 6.58 -14.31
C THR A 69 -1.85 5.09 -14.03
N ILE A 70 -1.67 4.29 -15.08
CA ILE A 70 -1.77 2.84 -14.98
C ILE A 70 -0.38 2.26 -14.76
N GLY A 71 -0.27 1.32 -13.81
CA GLY A 71 1.01 0.73 -13.48
C GLY A 71 0.86 -0.66 -12.88
N PRO A 72 1.94 -1.15 -12.24
CA PRO A 72 1.92 -2.52 -11.70
C PRO A 72 0.94 -2.73 -10.56
N ALA A 73 0.43 -1.67 -9.95
CA ALA A 73 -0.57 -1.80 -8.89
C ALA A 73 -2.00 -1.70 -9.42
N SER A 74 -2.18 -1.51 -10.74
CA SER A 74 -3.49 -1.29 -11.34
C SER A 74 -3.60 -1.88 -12.74
N ARG A 75 -2.86 -2.95 -13.04
CA ARG A 75 -2.79 -3.50 -14.39
C ARG A 75 -3.75 -4.64 -14.65
N SER A 76 -4.10 -5.42 -13.63
CA SER A 76 -5.00 -6.54 -13.82
C SER A 76 -6.38 -6.04 -14.22
N VAL A 77 -7.06 -6.83 -15.06
CA VAL A 77 -8.41 -6.47 -15.49
C VAL A 77 -9.39 -6.41 -14.33
N GLU A 78 -9.12 -7.15 -13.24
CA GLU A 78 -10.03 -7.10 -12.10
C GLU A 78 -10.02 -5.73 -11.43
N THR A 79 -8.84 -5.14 -11.26
CA THR A 79 -8.75 -3.82 -10.66
C THR A 79 -9.12 -2.73 -11.66
N LEU A 80 -8.73 -2.90 -12.92
CA LEU A 80 -9.05 -1.91 -13.94
C LEU A 80 -10.55 -1.75 -14.13
N LYS A 81 -11.33 -2.80 -13.87
CA LYS A 81 -12.78 -2.68 -13.96
C LYS A 81 -13.33 -1.91 -12.76
N GLU A 82 -12.76 -2.13 -11.58
CA GLU A 82 -13.22 -1.43 -10.38
C GLU A 82 -12.87 0.05 -10.41
N MET A 83 -11.86 0.45 -11.18
CA MET A 83 -11.54 1.87 -11.31
C MET A 83 -12.55 2.60 -12.17
N ILE A 84 -13.07 1.95 -13.21
CA ILE A 84 -14.11 2.56 -14.03
C ILE A 84 -15.36 2.81 -13.20
N LYS A 85 -15.74 1.84 -12.36
CA LYS A 85 -16.88 2.02 -11.47
C LYS A 85 -16.61 2.99 -10.34
N SER A 86 -15.43 3.62 -10.31
CA SER A 86 -15.09 4.59 -9.27
C SER A 86 -14.95 6.01 -9.79
N GLY A 87 -14.61 6.20 -11.06
CA GLY A 87 -14.61 7.52 -11.65
C GLY A 87 -13.58 7.77 -12.73
N MET A 88 -12.83 6.75 -13.13
CA MET A 88 -11.78 6.95 -14.12
C MET A 88 -12.36 7.20 -15.49
N ASN A 89 -11.80 8.19 -16.19
CA ASN A 89 -12.20 8.52 -17.55
C ASN A 89 -11.06 8.38 -18.57
N VAL A 90 -9.81 8.55 -18.16
CA VAL A 90 -8.66 8.49 -19.06
C VAL A 90 -7.59 7.62 -18.42
N ALA A 91 -7.04 6.71 -19.20
CA ALA A 91 -5.93 5.87 -18.76
C ALA A 91 -4.64 6.43 -19.33
N ARG A 92 -3.69 6.74 -18.45
CA ARG A 92 -2.42 7.33 -18.85
C ARG A 92 -1.31 6.28 -18.75
N LEU A 93 -0.47 6.24 -19.78
CA LEU A 93 0.68 5.34 -19.82
C LEU A 93 1.94 6.19 -19.92
N ASN A 94 2.80 6.07 -18.91
CA ASN A 94 4.03 6.85 -18.85
C ASN A 94 5.13 6.07 -19.56
N PHE A 95 5.50 6.52 -20.76
CA PHE A 95 6.51 5.84 -21.56
C PHE A 95 7.93 6.25 -21.19
N SER A 96 8.13 6.81 -19.99
CA SER A 96 9.47 6.97 -19.46
C SER A 96 10.04 5.66 -18.92
N HIS A 97 9.21 4.63 -18.80
CA HIS A 97 9.63 3.32 -18.36
C HIS A 97 8.82 2.26 -19.09
N GLY A 98 9.28 1.03 -19.03
CA GLY A 98 8.56 -0.09 -19.63
C GLY A 98 8.85 -0.28 -21.10
N THR A 99 8.71 -1.52 -21.57
CA THR A 99 8.91 -1.84 -22.98
C THR A 99 7.58 -1.78 -23.73
N HIS A 100 7.67 -1.84 -25.07
CA HIS A 100 6.47 -1.77 -25.89
C HIS A 100 5.54 -2.94 -25.60
N GLU A 101 6.10 -4.13 -25.37
CA GLU A 101 5.27 -5.29 -25.05
C GLU A 101 4.57 -5.12 -23.71
N TYR A 102 5.14 -4.34 -22.79
CA TYR A 102 4.48 -4.07 -21.52
C TYR A 102 3.28 -3.16 -21.72
N HIS A 103 3.45 -2.09 -22.50
CA HIS A 103 2.37 -1.13 -22.70
C HIS A 103 1.30 -1.66 -23.63
N ALA A 104 1.66 -2.49 -24.61
CA ALA A 104 0.66 -3.12 -25.46
C ALA A 104 -0.23 -4.08 -24.65
N GLU A 105 0.33 -4.70 -23.61
CA GLU A 105 -0.46 -5.60 -22.79
C GLU A 105 -1.47 -4.85 -21.93
N THR A 106 -1.04 -3.77 -21.28
CA THR A 106 -1.96 -3.01 -20.44
C THR A 106 -3.00 -2.26 -21.27
N ILE A 107 -2.66 -1.89 -22.51
CA ILE A 107 -3.66 -1.33 -23.41
C ILE A 107 -4.74 -2.36 -23.71
N LYS A 108 -4.32 -3.57 -24.09
CA LYS A 108 -5.28 -4.65 -24.32
C LYS A 108 -6.07 -4.96 -23.06
N ASN A 109 -5.42 -4.87 -21.90
CA ASN A 109 -6.12 -5.08 -20.64
C ASN A 109 -7.11 -3.95 -20.37
N VAL A 110 -6.72 -2.71 -20.69
CA VAL A 110 -7.60 -1.57 -20.48
C VAL A 110 -8.87 -1.74 -21.31
N ARG A 111 -8.72 -1.95 -22.61
CA ARG A 111 -9.87 -2.12 -23.50
C ARG A 111 -10.71 -3.32 -23.10
N THR A 112 -10.09 -4.37 -22.57
CA THR A 112 -10.87 -5.55 -22.15
C THR A 112 -11.80 -5.20 -20.99
N ALA A 113 -11.29 -4.47 -20.00
CA ALA A 113 -12.11 -4.09 -18.85
C ALA A 113 -13.13 -3.02 -19.18
N THR A 114 -12.98 -2.33 -20.32
CA THR A 114 -13.98 -1.34 -20.70
C THR A 114 -15.17 -1.99 -21.40
N GLU A 115 -14.91 -2.86 -22.38
CA GLU A 115 -15.98 -3.63 -22.99
C GLU A 115 -16.62 -4.60 -22.03
N SER A 116 -16.14 -4.67 -20.78
CA SER A 116 -16.84 -5.42 -19.74
C SER A 116 -18.26 -4.91 -19.50
N PHE A 117 -18.58 -3.70 -19.96
CA PHE A 117 -19.90 -3.12 -19.77
C PHE A 117 -20.55 -2.70 -21.08
N ALA A 118 -19.99 -3.11 -22.22
CA ALA A 118 -20.48 -2.64 -23.52
C ALA A 118 -21.82 -3.25 -23.92
N SER A 119 -22.43 -4.08 -23.08
CA SER A 119 -23.70 -4.72 -23.42
C SER A 119 -24.83 -3.71 -23.51
N ASP A 120 -25.23 -3.13 -22.38
CA ASP A 120 -26.24 -2.08 -22.35
C ASP A 120 -25.61 -0.76 -22.78
N PRO A 121 -26.01 -0.21 -23.93
CA PRO A 121 -25.43 1.07 -24.38
C PRO A 121 -25.94 2.27 -23.61
N ILE A 122 -26.89 2.09 -22.69
CA ILE A 122 -27.40 3.22 -21.90
C ILE A 122 -26.46 3.51 -20.74
N LEU A 123 -25.90 2.49 -20.12
CA LEU A 123 -25.03 2.65 -18.97
C LEU A 123 -23.54 2.55 -19.32
N TYR A 124 -23.21 2.38 -20.59
CA TYR A 124 -21.82 2.20 -21.00
C TYR A 124 -21.08 3.54 -21.00
N ARG A 125 -19.96 3.60 -20.29
CA ARG A 125 -19.16 4.80 -20.16
C ARG A 125 -17.84 4.62 -20.89
N PRO A 126 -17.53 5.42 -21.90
CA PRO A 126 -16.25 5.28 -22.59
C PRO A 126 -15.09 5.84 -21.78
N VAL A 127 -13.91 5.25 -21.99
CA VAL A 127 -12.68 5.77 -21.43
C VAL A 127 -11.63 5.84 -22.54
N ALA A 128 -10.63 6.70 -22.33
CA ALA A 128 -9.62 7.00 -23.33
C ALA A 128 -8.25 6.54 -22.86
N VAL A 129 -7.33 6.41 -23.81
CA VAL A 129 -5.96 6.00 -23.57
C VAL A 129 -5.03 7.13 -24.04
N ALA A 130 -4.13 7.55 -23.16
CA ALA A 130 -3.22 8.64 -23.44
C ALA A 130 -1.78 8.16 -23.35
N LEU A 131 -0.93 8.68 -24.24
CA LEU A 131 0.49 8.36 -24.26
C LEU A 131 1.28 9.54 -23.72
N ASP A 132 2.20 9.25 -22.81
CA ASP A 132 3.07 10.26 -22.19
C ASP A 132 4.49 10.10 -22.74
N THR A 133 5.06 11.22 -23.19
CA THR A 133 6.39 11.21 -23.77
C THR A 133 7.46 11.26 -22.69
N LYS A 134 8.57 10.57 -22.93
CA LYS A 134 9.74 10.72 -22.07
C LYS A 134 10.38 12.10 -22.25
N GLY A 135 10.64 12.48 -23.49
CA GLY A 135 11.15 13.80 -23.80
C GLY A 135 12.64 13.93 -23.58
N PRO A 136 13.14 15.16 -23.58
CA PRO A 136 14.57 15.38 -23.35
C PRO A 136 14.97 15.14 -21.90
N GLU A 137 14.76 13.92 -21.41
CA GLU A 137 15.09 13.60 -20.03
C GLU A 137 16.58 13.30 -19.90
N ILE A 138 17.13 13.63 -18.73
CA ILE A 138 18.51 13.34 -18.39
C ILE A 138 18.52 12.50 -17.12
N ARG A 139 19.14 11.33 -17.19
CA ARG A 139 19.16 10.38 -16.10
C ARG A 139 20.60 10.05 -15.71
N THR A 140 20.73 9.33 -14.60
CA THR A 140 22.02 8.86 -14.11
C THR A 140 22.23 7.40 -14.51
N GLY A 141 23.41 6.89 -14.20
CA GLY A 141 23.82 5.55 -14.60
C GLY A 141 23.37 4.46 -13.65
N LEU A 142 24.15 3.39 -13.59
CA LEU A 142 23.85 2.22 -12.77
C LEU A 142 24.71 2.26 -11.51
N ILE A 143 24.06 2.29 -10.35
CA ILE A 143 24.76 2.30 -9.07
C ILE A 143 25.36 0.93 -8.80
N LYS A 144 26.68 0.82 -9.00
CA LYS A 144 27.42 -0.44 -8.81
C LYS A 144 26.84 -1.57 -9.66
N GLY A 145 26.33 -1.23 -10.84
CA GLY A 145 25.79 -2.25 -11.74
C GLY A 145 24.56 -2.96 -11.24
N SER A 146 23.78 -2.31 -10.36
CA SER A 146 22.57 -2.91 -9.80
C SER A 146 21.41 -1.95 -9.97
N GLY A 147 20.27 -2.48 -10.41
CA GLY A 147 19.07 -1.69 -10.54
C GLY A 147 18.33 -1.40 -9.25
N THR A 148 18.81 -1.95 -8.13
CA THR A 148 18.19 -1.73 -6.83
C THR A 148 19.16 -1.19 -5.80
N ALA A 149 20.39 -0.86 -6.21
CA ALA A 149 21.38 -0.35 -5.27
C ALA A 149 21.06 1.10 -4.89
N GLU A 150 21.64 1.53 -3.78
CA GLU A 150 21.40 2.88 -3.27
C GLU A 150 22.60 3.32 -2.45
N VAL A 151 23.40 4.24 -3.01
CA VAL A 151 24.51 4.82 -2.28
C VAL A 151 23.97 5.82 -1.27
N GLU A 152 24.84 6.43 -0.48
CA GLU A 152 24.44 7.37 0.57
C GLU A 152 25.33 8.60 0.50
N LEU A 153 24.80 9.68 -0.06
CA LEU A 153 25.52 10.95 -0.04
C LEU A 153 25.51 11.53 1.36
N LYS A 154 26.67 12.00 1.82
CA LYS A 154 26.79 12.62 3.12
C LYS A 154 26.58 14.13 3.00
N LYS A 155 25.95 14.72 4.00
CA LYS A 155 25.69 16.15 4.01
C LYS A 155 27.03 16.86 3.97
N GLY A 156 27.39 17.41 2.82
CA GLY A 156 28.62 18.15 2.67
C GLY A 156 29.80 17.38 2.11
N ALA A 157 29.55 16.28 1.38
CA ALA A 157 30.62 15.48 0.82
C ALA A 157 30.97 15.98 -0.59
N THR A 158 31.96 15.34 -1.20
CA THR A 158 32.39 15.68 -2.55
C THR A 158 31.86 14.67 -3.55
N LEU A 159 31.57 15.14 -4.76
CA LEU A 159 31.04 14.29 -5.82
C LEU A 159 31.66 14.69 -7.14
N LYS A 160 32.13 13.69 -7.89
CA LYS A 160 32.67 13.89 -9.23
C LYS A 160 31.64 13.45 -10.26
N ILE A 161 31.52 14.21 -11.34
CA ILE A 161 30.56 13.94 -12.41
C ILE A 161 31.37 13.74 -13.68
N THR A 162 31.81 12.51 -13.92
CA THR A 162 32.62 12.18 -15.09
C THR A 162 31.73 11.91 -16.29
N LEU A 163 31.94 12.67 -17.37
CA LEU A 163 31.22 12.46 -18.61
C LEU A 163 31.66 11.22 -19.40
N ASP A 164 32.54 10.40 -18.83
CA ASP A 164 33.12 9.26 -19.53
C ASP A 164 32.04 8.19 -19.45
N ASN A 165 32.37 6.96 -19.87
CA ASN A 165 31.41 5.92 -20.21
C ASN A 165 31.68 4.75 -19.27
N ALA A 166 32.94 4.56 -18.89
CA ALA A 166 33.38 3.35 -18.20
C ALA A 166 32.71 3.16 -16.85
N TYR A 167 32.15 4.22 -16.27
CA TYR A 167 31.52 4.15 -14.95
C TYR A 167 30.00 4.16 -15.02
N MET A 168 29.43 4.04 -16.22
CA MET A 168 27.97 4.06 -16.35
C MET A 168 27.32 2.88 -15.63
N GLU A 169 28.05 1.79 -15.43
CA GLU A 169 27.59 0.66 -14.64
C GLU A 169 28.38 0.50 -13.35
N LYS A 170 29.21 1.49 -13.00
CA LYS A 170 30.00 1.48 -11.78
C LYS A 170 29.87 2.85 -11.11
N CYS A 171 28.68 3.14 -10.61
CA CYS A 171 28.40 4.40 -9.93
C CYS A 171 28.49 4.18 -8.41
N ASP A 172 29.46 4.85 -7.79
CA ASP A 172 29.68 4.77 -6.36
C ASP A 172 29.51 6.16 -5.74
N GLU A 173 29.74 6.23 -4.43
CA GLU A 173 29.60 7.50 -3.70
C GLU A 173 30.84 8.36 -3.87
N ASN A 174 31.28 8.55 -5.12
CA ASN A 174 32.45 9.38 -5.41
C ASN A 174 32.44 9.83 -6.86
N ILE A 175 31.81 9.04 -7.74
CA ILE A 175 31.75 9.36 -9.16
C ILE A 175 30.32 9.12 -9.65
N LEU A 176 29.79 10.08 -10.41
CA LEU A 176 28.45 10.01 -10.96
C LEU A 176 28.52 10.14 -12.48
N TRP A 177 27.68 9.37 -13.18
CA TRP A 177 27.63 9.37 -14.63
C TRP A 177 26.26 9.81 -15.10
N LEU A 178 26.23 10.81 -15.98
CA LEU A 178 25.00 11.31 -16.58
C LEU A 178 25.10 11.19 -18.10
N ASP A 179 23.95 11.04 -18.74
CA ASP A 179 23.88 10.81 -20.18
C ASP A 179 23.85 12.09 -21.01
N TYR A 180 23.98 13.25 -20.37
CA TYR A 180 24.02 14.52 -21.09
C TYR A 180 25.45 14.77 -21.54
N LYS A 181 25.67 14.74 -22.86
CA LYS A 181 27.01 14.95 -23.39
C LYS A 181 27.46 16.40 -23.19
N ASN A 182 26.58 17.36 -23.50
CA ASN A 182 26.91 18.78 -23.37
C ASN A 182 26.59 19.34 -21.99
N ILE A 183 26.87 18.59 -20.93
CA ILE A 183 26.69 19.11 -19.58
C ILE A 183 27.69 20.24 -19.31
N CYS A 184 28.84 20.20 -19.97
CA CYS A 184 29.84 21.25 -19.81
C CYS A 184 29.53 22.48 -20.66
N LYS A 185 28.65 22.36 -21.65
CA LYS A 185 28.30 23.45 -22.54
C LYS A 185 26.96 24.09 -22.16
N VAL A 186 26.69 24.22 -20.85
CA VAL A 186 25.47 24.84 -20.37
C VAL A 186 25.67 25.24 -18.92
N VAL A 187 26.63 24.62 -18.25
CA VAL A 187 26.91 24.88 -16.85
C VAL A 187 28.25 25.58 -16.73
N GLU A 188 28.47 26.19 -15.57
CA GLU A 188 29.72 26.89 -15.27
C GLU A 188 30.01 26.73 -13.78
N VAL A 189 31.17 27.24 -13.36
CA VAL A 189 31.55 27.16 -11.95
C VAL A 189 30.60 28.04 -11.15
N GLY A 190 29.90 27.42 -10.20
CA GLY A 190 28.91 28.10 -9.41
C GLY A 190 27.48 27.83 -9.81
N SER A 191 27.18 26.66 -10.35
CA SER A 191 25.83 26.30 -10.78
C SER A 191 25.23 25.28 -9.83
N LYS A 192 23.90 25.20 -9.85
CA LYS A 192 23.16 24.25 -9.04
C LYS A 192 22.71 23.07 -9.90
N ILE A 193 22.74 21.88 -9.31
CA ILE A 193 22.35 20.65 -9.99
C ILE A 193 21.49 19.83 -9.04
N TYR A 194 20.32 19.39 -9.53
CA TYR A 194 19.36 18.66 -8.72
C TYR A 194 19.16 17.26 -9.30
N VAL A 195 19.10 16.27 -8.42
CA VAL A 195 18.98 14.87 -8.81
C VAL A 195 17.81 14.23 -8.06
N ASP A 196 17.02 13.43 -8.77
CA ASP A 196 15.87 12.71 -8.23
C ASP A 196 14.76 13.53 -7.58
N ASP A 197 14.03 14.30 -8.39
CA ASP A 197 12.94 15.16 -7.92
C ASP A 197 13.53 16.36 -7.18
N GLY A 198 14.79 16.68 -7.44
CA GLY A 198 15.41 17.83 -6.81
C GLY A 198 15.62 17.73 -5.31
N LEU A 199 15.68 16.51 -4.77
CA LEU A 199 15.83 16.35 -3.33
C LEU A 199 17.29 16.54 -2.89
N ILE A 200 18.23 16.06 -3.70
CA ILE A 200 19.65 16.28 -3.44
C ILE A 200 20.17 17.33 -4.41
N SER A 201 21.11 18.15 -3.94
CA SER A 201 21.57 19.30 -4.68
C SER A 201 23.09 19.35 -4.66
N LEU A 202 23.68 19.78 -5.78
CA LEU A 202 25.13 19.86 -5.93
C LEU A 202 25.50 21.22 -6.50
N GLN A 203 26.66 21.71 -6.08
CA GLN A 203 27.22 22.97 -6.56
C GLN A 203 28.56 22.71 -7.22
N VAL A 204 28.79 23.32 -8.38
CA VAL A 204 29.99 23.10 -9.17
C VAL A 204 31.10 24.02 -8.66
N LYS A 205 32.17 23.40 -8.15
CA LYS A 205 33.34 24.17 -7.70
C LYS A 205 34.40 24.18 -8.80
N GLN A 206 34.95 23.01 -9.10
CA GLN A 206 35.92 22.85 -10.19
C GLN A 206 35.22 22.23 -11.39
N LYS A 207 35.29 22.89 -12.54
CA LYS A 207 34.60 22.46 -13.75
C LYS A 207 35.60 22.40 -14.90
N GLY A 208 35.91 21.19 -15.33
CA GLY A 208 36.78 20.96 -16.47
C GLY A 208 35.99 20.74 -17.75
N ALA A 209 36.51 19.93 -18.65
CA ALA A 209 35.77 19.65 -19.87
C ALA A 209 35.52 18.17 -20.00
N ASP A 210 35.93 17.42 -19.01
CA ASP A 210 35.73 16.00 -19.04
C ASP A 210 34.76 15.67 -17.94
N PHE A 211 34.87 16.40 -16.86
CA PHE A 211 34.00 16.19 -15.74
C PHE A 211 33.69 17.50 -15.09
N LEU A 212 33.34 17.44 -13.83
CA LEU A 212 33.04 18.64 -13.06
C LEU A 212 32.94 18.26 -11.60
N VAL A 213 33.81 18.81 -10.76
CA VAL A 213 33.79 18.50 -9.33
C VAL A 213 32.60 19.21 -8.69
N THR A 214 31.86 18.48 -7.85
CA THR A 214 30.67 19.00 -7.20
C THR A 214 30.72 18.69 -5.71
N GLU A 215 30.02 19.52 -4.94
CA GLU A 215 29.91 19.36 -3.49
C GLU A 215 28.45 19.21 -3.11
N VAL A 216 28.16 18.27 -2.21
CA VAL A 216 26.79 17.99 -1.80
C VAL A 216 26.31 19.14 -0.91
N GLU A 217 25.34 19.91 -1.41
CA GLU A 217 24.76 21.00 -0.62
C GLU A 217 23.69 20.51 0.34
N ASN A 218 22.96 19.44 -0.04
CA ASN A 218 21.97 18.84 0.85
C ASN A 218 21.71 17.43 0.31
N GLY A 219 22.46 16.46 0.81
CA GLY A 219 22.42 15.10 0.32
C GLY A 219 21.67 14.14 1.25
N GLY A 220 21.63 12.88 0.81
CA GLY A 220 20.98 11.83 1.54
C GLY A 220 21.18 10.49 0.86
N SER A 221 20.08 9.82 0.54
CA SER A 221 20.15 8.56 -0.20
C SER A 221 20.18 8.83 -1.70
N LEU A 222 21.06 8.11 -2.39
CA LEU A 222 21.15 8.17 -3.84
C LEU A 222 20.60 6.88 -4.44
N GLY A 223 20.39 6.91 -5.75
CA GLY A 223 19.83 5.76 -6.43
C GLY A 223 20.32 5.59 -7.86
N SER A 224 19.75 4.63 -8.57
CA SER A 224 20.13 4.30 -9.94
C SER A 224 19.07 4.83 -10.90
N LYS A 225 19.52 5.50 -11.96
CA LYS A 225 18.64 6.04 -13.00
C LYS A 225 17.62 7.00 -12.40
N LYS A 226 18.14 8.13 -11.91
CA LYS A 226 17.33 9.21 -11.38
C LYS A 226 17.50 10.45 -12.24
N GLY A 227 16.44 11.25 -12.31
CA GLY A 227 16.44 12.41 -13.20
C GLY A 227 17.23 13.57 -12.61
N VAL A 228 17.93 14.28 -13.49
CA VAL A 228 18.74 15.44 -13.10
C VAL A 228 18.19 16.68 -13.79
N ASN A 229 18.13 17.78 -13.06
CA ASN A 229 17.62 19.05 -13.56
C ASN A 229 18.73 20.09 -13.52
N LEU A 230 18.77 20.93 -14.56
CA LEU A 230 19.76 22.01 -14.67
C LEU A 230 19.01 23.33 -14.84
N PRO A 231 18.44 23.87 -13.77
CA PRO A 231 17.73 25.16 -13.88
C PRO A 231 18.69 26.29 -14.16
N GLY A 232 18.34 27.11 -15.16
CA GLY A 232 19.18 28.23 -15.53
C GLY A 232 20.15 27.98 -16.65
N ALA A 233 19.95 26.90 -17.43
CA ALA A 233 20.82 26.57 -18.54
C ALA A 233 19.97 26.26 -19.76
N ALA A 234 20.55 26.48 -20.94
CA ALA A 234 19.86 26.24 -22.21
C ALA A 234 20.26 24.86 -22.73
N VAL A 235 19.56 23.84 -22.23
CA VAL A 235 19.78 22.48 -22.69
C VAL A 235 19.30 22.37 -24.13
N ASP A 236 20.19 21.92 -25.02
CA ASP A 236 19.91 21.86 -26.45
C ASP A 236 19.47 20.47 -26.90
N LEU A 237 18.84 19.70 -26.01
CA LEU A 237 18.33 18.40 -26.39
C LEU A 237 17.19 18.54 -27.39
N PRO A 238 17.00 17.55 -28.27
CA PRO A 238 16.08 17.75 -29.41
C PRO A 238 14.63 17.93 -29.02
N ALA A 239 14.20 17.45 -27.85
CA ALA A 239 12.83 17.45 -27.43
C ALA A 239 11.87 16.73 -28.39
N VAL A 240 12.46 16.13 -29.46
CA VAL A 240 11.81 15.13 -30.30
C VAL A 240 12.86 14.20 -30.79
N SER A 241 13.37 13.34 -29.91
CA SER A 241 14.52 12.49 -30.20
C SER A 241 14.09 11.25 -30.96
N GLU A 242 15.04 10.32 -31.17
CA GLU A 242 14.75 9.11 -31.94
C GLU A 242 13.90 8.12 -31.16
N LYS A 243 14.01 8.12 -29.83
CA LYS A 243 13.16 7.25 -29.02
C LYS A 243 11.71 7.73 -29.04
N ASP A 244 11.49 9.05 -29.18
CA ASP A 244 10.13 9.56 -29.24
C ASP A 244 9.45 9.17 -30.55
N ILE A 245 10.22 8.98 -31.63
CA ILE A 245 9.64 8.55 -32.89
C ILE A 245 9.09 7.13 -32.76
N GLN A 246 9.76 6.29 -31.98
CA GLN A 246 9.33 4.90 -31.83
C GLN A 246 8.00 4.80 -31.11
N ASP A 247 7.88 5.48 -29.97
CA ASP A 247 6.66 5.37 -29.17
C ASP A 247 5.50 6.13 -29.80
N LEU A 248 5.79 7.20 -30.55
CA LEU A 248 4.72 7.89 -31.26
C LEU A 248 4.17 7.03 -32.39
N LYS A 249 5.05 6.38 -33.16
CA LYS A 249 4.60 5.45 -34.18
C LYS A 249 3.92 4.23 -33.55
N PHE A 250 4.43 3.76 -32.41
CA PHE A 250 3.77 2.68 -31.70
C PHE A 250 2.39 3.11 -31.22
N GLY A 251 2.25 4.36 -30.78
CA GLY A 251 0.96 4.81 -30.28
C GLY A 251 -0.09 4.95 -31.38
N VAL A 252 0.34 5.34 -32.58
CA VAL A 252 -0.58 5.41 -33.71
C VAL A 252 -1.11 4.02 -34.06
N GLU A 253 -0.25 3.00 -33.95
CA GLU A 253 -0.67 1.64 -34.30
C GLU A 253 -1.65 1.08 -33.28
N GLN A 254 -1.56 1.52 -32.02
CA GLN A 254 -2.50 1.11 -30.99
C GLN A 254 -3.75 1.98 -30.93
N ASP A 255 -3.83 3.01 -31.77
CA ASP A 255 -5.00 3.89 -31.89
C ASP A 255 -5.28 4.61 -30.57
N VAL A 256 -4.27 5.34 -30.08
CA VAL A 256 -4.43 6.17 -28.90
C VAL A 256 -5.16 7.45 -29.27
N ASP A 257 -5.72 8.12 -28.26
CA ASP A 257 -6.57 9.28 -28.47
C ASP A 257 -5.83 10.61 -28.33
N MET A 258 -4.80 10.67 -27.50
CA MET A 258 -4.11 11.92 -27.24
C MET A 258 -2.65 11.63 -26.92
N VAL A 259 -1.84 12.69 -26.93
CA VAL A 259 -0.43 12.60 -26.64
C VAL A 259 -0.05 13.75 -25.71
N PHE A 260 0.72 13.43 -24.67
CA PHE A 260 1.24 14.42 -23.73
C PHE A 260 2.71 14.60 -24.03
N ALA A 261 3.03 15.59 -24.87
CA ALA A 261 4.41 15.86 -25.23
C ALA A 261 5.09 16.62 -24.10
N SER A 262 6.14 16.04 -23.52
CA SER A 262 6.83 16.62 -22.39
C SER A 262 7.90 17.60 -22.85
N PHE A 263 8.10 18.64 -22.04
CA PHE A 263 9.16 19.65 -22.25
C PHE A 263 8.98 20.38 -23.58
N ILE A 264 7.79 20.94 -23.77
CA ILE A 264 7.54 21.81 -24.92
C ILE A 264 8.05 23.21 -24.58
N ARG A 265 9.00 23.69 -25.38
CA ARG A 265 9.63 24.98 -25.13
C ARG A 265 9.22 26.06 -26.11
N LYS A 266 8.64 25.70 -27.25
CA LYS A 266 8.24 26.68 -28.25
C LYS A 266 7.21 26.05 -29.18
N ALA A 267 6.66 26.86 -30.08
CA ALA A 267 5.71 26.36 -31.05
C ALA A 267 6.37 25.46 -32.09
N SER A 268 7.68 25.62 -32.32
CA SER A 268 8.37 24.75 -33.26
C SER A 268 8.28 23.29 -32.85
N ASP A 269 8.26 23.01 -31.56
CA ASP A 269 8.25 21.63 -31.07
C ASP A 269 6.89 20.98 -31.26
N VAL A 270 5.81 21.70 -30.92
CA VAL A 270 4.47 21.16 -31.14
C VAL A 270 4.25 20.90 -32.64
N HIS A 271 4.81 21.76 -33.49
CA HIS A 271 4.73 21.52 -34.93
C HIS A 271 5.51 20.27 -35.32
N GLU A 272 6.62 19.99 -34.63
CA GLU A 272 7.37 18.76 -34.91
C GLU A 272 6.56 17.53 -34.52
N VAL A 273 5.78 17.62 -33.44
CA VAL A 273 4.93 16.51 -33.03
C VAL A 273 3.83 16.27 -34.06
N ARG A 274 3.23 17.35 -34.56
CA ARG A 274 2.14 17.21 -35.52
C ARG A 274 2.60 16.57 -36.83
N LYS A 275 3.84 16.84 -37.24
CA LYS A 275 4.35 16.26 -38.49
C LYS A 275 4.67 14.78 -38.31
N VAL A 276 5.22 14.40 -37.15
CA VAL A 276 5.59 13.01 -36.92
C VAL A 276 4.36 12.11 -36.92
N LEU A 277 3.22 12.62 -36.44
CA LEU A 277 2.01 11.81 -36.40
C LEU A 277 1.41 11.63 -37.80
N GLY A 278 1.58 12.61 -38.68
CA GLY A 278 1.20 12.53 -40.07
C GLY A 278 -0.29 12.29 -40.31
N GLU A 279 -0.57 11.70 -41.47
CA GLU A 279 -1.95 11.46 -41.89
C GLU A 279 -2.63 10.38 -41.05
N LYS A 280 -1.87 9.38 -40.60
CA LYS A 280 -2.47 8.32 -39.79
C LYS A 280 -2.87 8.84 -38.41
N GLY A 281 -2.12 9.79 -37.86
CA GLY A 281 -2.42 10.32 -36.55
C GLY A 281 -2.92 11.76 -36.58
N LYS A 282 -3.64 12.11 -37.65
CA LYS A 282 -4.13 13.48 -37.79
C LYS A 282 -5.26 13.81 -36.84
N ASN A 283 -5.97 12.81 -36.32
CA ASN A 283 -7.14 13.03 -35.49
C ASN A 283 -6.88 12.80 -34.01
N ILE A 284 -5.63 12.70 -33.59
CA ILE A 284 -5.29 12.56 -32.18
C ILE A 284 -4.83 13.91 -31.64
N LYS A 285 -5.17 14.17 -30.38
CA LYS A 285 -4.98 15.48 -29.76
C LYS A 285 -3.57 15.60 -29.18
N ILE A 286 -2.98 16.78 -29.35
CA ILE A 286 -1.64 17.08 -28.84
C ILE A 286 -1.79 17.99 -27.64
N ILE A 287 -1.35 17.53 -26.47
CA ILE A 287 -1.40 18.31 -25.24
C ILE A 287 0.05 18.63 -24.85
N SER A 288 0.36 19.92 -24.75
CA SER A 288 1.70 20.38 -24.47
C SER A 288 1.93 20.46 -22.97
N LYS A 289 3.01 19.83 -22.50
CA LYS A 289 3.37 19.84 -21.09
C LYS A 289 4.33 21.00 -20.85
N ILE A 290 3.91 21.95 -20.02
CA ILE A 290 4.75 23.07 -19.63
C ILE A 290 5.56 22.66 -18.41
N GLU A 291 6.89 22.62 -18.55
CA GLU A 291 7.74 22.14 -17.47
C GLU A 291 8.97 22.99 -17.18
N ASN A 292 9.30 23.98 -18.01
CA ASN A 292 10.51 24.77 -17.84
C ASN A 292 10.17 26.25 -17.97
N HIS A 293 11.19 27.09 -17.77
CA HIS A 293 11.00 28.53 -17.84
C HIS A 293 10.74 29.00 -19.26
N GLU A 294 11.35 28.33 -20.25
CA GLU A 294 11.16 28.74 -21.64
C GLU A 294 9.71 28.56 -22.09
N GLY A 295 9.08 27.45 -21.71
CA GLY A 295 7.71 27.22 -22.08
C GLY A 295 6.74 28.18 -21.43
N VAL A 296 7.05 28.64 -20.22
CA VAL A 296 6.19 29.61 -19.56
C VAL A 296 6.28 30.96 -20.26
N ARG A 297 7.49 31.37 -20.64
CA ARG A 297 7.66 32.66 -21.31
C ARG A 297 7.03 32.69 -22.70
N ARG A 298 6.82 31.53 -23.33
CA ARG A 298 6.22 31.45 -24.65
C ARG A 298 4.91 30.66 -24.61
N PHE A 299 4.09 30.91 -23.58
CA PHE A 299 2.85 30.16 -23.43
C PHE A 299 1.85 30.49 -24.53
N ASP A 300 1.73 31.78 -24.87
CA ASP A 300 0.83 32.17 -25.96
C ASP A 300 1.28 31.56 -27.28
N GLU A 301 2.58 31.44 -27.49
CA GLU A 301 3.11 30.78 -28.68
C GLU A 301 2.67 29.32 -28.74
N ILE A 302 2.75 28.62 -27.61
CA ILE A 302 2.48 27.19 -27.58
C ILE A 302 0.98 26.91 -27.64
N LEU A 303 0.17 27.73 -26.96
CA LEU A 303 -1.26 27.46 -26.88
C LEU A 303 -1.94 27.53 -28.24
N GLU A 304 -1.57 28.53 -29.05
CA GLU A 304 -2.21 28.70 -30.35
C GLU A 304 -1.98 27.51 -31.28
N ALA A 305 -0.90 26.76 -31.07
CA ALA A 305 -0.58 25.62 -31.92
C ALA A 305 -0.97 24.28 -31.29
N SER A 306 -1.42 24.27 -30.05
CA SER A 306 -1.72 23.04 -29.34
C SER A 306 -3.24 22.84 -29.23
N ASP A 307 -3.63 21.59 -28.97
CA ASP A 307 -5.01 21.26 -28.68
C ASP A 307 -5.33 21.39 -27.20
N GLY A 308 -4.34 21.27 -26.34
CA GLY A 308 -4.54 21.36 -24.89
C GLY A 308 -3.22 21.59 -24.19
N ILE A 309 -3.33 21.85 -22.88
CA ILE A 309 -2.18 22.18 -22.04
C ILE A 309 -2.24 21.32 -20.79
N MET A 310 -1.07 20.93 -20.29
CA MET A 310 -0.96 20.22 -19.03
C MET A 310 0.00 20.97 -18.12
N VAL A 311 -0.49 21.39 -16.95
CA VAL A 311 0.36 22.01 -15.94
C VAL A 311 1.11 20.91 -15.20
N ALA A 312 2.27 20.52 -15.73
CA ALA A 312 3.10 19.47 -15.15
C ALA A 312 3.92 20.08 -14.02
N ARG A 313 3.33 20.14 -12.82
CA ARG A 313 3.95 20.84 -11.70
C ARG A 313 5.13 20.09 -11.10
N GLY A 314 5.39 18.85 -11.52
CA GLY A 314 6.53 18.12 -11.00
C GLY A 314 7.85 18.72 -11.42
N ASP A 315 8.14 18.66 -12.72
CA ASP A 315 9.39 19.23 -13.22
C ASP A 315 9.38 20.76 -13.17
N LEU A 316 8.21 21.36 -13.32
CA LEU A 316 8.11 22.83 -13.30
C LEU A 316 8.54 23.41 -11.96
N GLY A 317 8.26 22.70 -10.86
CA GLY A 317 8.67 23.11 -9.53
C GLY A 317 10.15 23.03 -9.23
N ILE A 318 10.95 22.51 -10.15
CA ILE A 318 12.40 22.45 -9.98
C ILE A 318 13.11 23.48 -10.84
N GLU A 319 12.64 23.70 -12.07
CA GLU A 319 13.29 24.66 -12.95
C GLU A 319 13.01 26.10 -12.52
N ILE A 320 11.91 26.34 -11.83
CA ILE A 320 11.58 27.67 -11.32
C ILE A 320 11.43 27.54 -9.81
N PRO A 321 11.46 28.67 -9.08
CA PRO A 321 11.24 28.60 -7.64
C PRO A 321 9.91 27.93 -7.28
N ALA A 322 9.94 27.15 -6.21
CA ALA A 322 8.76 26.39 -5.81
C ALA A 322 7.63 27.31 -5.34
N GLU A 323 7.97 28.49 -4.81
CA GLU A 323 6.97 29.41 -4.32
C GLU A 323 6.25 30.16 -5.44
N LYS A 324 6.68 29.99 -6.69
CA LYS A 324 6.05 30.65 -7.82
C LYS A 324 5.16 29.72 -8.64
N VAL A 325 5.07 28.45 -8.27
CA VAL A 325 4.33 27.48 -9.08
C VAL A 325 2.86 27.84 -9.15
N PHE A 326 2.28 28.30 -8.04
CA PHE A 326 0.85 28.60 -8.01
C PHE A 326 0.51 29.75 -8.94
N LEU A 327 1.42 30.71 -9.11
CA LEU A 327 1.15 31.81 -10.03
C LEU A 327 1.11 31.33 -11.48
N ALA A 328 2.02 30.40 -11.84
CA ALA A 328 2.02 29.87 -13.20
C ALA A 328 0.81 28.97 -13.47
N GLN A 329 0.30 28.30 -12.43
CA GLN A 329 -0.82 27.39 -12.62
C GLN A 329 -2.10 28.15 -12.96
N LYS A 330 -2.49 29.09 -12.09
CA LYS A 330 -3.71 29.85 -12.35
C LYS A 330 -3.59 30.69 -13.61
N MET A 331 -2.37 31.10 -13.97
CA MET A 331 -2.18 31.86 -15.20
C MET A 331 -2.53 31.03 -16.43
N MET A 332 -2.14 29.76 -16.44
CA MET A 332 -2.39 28.92 -17.60
C MET A 332 -3.82 28.41 -17.64
N ILE A 333 -4.43 28.17 -16.49
CA ILE A 333 -5.83 27.77 -16.47
C ILE A 333 -6.72 28.91 -16.93
N GLY A 334 -6.40 30.14 -16.52
CA GLY A 334 -7.24 31.28 -16.90
C GLY A 334 -7.11 31.64 -18.37
N ARG A 335 -5.92 31.50 -18.94
CA ARG A 335 -5.72 31.87 -20.33
C ARG A 335 -6.41 30.90 -21.27
N CYS A 336 -6.30 29.60 -21.01
CA CYS A 336 -6.96 28.61 -21.87
C CYS A 336 -8.46 28.58 -21.66
N ASN A 337 -8.95 28.94 -20.46
CA ASN A 337 -10.38 29.09 -20.27
C ASN A 337 -10.92 30.22 -21.14
N ARG A 338 -10.13 31.28 -21.31
CA ARG A 338 -10.55 32.40 -22.15
C ARG A 338 -10.52 32.05 -23.63
N ALA A 339 -9.76 31.02 -24.02
CA ALA A 339 -9.70 30.57 -25.40
C ALA A 339 -10.55 29.33 -25.66
N GLY A 340 -11.11 28.71 -24.63
CA GLY A 340 -11.89 27.50 -24.81
C GLY A 340 -11.08 26.26 -25.08
N LYS A 341 -9.89 26.14 -24.50
CA LYS A 341 -9.04 24.98 -24.70
C LYS A 341 -8.77 24.28 -23.36
N PRO A 342 -8.67 22.95 -23.37
CA PRO A 342 -8.56 22.21 -22.11
C PRO A 342 -7.19 22.30 -21.47
N VAL A 343 -7.19 22.29 -20.13
CA VAL A 343 -5.96 22.18 -19.35
C VAL A 343 -6.15 21.17 -18.23
N ILE A 344 -5.04 20.51 -17.87
CA ILE A 344 -5.02 19.49 -16.84
C ILE A 344 -4.14 19.97 -15.69
N CYS A 345 -4.54 19.62 -14.47
CA CYS A 345 -3.65 19.71 -13.32
C CYS A 345 -3.01 18.33 -13.11
N ALA A 346 -1.69 18.32 -12.87
CA ALA A 346 -0.94 17.08 -13.02
C ALA A 346 -0.39 16.13 -11.96
N THR A 347 0.77 16.48 -11.40
CA THR A 347 1.38 15.52 -10.48
C THR A 347 1.29 15.94 -9.02
N GLN A 348 1.28 14.95 -8.14
CA GLN A 348 1.34 15.10 -6.69
C GLN A 348 0.14 15.82 -6.11
N MET A 349 -1.05 15.22 -6.25
CA MET A 349 -2.26 15.79 -5.67
C MET A 349 -2.72 15.06 -4.42
N LEU A 350 -2.59 13.74 -4.38
CA LEU A 350 -2.83 12.92 -3.20
C LEU A 350 -1.64 12.00 -2.95
N GLU A 351 -0.45 12.60 -2.86
CA GLU A 351 0.79 11.80 -2.83
C GLU A 351 0.89 10.96 -1.57
N SER A 352 0.45 11.50 -0.44
CA SER A 352 0.51 10.73 0.81
C SER A 352 -0.36 9.48 0.75
N MET A 353 -1.32 9.42 -0.18
CA MET A 353 -2.14 8.22 -0.33
C MET A 353 -1.40 7.07 -0.98
N ILE A 354 -0.13 7.26 -1.36
CA ILE A 354 0.67 6.15 -1.87
C ILE A 354 0.87 5.10 -0.79
N LYS A 355 0.98 5.55 0.47
CA LYS A 355 1.21 4.64 1.60
C LYS A 355 0.16 4.80 2.70
N LYS A 356 -0.95 5.48 2.44
CA LYS A 356 -1.96 5.69 3.47
C LYS A 356 -3.36 5.75 2.84
N PRO A 357 -4.39 5.24 3.50
CA PRO A 357 -5.73 5.24 2.92
C PRO A 357 -6.45 6.57 2.99
N ARG A 358 -5.85 7.59 3.60
CA ARG A 358 -6.46 8.91 3.71
C ARG A 358 -5.41 9.97 3.40
N PRO A 359 -5.76 10.99 2.62
CA PRO A 359 -4.80 12.04 2.28
C PRO A 359 -4.67 13.04 3.43
N THR A 360 -3.78 14.01 3.24
CA THR A 360 -3.55 15.05 4.23
C THR A 360 -4.43 16.27 3.94
N ARG A 361 -4.46 17.20 4.90
CA ARG A 361 -5.32 18.37 4.79
C ARG A 361 -4.95 19.24 3.61
N ALA A 362 -3.64 19.43 3.38
CA ALA A 362 -3.20 20.21 2.22
C ALA A 362 -3.63 19.55 0.93
N GLU A 363 -3.57 18.22 0.86
CA GLU A 363 -3.94 17.51 -0.36
C GLU A 363 -5.45 17.55 -0.59
N GLY A 364 -6.25 17.52 0.47
CA GLY A 364 -7.68 17.65 0.32
C GLY A 364 -8.14 18.99 -0.20
N SER A 365 -7.29 20.02 -0.10
CA SER A 365 -7.62 21.35 -0.60
C SER A 365 -7.01 21.65 -1.95
N ASP A 366 -5.90 20.98 -2.31
CA ASP A 366 -5.27 21.24 -3.60
C ASP A 366 -6.19 20.84 -4.75
N VAL A 367 -6.89 19.71 -4.63
CA VAL A 367 -7.80 19.27 -5.67
C VAL A 367 -9.03 20.18 -5.73
N ALA A 368 -9.55 20.59 -4.58
CA ALA A 368 -10.71 21.48 -4.55
C ALA A 368 -10.37 22.83 -5.20
N ASN A 369 -9.19 23.36 -4.91
CA ASN A 369 -8.79 24.64 -5.46
C ASN A 369 -8.35 24.56 -6.93
N ALA A 370 -8.16 23.36 -7.47
CA ALA A 370 -7.86 23.24 -8.89
C ALA A 370 -9.12 23.33 -9.73
N VAL A 371 -10.22 22.74 -9.26
CA VAL A 371 -11.49 22.86 -9.97
C VAL A 371 -12.00 24.29 -9.90
N LEU A 372 -11.81 24.96 -8.76
CA LEU A 372 -12.24 26.33 -8.61
C LEU A 372 -11.49 27.28 -9.54
N ASP A 373 -10.21 27.00 -9.81
CA ASP A 373 -9.47 27.80 -10.78
C ASP A 373 -10.00 27.64 -12.19
N GLY A 374 -10.69 26.53 -12.48
CA GLY A 374 -11.26 26.33 -13.80
C GLY A 374 -10.56 25.24 -14.59
N ALA A 375 -10.03 24.24 -13.90
CA ALA A 375 -9.35 23.12 -14.56
C ALA A 375 -10.36 22.19 -15.20
N ASP A 376 -9.93 21.56 -16.30
CA ASP A 376 -10.80 20.64 -17.04
C ASP A 376 -10.73 19.21 -16.50
N CYS A 377 -9.53 18.71 -16.23
CA CYS A 377 -9.35 17.39 -15.63
C CYS A 377 -8.29 17.47 -14.54
N ILE A 378 -8.34 16.51 -13.62
CA ILE A 378 -7.33 16.34 -12.59
C ILE A 378 -6.70 14.95 -12.76
N MET A 379 -5.43 14.85 -12.38
CA MET A 379 -4.63 13.67 -12.70
C MET A 379 -4.04 13.03 -11.45
N LEU A 380 -3.90 11.71 -11.48
CA LEU A 380 -3.16 10.93 -10.49
C LEU A 380 -2.03 10.21 -11.19
N SER A 381 -0.82 10.27 -10.60
CA SER A 381 0.35 9.69 -11.22
C SER A 381 0.84 8.46 -10.46
N GLY A 382 1.76 8.60 -9.50
CA GLY A 382 2.18 7.47 -8.69
C GLY A 382 1.14 6.97 -7.72
N GLU A 383 0.05 7.72 -7.52
CA GLU A 383 -0.98 7.30 -6.58
C GLU A 383 -1.73 6.06 -7.08
N THR A 384 -1.94 5.98 -8.39
CA THR A 384 -2.62 4.84 -8.99
C THR A 384 -1.69 3.91 -9.76
N ALA A 385 -0.42 4.28 -9.92
CA ALA A 385 0.50 3.44 -10.68
C ALA A 385 1.28 2.48 -9.78
N LYS A 386 1.74 2.95 -8.61
CA LYS A 386 2.55 2.13 -7.73
C LYS A 386 2.08 2.11 -6.28
N GLY A 387 1.16 2.99 -5.89
CA GLY A 387 0.76 3.07 -4.49
C GLY A 387 0.04 1.83 -4.01
N ASP A 388 -0.25 1.83 -2.71
CA ASP A 388 -0.92 0.71 -2.05
C ASP A 388 -2.43 0.84 -2.01
N TYR A 389 -2.98 2.00 -2.37
CA TYR A 389 -4.43 2.22 -2.36
C TYR A 389 -4.83 2.94 -3.63
N PRO A 390 -4.80 2.25 -4.78
CA PRO A 390 -5.15 2.91 -6.04
C PRO A 390 -6.63 3.23 -6.17
N LEU A 391 -7.50 2.48 -5.49
CA LEU A 391 -8.95 2.71 -5.63
C LEU A 391 -9.40 3.91 -4.81
N GLU A 392 -9.03 3.94 -3.53
CA GLU A 392 -9.48 5.02 -2.64
C GLU A 392 -8.97 6.39 -3.09
N ALA A 393 -7.88 6.44 -3.87
CA ALA A 393 -7.41 7.71 -4.39
C ALA A 393 -8.35 8.23 -5.48
N VAL A 394 -8.77 7.35 -6.38
CA VAL A 394 -9.75 7.76 -7.40
C VAL A 394 -11.10 8.06 -6.75
N ARG A 395 -11.40 7.38 -5.65
CA ARG A 395 -12.64 7.67 -4.92
C ARG A 395 -12.59 9.04 -4.25
N MET A 396 -11.44 9.39 -3.68
CA MET A 396 -11.32 10.68 -3.01
C MET A 396 -11.41 11.84 -4.00
N GLN A 397 -10.79 11.69 -5.17
CA GLN A 397 -10.83 12.74 -6.17
C GLN A 397 -12.25 12.99 -6.66
N HIS A 398 -13.04 11.92 -6.80
CA HIS A 398 -14.42 12.08 -7.25
C HIS A 398 -15.26 12.80 -6.20
N LEU A 399 -15.01 12.53 -4.92
CA LEU A 399 -15.78 13.17 -3.86
C LEU A 399 -15.48 14.67 -3.79
N ILE A 400 -14.21 15.05 -3.81
CA ILE A 400 -13.85 16.46 -3.66
C ILE A 400 -14.32 17.27 -4.86
N ALA A 401 -14.16 16.73 -6.07
CA ALA A 401 -14.53 17.48 -7.26
C ALA A 401 -16.02 17.75 -7.33
N ARG A 402 -16.83 16.82 -6.82
CA ARG A 402 -18.27 17.03 -6.81
C ARG A 402 -18.66 18.16 -5.87
N GLU A 403 -17.97 18.27 -4.72
CA GLU A 403 -18.24 19.37 -3.81
C GLU A 403 -17.73 20.70 -4.37
N ALA A 404 -16.55 20.68 -4.98
CA ALA A 404 -15.96 21.92 -5.48
C ALA A 404 -16.74 22.48 -6.67
N GLU A 405 -17.32 21.61 -7.51
CA GLU A 405 -18.08 22.09 -8.66
C GLU A 405 -19.33 22.84 -8.22
N ALA A 406 -19.91 22.48 -7.08
CA ALA A 406 -21.15 23.10 -6.64
C ALA A 406 -20.92 24.51 -6.12
N ALA A 407 -19.84 24.71 -5.34
CA ALA A 407 -19.53 25.99 -4.72
C ALA A 407 -18.76 26.88 -5.69
N ILE A 408 -19.12 26.89 -6.97
CA ILE A 408 -18.53 27.79 -7.95
C ILE A 408 -19.42 29.00 -8.12
N TYR A 409 -18.82 30.20 -8.02
CA TYR A 409 -19.52 31.45 -8.27
C TYR A 409 -19.87 31.47 -9.75
N HIS A 410 -21.10 31.07 -10.10
CA HIS A 410 -21.50 31.04 -11.50
C HIS A 410 -21.95 32.39 -12.01
N LEU A 411 -22.32 33.33 -11.13
CA LEU A 411 -22.74 34.64 -11.59
C LEU A 411 -21.56 35.44 -12.11
N GLN A 412 -20.41 35.36 -11.45
CA GLN A 412 -19.24 36.11 -11.88
C GLN A 412 -18.54 35.44 -13.06
N LEU A 413 -18.51 34.11 -13.08
CA LEU A 413 -17.77 33.39 -14.11
C LEU A 413 -18.43 33.52 -15.47
N PHE A 414 -19.75 33.33 -15.52
CA PHE A 414 -20.45 33.37 -16.81
C PHE A 414 -20.46 34.79 -17.39
N GLU A 415 -20.42 35.81 -16.54
CA GLU A 415 -20.43 37.18 -17.03
C GLU A 415 -19.05 37.59 -17.54
N GLU A 416 -17.99 37.21 -16.83
CA GLU A 416 -16.64 37.60 -17.22
C GLU A 416 -16.23 36.90 -18.53
N LEU A 417 -16.49 35.59 -18.63
CA LEU A 417 -16.14 34.86 -19.84
C LEU A 417 -16.89 35.40 -21.05
N ARG A 418 -18.12 35.89 -20.84
CA ARG A 418 -18.89 36.45 -21.95
C ARG A 418 -18.36 37.83 -22.34
N ARG A 419 -18.10 38.69 -21.34
CA ARG A 419 -17.65 40.04 -21.61
C ARG A 419 -16.30 40.02 -22.34
N LEU A 420 -15.42 39.08 -21.98
CA LEU A 420 -14.13 38.98 -22.64
C LEU A 420 -14.22 38.23 -23.97
N ALA A 421 -15.28 37.46 -24.19
CA ALA A 421 -15.44 36.77 -25.46
C ALA A 421 -15.73 37.78 -26.57
N PRO A 422 -15.18 37.58 -27.76
CA PRO A 422 -15.36 38.56 -28.84
C PRO A 422 -16.63 38.30 -29.64
N ILE A 423 -16.93 39.25 -30.52
CA ILE A 423 -18.08 39.11 -31.41
C ILE A 423 -17.74 38.11 -32.50
N THR A 424 -18.64 37.16 -32.74
CA THR A 424 -18.42 36.08 -33.68
C THR A 424 -19.45 36.11 -34.79
N SER A 425 -19.07 35.57 -35.95
CA SER A 425 -19.96 35.39 -37.08
C SER A 425 -20.41 33.94 -37.23
N ASP A 426 -19.96 33.06 -36.34
CA ASP A 426 -20.32 31.65 -36.42
C ASP A 426 -21.73 31.43 -35.87
N PRO A 427 -22.61 30.76 -36.61
CA PRO A 427 -23.94 30.48 -36.06
C PRO A 427 -23.92 29.48 -34.92
N THR A 428 -22.94 28.58 -34.88
CA THR A 428 -22.86 27.60 -33.80
C THR A 428 -22.51 28.27 -32.47
N GLU A 429 -21.60 29.24 -32.50
CA GLU A 429 -21.20 29.92 -31.26
C GLU A 429 -22.35 30.75 -30.69
N ALA A 430 -23.13 31.40 -31.55
CA ALA A 430 -24.30 32.13 -31.08
C ALA A 430 -25.37 31.20 -30.52
N THR A 431 -25.48 29.99 -31.09
CA THR A 431 -26.38 28.99 -30.51
C THR A 431 -25.82 28.43 -29.23
N ALA A 432 -24.50 28.27 -29.15
CA ALA A 432 -23.87 27.73 -27.95
C ALA A 432 -24.03 28.66 -26.76
N VAL A 433 -23.68 29.93 -26.93
CA VAL A 433 -23.80 30.88 -25.83
C VAL A 433 -25.27 31.09 -25.46
N GLY A 434 -26.16 31.06 -26.44
CA GLY A 434 -27.58 31.22 -26.15
C GLY A 434 -28.17 30.05 -25.38
N ALA A 435 -27.68 28.83 -25.64
CA ALA A 435 -28.18 27.67 -24.92
C ALA A 435 -27.76 27.68 -23.45
N VAL A 436 -26.59 28.25 -23.15
CA VAL A 436 -26.16 28.35 -21.75
C VAL A 436 -26.97 29.41 -21.02
N GLU A 437 -27.39 30.47 -21.70
CA GLU A 437 -28.28 31.44 -21.07
C GLU A 437 -29.64 30.82 -20.77
N ALA A 438 -30.18 30.04 -21.70
CA ALA A 438 -31.41 29.31 -21.44
C ALA A 438 -31.20 28.24 -20.37
N SER A 439 -29.98 27.70 -20.26
CA SER A 439 -29.69 26.71 -19.23
C SER A 439 -29.84 27.30 -17.83
N PHE A 440 -29.30 28.51 -17.61
CA PHE A 440 -29.41 29.16 -16.31
C PHE A 440 -30.82 29.70 -16.06
N LYS A 441 -31.54 30.06 -17.12
CA LYS A 441 -32.86 30.67 -16.95
C LYS A 441 -33.86 29.70 -16.34
N CYS A 442 -34.11 28.57 -17.03
CA CYS A 442 -35.10 27.61 -16.58
C CYS A 442 -34.52 26.56 -15.63
N CYS A 443 -33.26 26.69 -15.24
CA CYS A 443 -32.61 25.73 -14.34
C CYS A 443 -32.73 24.31 -14.88
N SER A 444 -32.29 24.14 -16.13
CA SER A 444 -32.52 22.90 -16.86
C SER A 444 -31.69 21.75 -16.27
N GLY A 445 -32.07 20.54 -16.64
CA GLY A 445 -31.41 19.34 -16.15
C GLY A 445 -30.14 19.00 -16.90
N ALA A 446 -30.13 19.24 -18.21
CA ALA A 446 -28.97 18.96 -19.04
C ALA A 446 -29.12 19.70 -20.36
N ILE A 447 -28.08 19.60 -21.20
CA ILE A 447 -28.07 20.19 -22.53
C ILE A 447 -27.65 19.09 -23.50
N ILE A 448 -28.61 18.58 -24.26
CA ILE A 448 -28.34 17.51 -25.22
C ILE A 448 -27.81 18.12 -26.51
N VAL A 449 -26.60 17.71 -26.91
CA VAL A 449 -25.95 18.20 -28.12
C VAL A 449 -25.67 17.02 -29.04
N LEU A 450 -26.01 17.17 -30.31
CA LEU A 450 -25.77 16.14 -31.31
C LEU A 450 -24.58 16.55 -32.16
N THR A 451 -23.46 15.83 -32.01
CA THR A 451 -22.24 16.14 -32.72
C THR A 451 -21.61 14.86 -33.26
N LYS A 452 -20.70 15.02 -34.20
CA LYS A 452 -19.93 13.91 -34.76
C LYS A 452 -18.43 14.05 -34.56
N SER A 453 -17.90 15.28 -34.65
CA SER A 453 -16.51 15.54 -34.35
C SER A 453 -16.29 16.06 -32.93
N GLY A 454 -17.37 16.43 -32.24
CA GLY A 454 -17.28 17.01 -30.91
C GLY A 454 -17.12 18.50 -30.86
N ARG A 455 -16.84 19.15 -32.00
CA ARG A 455 -16.59 20.59 -31.99
C ARG A 455 -17.79 21.37 -31.50
N SER A 456 -19.00 20.95 -31.87
CA SER A 456 -20.20 21.61 -31.38
C SER A 456 -20.34 21.50 -29.87
N ALA A 457 -19.75 20.47 -29.26
CA ALA A 457 -19.83 20.32 -27.82
C ALA A 457 -18.77 21.14 -27.09
N HIS A 458 -17.60 21.35 -27.72
CA HIS A 458 -16.56 22.15 -27.09
C HIS A 458 -17.00 23.60 -26.92
N GLN A 459 -17.79 24.12 -27.88
CA GLN A 459 -18.22 25.51 -27.82
C GLN A 459 -19.25 25.77 -26.73
N VAL A 460 -19.99 24.74 -26.31
CA VAL A 460 -20.95 24.92 -25.22
C VAL A 460 -20.24 24.86 -23.87
N ALA A 461 -19.23 23.99 -23.74
CA ALA A 461 -18.58 23.79 -22.46
C ALA A 461 -17.70 24.96 -22.06
N ARG A 462 -17.17 25.71 -23.04
CA ARG A 462 -16.30 26.83 -22.73
C ARG A 462 -17.00 27.95 -21.98
N TYR A 463 -18.33 28.00 -22.02
CA TYR A 463 -19.10 28.95 -21.23
C TYR A 463 -19.56 28.38 -19.91
N ARG A 464 -19.08 27.19 -19.55
CA ARG A 464 -19.24 26.54 -18.25
C ARG A 464 -20.67 26.61 -17.72
N PRO A 465 -21.63 25.91 -18.34
CA PRO A 465 -22.96 25.81 -17.73
C PRO A 465 -22.93 24.91 -16.52
N ARG A 466 -23.79 25.22 -15.55
CA ARG A 466 -23.93 24.34 -14.40
C ARG A 466 -24.56 23.01 -14.79
N ALA A 467 -25.47 23.02 -15.75
CA ALA A 467 -26.13 21.78 -16.17
C ALA A 467 -25.15 20.93 -16.99
N PRO A 468 -25.21 19.60 -16.86
CA PRO A 468 -24.33 18.75 -17.65
C PRO A 468 -24.66 18.80 -19.13
N ILE A 469 -23.65 18.46 -19.93
CA ILE A 469 -23.77 18.44 -21.39
C ILE A 469 -23.70 16.99 -21.84
N ILE A 470 -24.80 16.48 -22.38
CA ILE A 470 -24.88 15.11 -22.86
C ILE A 470 -24.66 15.15 -24.38
N ALA A 471 -23.44 14.82 -24.80
CA ALA A 471 -23.08 14.87 -26.21
C ALA A 471 -23.28 13.49 -26.82
N VAL A 472 -24.34 13.35 -27.62
CA VAL A 472 -24.63 12.09 -28.31
C VAL A 472 -23.84 12.06 -29.61
N THR A 473 -23.11 10.96 -29.82
CA THR A 473 -22.25 10.83 -31.00
C THR A 473 -22.34 9.43 -31.57
N ARG A 474 -21.93 9.31 -32.83
CA ARG A 474 -21.72 8.03 -33.47
C ARG A 474 -20.24 7.65 -33.55
N ASN A 475 -19.34 8.63 -33.42
CA ASN A 475 -17.90 8.43 -33.50
C ASN A 475 -17.35 7.94 -32.17
N PRO A 476 -16.87 6.70 -32.09
CA PRO A 476 -16.32 6.20 -30.83
C PRO A 476 -15.09 6.99 -30.36
N GLN A 477 -14.26 7.45 -31.28
CA GLN A 477 -13.12 8.28 -30.89
C GLN A 477 -13.59 9.60 -30.29
N THR A 478 -14.59 10.24 -30.89
CA THR A 478 -15.13 11.48 -30.36
C THR A 478 -15.69 11.27 -28.95
N ALA A 479 -16.28 10.10 -28.70
CA ALA A 479 -16.81 9.82 -27.37
C ALA A 479 -15.70 9.70 -26.34
N ARG A 480 -14.52 9.23 -26.75
CA ARG A 480 -13.40 9.08 -25.82
C ARG A 480 -12.68 10.40 -25.62
N GLN A 481 -12.54 11.20 -26.68
CA GLN A 481 -11.85 12.48 -26.60
C GLN A 481 -12.68 13.57 -25.92
N ALA A 482 -13.98 13.35 -25.75
CA ALA A 482 -14.84 14.34 -25.10
C ALA A 482 -14.55 14.48 -23.61
N HIS A 483 -13.80 13.55 -23.00
CA HIS A 483 -13.49 13.61 -21.59
C HIS A 483 -12.53 14.75 -21.22
N LEU A 484 -12.05 15.52 -22.19
CA LEU A 484 -11.08 16.57 -21.92
C LEU A 484 -11.72 17.94 -21.68
N TYR A 485 -12.99 18.12 -22.03
CA TYR A 485 -13.68 19.40 -21.95
C TYR A 485 -14.72 19.33 -20.84
N ARG A 486 -14.47 20.05 -19.74
CA ARG A 486 -15.29 19.93 -18.53
C ARG A 486 -16.77 20.10 -18.83
N GLY A 487 -17.63 19.34 -18.26
CA GLY A 487 -19.07 19.39 -18.36
C GLY A 487 -19.68 18.40 -19.32
N ILE A 488 -18.83 17.73 -20.21
CA ILE A 488 -19.34 16.85 -21.25
C ILE A 488 -19.43 15.42 -20.72
N PHE A 489 -20.62 14.83 -20.82
CA PHE A 489 -20.84 13.43 -20.47
C PHE A 489 -21.13 12.66 -21.75
N PRO A 490 -20.13 12.02 -22.37
CA PRO A 490 -20.34 11.40 -23.68
C PRO A 490 -21.06 10.06 -23.58
N VAL A 491 -22.01 9.86 -24.50
CA VAL A 491 -22.70 8.58 -24.66
C VAL A 491 -22.61 8.18 -26.12
N LEU A 492 -22.38 6.89 -26.37
CA LEU A 492 -22.15 6.36 -27.70
C LEU A 492 -23.36 5.53 -28.13
N CYS A 493 -24.00 5.94 -29.22
CA CYS A 493 -25.18 5.26 -29.74
C CYS A 493 -24.77 4.24 -30.80
N LYS A 494 -25.21 3.00 -30.63
CA LYS A 494 -24.86 1.92 -31.54
C LYS A 494 -26.04 1.46 -32.40
N ASP A 495 -27.10 2.25 -32.46
CA ASP A 495 -28.26 1.92 -33.27
C ASP A 495 -27.99 2.15 -34.74
N PRO A 496 -28.70 1.45 -35.63
CA PRO A 496 -28.58 1.75 -37.06
C PRO A 496 -29.22 3.10 -37.39
N VAL A 497 -28.99 3.53 -38.62
CA VAL A 497 -29.50 4.82 -39.11
C VAL A 497 -30.75 4.59 -39.94
N GLN A 498 -31.83 5.28 -39.59
CA GLN A 498 -33.08 5.16 -40.33
C GLN A 498 -33.02 5.97 -41.62
N GLU A 499 -33.95 5.67 -42.53
CA GLU A 499 -33.94 6.32 -43.85
C GLU A 499 -34.27 7.79 -43.74
N ALA A 500 -35.32 8.14 -42.98
CA ALA A 500 -35.69 9.53 -42.80
C ALA A 500 -34.71 10.21 -41.85
N TRP A 501 -34.00 11.23 -42.34
CA TRP A 501 -33.01 11.90 -41.52
C TRP A 501 -33.65 12.52 -40.28
N ALA A 502 -34.85 13.08 -40.42
CA ALA A 502 -35.54 13.63 -39.26
C ALA A 502 -35.80 12.57 -38.21
N GLU A 503 -36.12 11.34 -38.64
CA GLU A 503 -36.32 10.25 -37.70
C GLU A 503 -35.01 9.79 -37.08
N ASP A 504 -33.92 9.87 -37.84
CA ASP A 504 -32.61 9.53 -37.30
C ASP A 504 -32.13 10.59 -36.31
N VAL A 505 -32.45 11.86 -36.56
CA VAL A 505 -32.06 12.92 -35.64
C VAL A 505 -32.82 12.77 -34.32
N ASP A 506 -34.14 12.64 -34.39
CA ASP A 506 -34.94 12.50 -33.18
C ASP A 506 -34.72 11.18 -32.46
N LEU A 507 -34.03 10.25 -33.10
CA LEU A 507 -33.75 8.94 -32.51
C LEU A 507 -32.56 9.02 -31.56
N ARG A 508 -31.67 9.96 -31.83
CA ARG A 508 -30.48 10.15 -31.01
C ARG A 508 -30.81 10.95 -29.75
N VAL A 509 -31.86 11.77 -29.84
CA VAL A 509 -32.28 12.59 -28.70
C VAL A 509 -33.00 11.74 -27.66
N ASN A 510 -33.88 10.84 -28.09
CA ASN A 510 -34.57 9.97 -27.15
C ASN A 510 -33.60 9.03 -26.44
N PHE A 511 -32.47 8.72 -27.07
CA PHE A 511 -31.43 7.96 -26.40
C PHE A 511 -30.84 8.74 -25.24
N ALA A 512 -30.54 10.03 -25.46
CA ALA A 512 -30.02 10.86 -24.39
C ALA A 512 -31.03 11.07 -23.28
N MET A 513 -32.33 11.11 -23.62
CA MET A 513 -33.36 11.20 -22.60
C MET A 513 -33.40 9.94 -21.74
N ASN A 514 -33.24 8.77 -22.38
CA ASN A 514 -33.23 7.53 -21.61
C ASN A 514 -31.95 7.37 -20.82
N VAL A 515 -30.82 7.85 -21.34
CA VAL A 515 -29.56 7.75 -20.61
C VAL A 515 -29.58 8.68 -19.40
N GLY A 516 -30.04 9.91 -19.58
CA GLY A 516 -30.09 10.85 -18.46
C GLY A 516 -31.09 10.42 -17.40
N LYS A 517 -32.24 9.88 -17.82
CA LYS A 517 -33.25 9.44 -16.86
C LYS A 517 -32.78 8.23 -16.06
N ALA A 518 -31.97 7.36 -16.66
CA ALA A 518 -31.48 6.19 -15.95
C ALA A 518 -30.37 6.54 -14.96
N ARG A 519 -29.41 7.36 -15.37
CA ARG A 519 -28.28 7.69 -14.52
C ARG A 519 -28.63 8.65 -13.39
N GLY A 520 -29.84 9.23 -13.40
CA GLY A 520 -30.26 10.12 -12.34
C GLY A 520 -30.04 11.59 -12.58
N PHE A 521 -29.88 12.00 -13.85
CA PHE A 521 -29.64 13.42 -14.14
C PHE A 521 -30.93 14.23 -14.05
N PHE A 522 -32.05 13.64 -14.47
CA PHE A 522 -33.34 14.31 -14.37
C PHE A 522 -34.43 13.24 -14.44
N LYS A 523 -35.66 13.67 -14.18
CA LYS A 523 -36.83 12.80 -14.22
C LYS A 523 -37.80 13.31 -15.28
N LYS A 524 -38.86 12.54 -15.50
CA LYS A 524 -39.88 12.93 -16.45
C LYS A 524 -40.64 14.15 -15.93
N GLY A 525 -40.94 15.08 -16.84
CA GLY A 525 -41.57 16.33 -16.49
C GLY A 525 -40.61 17.49 -16.34
N ASP A 526 -39.31 17.23 -16.24
CA ASP A 526 -38.32 18.28 -16.18
C ASP A 526 -38.18 18.95 -17.54
N VAL A 527 -37.23 19.89 -17.64
CA VAL A 527 -36.98 20.62 -18.88
C VAL A 527 -35.49 20.52 -19.21
N VAL A 528 -35.18 20.18 -20.45
CA VAL A 528 -33.82 20.10 -20.95
C VAL A 528 -33.73 20.92 -22.24
N ILE A 529 -32.49 21.08 -22.73
CA ILE A 529 -32.21 21.83 -23.95
C ILE A 529 -31.56 20.90 -24.95
N VAL A 530 -32.03 20.93 -26.19
CA VAL A 530 -31.51 20.08 -27.25
C VAL A 530 -30.88 20.95 -28.33
N LEU A 531 -29.78 20.47 -28.91
CA LEU A 531 -29.03 21.19 -29.93
C LEU A 531 -28.91 20.30 -31.16
N THR A 532 -29.43 20.76 -32.30
CA THR A 532 -29.34 20.03 -33.55
C THR A 532 -29.00 21.00 -34.67
N GLY A 533 -28.92 20.47 -35.89
CA GLY A 533 -28.61 21.27 -37.06
C GLY A 533 -29.68 21.18 -38.12
N TRP A 534 -29.41 21.73 -39.30
CA TRP A 534 -30.37 21.72 -40.40
C TRP A 534 -29.93 20.87 -41.59
N ARG A 535 -28.72 20.33 -41.56
CA ARG A 535 -28.21 19.48 -42.64
C ARG A 535 -27.24 18.48 -42.05
N PRO A 536 -27.18 17.27 -42.59
CA PRO A 536 -26.20 16.29 -42.11
C PRO A 536 -24.79 16.73 -42.49
N GLY A 537 -23.84 16.38 -41.61
CA GLY A 537 -22.46 16.78 -41.78
C GLY A 537 -22.02 17.74 -40.69
N SER A 538 -20.70 17.83 -40.52
CA SER A 538 -20.15 18.65 -39.45
C SER A 538 -20.30 20.14 -39.75
N GLY A 539 -20.50 20.91 -38.69
CA GLY A 539 -20.51 22.36 -38.78
C GLY A 539 -21.84 22.97 -39.21
N PHE A 540 -22.94 22.52 -38.59
CA PHE A 540 -24.24 23.09 -38.92
C PHE A 540 -25.18 23.18 -37.73
N THR A 541 -24.72 23.00 -36.50
CA THR A 541 -25.59 23.13 -35.34
C THR A 541 -26.05 24.57 -35.21
N ASN A 542 -27.36 24.80 -35.39
CA ASN A 542 -27.85 26.17 -35.42
C ASN A 542 -29.28 26.33 -34.90
N THR A 543 -29.89 25.29 -34.31
CA THR A 543 -31.21 25.41 -33.73
C THR A 543 -31.17 24.94 -32.28
N MET A 544 -31.85 25.67 -31.41
CA MET A 544 -31.94 25.37 -29.99
C MET A 544 -33.40 25.29 -29.59
N ARG A 545 -33.81 24.15 -29.05
CA ARG A 545 -35.19 23.93 -28.62
C ARG A 545 -35.21 23.58 -27.14
N VAL A 546 -36.18 24.14 -26.42
CA VAL A 546 -36.40 23.84 -25.02
C VAL A 546 -37.52 22.82 -24.94
N VAL A 547 -37.17 21.57 -24.62
CA VAL A 547 -38.12 20.46 -24.69
C VAL A 547 -38.37 19.91 -23.29
N PRO A 548 -39.60 19.56 -22.95
CA PRO A 548 -39.85 18.87 -21.68
C PRO A 548 -39.45 17.40 -21.78
N VAL A 549 -38.98 16.87 -20.65
CA VAL A 549 -38.52 15.49 -20.58
C VAL A 549 -39.71 14.55 -20.64
N PRO A 550 -39.77 13.64 -21.63
CA PRO A 550 -40.85 12.66 -21.74
C PRO A 550 -40.80 11.60 -20.64
N ALA B 42 53.84 -12.45 24.85
CA ALA B 42 52.66 -11.89 24.19
C ALA B 42 53.04 -11.22 22.87
N ASP B 43 54.34 -10.95 22.70
CA ASP B 43 54.81 -10.28 21.49
C ASP B 43 54.87 -11.20 20.28
N THR B 44 54.89 -12.52 20.50
CA THR B 44 54.96 -13.50 19.43
C THR B 44 53.70 -14.33 19.37
N PHE B 45 53.49 -14.99 18.22
CA PHE B 45 52.38 -15.92 18.08
C PHE B 45 52.70 -17.26 18.74
N LEU B 46 53.97 -17.69 18.66
CA LEU B 46 54.35 -18.99 19.21
C LEU B 46 54.23 -18.99 20.73
N GLU B 47 54.78 -17.98 21.39
CA GLU B 47 54.71 -17.93 22.85
C GLU B 47 53.27 -17.76 23.34
N HIS B 48 52.41 -17.16 22.51
CA HIS B 48 50.99 -17.07 22.88
C HIS B 48 50.37 -18.45 22.95
N MET B 49 50.76 -19.36 22.05
CA MET B 49 50.24 -20.73 22.09
C MET B 49 50.87 -21.51 23.23
N CYS B 50 52.16 -21.29 23.51
CA CYS B 50 52.82 -21.94 24.62
C CYS B 50 52.29 -21.48 25.98
N ARG B 51 51.54 -20.38 26.03
CA ARG B 51 51.00 -19.85 27.26
C ARG B 51 49.52 -20.15 27.46
N LEU B 52 48.94 -21.00 26.62
CA LEU B 52 47.53 -21.35 26.74
C LEU B 52 47.33 -22.27 27.95
N ASP B 53 46.50 -21.84 28.89
CA ASP B 53 46.23 -22.59 30.11
C ASP B 53 44.83 -23.18 30.04
N ILE B 54 44.72 -24.46 30.42
CA ILE B 54 43.41 -25.12 30.45
C ILE B 54 42.72 -24.95 31.80
N ASP B 55 43.46 -24.59 32.85
CA ASP B 55 42.88 -24.38 34.17
C ASP B 55 42.54 -22.92 34.44
N SER B 56 42.55 -22.08 33.41
CA SER B 56 42.12 -20.69 33.54
C SER B 56 40.79 -20.51 32.81
N PRO B 57 39.65 -20.59 33.50
CA PRO B 57 38.36 -20.54 32.81
C PRO B 57 38.11 -19.17 32.20
N PRO B 58 37.21 -19.08 31.22
CA PRO B 58 36.94 -17.79 30.58
C PRO B 58 35.95 -16.95 31.39
N ILE B 59 35.73 -15.74 30.91
CA ILE B 59 34.79 -14.80 31.53
C ILE B 59 33.94 -14.15 30.44
N THR B 60 33.37 -12.99 30.76
CA THR B 60 32.53 -12.22 29.84
C THR B 60 31.37 -13.13 29.38
N ALA B 61 31.03 -13.12 28.09
CA ALA B 61 29.98 -13.98 27.57
C ALA B 61 30.34 -14.38 26.16
N ARG B 62 29.48 -15.20 25.55
CA ARG B 62 29.72 -15.69 24.20
C ARG B 62 29.36 -14.60 23.20
N ASN B 63 30.33 -14.22 22.37
CA ASN B 63 30.11 -13.22 21.34
C ASN B 63 29.68 -13.80 20.00
N THR B 64 30.00 -15.08 19.76
CA THR B 64 29.67 -15.71 18.49
C THR B 64 28.23 -16.21 18.50
N GLY B 65 27.48 -15.87 17.45
CA GLY B 65 26.09 -16.27 17.37
C GLY B 65 25.92 -17.70 16.92
N ILE B 66 24.77 -18.28 17.30
CA ILE B 66 24.44 -19.66 16.99
C ILE B 66 23.15 -19.67 16.18
N ILE B 67 23.22 -20.24 14.97
CA ILE B 67 22.06 -20.39 14.10
C ILE B 67 21.67 -21.87 14.10
N CYS B 68 20.42 -22.15 14.46
CA CYS B 68 19.90 -23.51 14.49
C CYS B 68 18.79 -23.66 13.46
N THR B 69 18.75 -24.82 12.81
CA THR B 69 17.69 -25.14 11.86
C THR B 69 16.55 -25.83 12.59
N ILE B 70 15.33 -25.33 12.37
CA ILE B 70 14.14 -25.87 13.00
C ILE B 70 13.60 -27.00 12.13
N GLY B 71 13.27 -28.13 12.77
CA GLY B 71 12.76 -29.28 12.06
C GLY B 71 11.80 -30.11 12.90
N PRO B 72 11.50 -31.32 12.42
CA PRO B 72 10.56 -32.19 13.17
C PRO B 72 10.97 -32.44 14.62
N ALA B 73 12.27 -32.43 14.93
CA ALA B 73 12.72 -32.69 16.28
C ALA B 73 12.82 -31.43 17.14
N SER B 74 12.61 -30.25 16.54
CA SER B 74 12.80 -28.98 17.25
C SER B 74 11.66 -28.00 16.97
N ARG B 75 10.45 -28.51 16.77
CA ARG B 75 9.36 -27.69 16.27
C ARG B 75 8.35 -27.27 17.34
N SER B 76 8.24 -28.00 18.43
CA SER B 76 7.26 -27.68 19.45
C SER B 76 7.63 -26.39 20.17
N VAL B 77 6.59 -25.70 20.68
CA VAL B 77 6.83 -24.53 21.51
C VAL B 77 7.44 -24.91 22.86
N GLU B 78 7.30 -26.18 23.26
CA GLU B 78 7.90 -26.62 24.52
C GLU B 78 9.42 -26.71 24.40
N THR B 79 9.91 -27.42 23.38
CA THR B 79 11.36 -27.57 23.20
C THR B 79 12.00 -26.28 22.73
N LEU B 80 11.27 -25.45 21.99
CA LEU B 80 11.85 -24.20 21.50
C LEU B 80 12.19 -23.24 22.64
N LYS B 81 11.43 -23.31 23.74
CA LYS B 81 11.75 -22.48 24.89
C LYS B 81 13.07 -22.91 25.53
N GLU B 82 13.40 -24.20 25.46
CA GLU B 82 14.65 -24.70 26.01
C GLU B 82 15.84 -24.50 25.07
N MET B 83 15.60 -24.17 23.80
CA MET B 83 16.70 -23.87 22.90
C MET B 83 17.20 -22.44 23.10
N ILE B 84 16.30 -21.50 23.37
CA ILE B 84 16.72 -20.12 23.64
C ILE B 84 17.52 -20.06 24.94
N LYS B 85 17.10 -20.80 25.95
CA LYS B 85 17.84 -20.84 27.21
C LYS B 85 19.21 -21.51 27.06
N SER B 86 19.38 -22.36 26.04
CA SER B 86 20.62 -23.10 25.85
C SER B 86 21.61 -22.39 24.94
N GLY B 87 21.18 -21.37 24.19
CA GLY B 87 22.12 -20.59 23.41
C GLY B 87 21.68 -20.22 22.01
N MET B 88 20.42 -20.52 21.66
CA MET B 88 19.95 -20.23 20.31
C MET B 88 19.76 -18.74 20.11
N ASN B 89 20.03 -18.28 18.88
CA ASN B 89 19.94 -16.86 18.56
C ASN B 89 19.14 -16.62 17.28
N VAL B 90 19.24 -17.54 16.32
CA VAL B 90 18.58 -17.41 15.03
C VAL B 90 17.92 -18.74 14.67
N ALA B 91 16.71 -18.67 14.11
CA ALA B 91 15.98 -19.83 13.64
C ALA B 91 16.00 -19.85 12.11
N ARG B 92 16.40 -20.98 11.55
CA ARG B 92 16.53 -21.15 10.10
C ARG B 92 15.47 -22.11 9.60
N LEU B 93 14.76 -21.71 8.54
CA LEU B 93 13.78 -22.56 7.88
C LEU B 93 14.30 -22.92 6.50
N ASN B 94 14.49 -24.21 6.26
CA ASN B 94 15.02 -24.70 4.99
C ASN B 94 13.85 -24.95 4.04
N PHE B 95 13.67 -24.04 3.08
CA PHE B 95 12.58 -24.11 2.12
C PHE B 95 12.87 -25.06 0.95
N SER B 96 13.82 -25.98 1.10
CA SER B 96 14.06 -26.96 0.05
C SER B 96 12.95 -27.99 -0.04
N HIS B 97 12.19 -28.19 1.05
CA HIS B 97 11.02 -29.05 1.03
C HIS B 97 10.05 -28.55 2.11
N GLY B 98 8.86 -28.17 1.69
CA GLY B 98 7.85 -27.69 2.61
C GLY B 98 6.93 -26.65 1.98
N THR B 99 5.63 -26.78 2.22
CA THR B 99 4.67 -25.82 1.70
C THR B 99 4.54 -24.64 2.66
N HIS B 100 3.94 -23.55 2.15
CA HIS B 100 3.88 -22.31 2.91
C HIS B 100 3.03 -22.43 4.17
N GLU B 101 2.08 -23.38 4.20
CA GLU B 101 1.27 -23.56 5.39
C GLU B 101 2.08 -24.19 6.52
N TYR B 102 2.99 -25.11 6.18
CA TYR B 102 3.77 -25.81 7.21
C TYR B 102 4.77 -24.87 7.89
N HIS B 103 5.39 -23.98 7.11
CA HIS B 103 6.40 -23.09 7.68
C HIS B 103 5.79 -21.93 8.44
N ALA B 104 4.57 -21.51 8.08
CA ALA B 104 3.91 -20.47 8.86
C ALA B 104 3.65 -20.91 10.28
N GLU B 105 3.53 -22.21 10.52
CA GLU B 105 3.36 -22.72 11.88
C GLU B 105 4.65 -22.65 12.68
N THR B 106 5.80 -22.84 12.04
CA THR B 106 7.07 -22.70 12.74
C THR B 106 7.30 -21.27 13.21
N ILE B 107 7.10 -20.31 12.30
CA ILE B 107 7.25 -18.90 12.67
C ILE B 107 6.29 -18.54 13.79
N LYS B 108 5.05 -19.03 13.72
CA LYS B 108 4.09 -18.78 14.78
C LYS B 108 4.52 -19.43 16.09
N ASN B 109 5.29 -20.51 16.02
CA ASN B 109 5.76 -21.22 17.20
C ASN B 109 7.03 -20.61 17.79
N VAL B 110 7.98 -20.25 16.93
CA VAL B 110 9.23 -19.64 17.41
C VAL B 110 8.94 -18.34 18.13
N ARG B 111 8.21 -17.43 17.48
CA ARG B 111 7.85 -16.16 18.10
C ARG B 111 7.06 -16.35 19.38
N THR B 112 6.28 -17.45 19.47
CA THR B 112 5.59 -17.76 20.72
C THR B 112 6.58 -18.09 21.82
N ALA B 113 7.73 -18.68 21.47
CA ALA B 113 8.72 -19.07 22.49
C ALA B 113 9.62 -17.90 22.88
N THR B 114 9.93 -16.99 21.95
CA THR B 114 10.75 -15.84 22.29
C THR B 114 10.01 -14.91 23.23
N GLU B 115 8.87 -14.38 22.79
CA GLU B 115 8.04 -13.51 23.61
C GLU B 115 7.25 -14.26 24.68
N SER B 116 7.60 -15.52 24.94
CA SER B 116 6.93 -16.31 25.97
C SER B 116 7.07 -15.95 27.43
N PHE B 117 8.26 -16.16 27.99
CA PHE B 117 8.64 -15.59 29.29
C PHE B 117 9.45 -14.32 29.07
N ALA B 118 8.94 -13.39 28.25
CA ALA B 118 9.60 -12.13 27.96
C ALA B 118 8.98 -10.96 28.73
N SER B 119 8.47 -11.23 29.93
CA SER B 119 7.88 -10.16 30.73
C SER B 119 8.94 -9.23 31.32
N ASP B 120 10.17 -9.72 31.49
CA ASP B 120 11.26 -8.93 32.04
C ASP B 120 12.19 -8.49 30.91
N PRO B 121 12.13 -7.24 30.45
CA PRO B 121 13.04 -6.81 29.37
C PRO B 121 14.50 -6.75 29.77
N ILE B 122 14.81 -6.78 31.07
CA ILE B 122 16.21 -6.78 31.50
C ILE B 122 16.88 -8.10 31.15
N LEU B 123 16.10 -9.19 31.07
CA LEU B 123 16.62 -10.51 30.75
C LEU B 123 16.04 -11.06 29.44
N TYR B 124 15.46 -10.19 28.61
CA TYR B 124 14.86 -10.63 27.36
C TYR B 124 15.93 -10.75 26.28
N ARG B 125 15.95 -11.90 25.61
CA ARG B 125 16.91 -12.15 24.53
C ARG B 125 16.16 -12.24 23.20
N PRO B 126 16.38 -11.33 22.26
CA PRO B 126 15.72 -11.44 20.96
C PRO B 126 16.18 -12.68 20.20
N VAL B 127 15.31 -13.15 19.31
CA VAL B 127 15.60 -14.30 18.47
C VAL B 127 15.14 -13.97 17.04
N ALA B 128 16.07 -14.04 16.10
CA ALA B 128 15.78 -13.69 14.71
C ALA B 128 15.22 -14.90 13.96
N VAL B 129 14.68 -14.62 12.77
CA VAL B 129 14.08 -15.63 11.91
C VAL B 129 14.75 -15.54 10.54
N ALA B 130 15.14 -16.69 10.00
CA ALA B 130 15.84 -16.76 8.73
C ALA B 130 15.16 -17.75 7.80
N LEU B 131 15.18 -17.44 6.51
CA LEU B 131 14.55 -18.25 5.47
C LEU B 131 15.63 -18.73 4.52
N ASP B 132 15.80 -20.05 4.40
CA ASP B 132 16.79 -20.63 3.52
C ASP B 132 16.13 -20.99 2.19
N THR B 133 16.56 -20.33 1.12
CA THR B 133 15.97 -20.54 -0.20
C THR B 133 16.22 -21.96 -0.70
N LYS B 134 15.42 -22.38 -1.68
CA LYS B 134 15.56 -23.71 -2.25
C LYS B 134 16.67 -23.76 -3.29
N GLY B 135 16.66 -22.83 -4.24
CA GLY B 135 17.70 -22.73 -5.25
C GLY B 135 17.59 -23.81 -6.31
N PRO B 136 18.42 -23.71 -7.34
CA PRO B 136 18.36 -24.70 -8.43
C PRO B 136 18.83 -26.08 -8.01
N GLU B 137 17.95 -26.83 -7.35
CA GLU B 137 18.27 -28.18 -6.89
C GLU B 137 17.91 -29.20 -7.95
N ILE B 138 18.54 -30.37 -7.86
CA ILE B 138 18.31 -31.48 -8.77
C ILE B 138 18.04 -32.73 -7.95
N ARG B 139 16.83 -33.27 -8.06
CA ARG B 139 16.40 -34.44 -7.31
C ARG B 139 16.15 -35.61 -8.26
N THR B 140 16.30 -36.82 -7.74
CA THR B 140 16.03 -38.03 -8.50
C THR B 140 14.56 -38.44 -8.33
N GLY B 141 14.19 -39.58 -8.92
CA GLY B 141 12.84 -40.07 -8.87
C GLY B 141 12.62 -41.14 -7.82
N LEU B 142 11.37 -41.56 -7.70
CA LEU B 142 11.00 -42.59 -6.73
C LEU B 142 11.53 -43.95 -7.16
N ILE B 143 11.91 -44.75 -6.18
CA ILE B 143 12.43 -46.10 -6.42
C ILE B 143 11.27 -47.08 -6.30
N LYS B 144 10.81 -47.61 -7.43
CA LYS B 144 9.87 -48.72 -7.51
C LYS B 144 8.52 -48.42 -6.86
N GLY B 145 8.21 -47.12 -6.72
CA GLY B 145 6.89 -46.68 -6.27
C GLY B 145 6.79 -46.09 -4.88
N SER B 146 7.83 -46.13 -4.05
CA SER B 146 7.68 -45.58 -2.68
C SER B 146 9.03 -45.08 -2.18
N GLY B 147 9.10 -43.82 -1.73
CA GLY B 147 10.35 -43.21 -1.26
C GLY B 147 11.07 -44.11 -0.26
N THR B 148 10.33 -45.04 0.33
CA THR B 148 10.87 -45.96 1.32
C THR B 148 11.82 -47.05 0.83
N ALA B 149 11.67 -47.49 -0.42
CA ALA B 149 12.44 -48.60 -0.94
C ALA B 149 13.88 -48.17 -1.27
N GLU B 150 14.74 -49.16 -1.47
CA GLU B 150 16.14 -48.92 -1.79
C GLU B 150 16.66 -50.07 -2.66
N VAL B 151 17.64 -49.75 -3.50
CA VAL B 151 18.35 -50.73 -4.29
C VAL B 151 19.81 -50.72 -3.88
N GLU B 152 20.56 -51.69 -4.38
CA GLU B 152 21.97 -51.84 -4.03
C GLU B 152 22.80 -51.77 -5.31
N LEU B 153 23.42 -50.61 -5.55
CA LEU B 153 24.33 -50.45 -6.66
C LEU B 153 25.71 -51.00 -6.32
N LYS B 154 26.37 -51.57 -7.32
CA LYS B 154 27.68 -52.19 -7.16
C LYS B 154 28.70 -51.52 -8.06
N LYS B 155 29.94 -51.47 -7.59
CA LYS B 155 31.00 -50.84 -8.36
C LYS B 155 31.25 -51.59 -9.65
N GLY B 156 31.63 -50.86 -10.69
CA GLY B 156 31.87 -51.45 -11.99
C GLY B 156 30.62 -51.86 -12.74
N ALA B 157 29.44 -51.71 -12.15
CA ALA B 157 28.20 -52.06 -12.83
C ALA B 157 27.80 -50.92 -13.77
N THR B 158 26.60 -51.01 -14.35
CA THR B 158 26.14 -50.03 -15.31
C THR B 158 24.76 -49.51 -14.91
N LEU B 159 24.52 -48.23 -15.19
CA LEU B 159 23.23 -47.59 -14.93
C LEU B 159 22.95 -46.60 -16.04
N LYS B 160 21.67 -46.28 -16.21
CA LYS B 160 21.22 -45.38 -17.26
C LYS B 160 20.43 -44.23 -16.67
N ILE B 161 20.70 -43.03 -17.16
CA ILE B 161 19.99 -41.82 -16.75
C ILE B 161 19.06 -41.41 -17.88
N THR B 162 17.87 -40.92 -17.53
CA THR B 162 16.85 -40.61 -18.52
C THR B 162 16.01 -39.44 -18.05
N LEU B 163 15.63 -38.58 -18.99
CA LEU B 163 14.74 -37.45 -18.70
C LEU B 163 13.31 -37.71 -19.13
N ASP B 164 13.03 -38.85 -19.75
CA ASP B 164 11.66 -39.23 -20.11
C ASP B 164 10.83 -39.41 -18.85
N ASN B 165 9.83 -38.55 -18.66
CA ASN B 165 9.04 -38.53 -17.43
C ASN B 165 8.20 -39.78 -17.20
N ALA B 166 8.31 -40.79 -18.07
CA ALA B 166 7.55 -42.03 -17.86
C ALA B 166 8.11 -42.84 -16.71
N TYR B 167 9.45 -42.95 -16.63
CA TYR B 167 10.14 -43.68 -15.57
C TYR B 167 10.09 -43.04 -14.18
N MET B 168 9.38 -41.92 -14.02
CA MET B 168 9.44 -41.10 -12.82
C MET B 168 9.30 -41.80 -11.49
N GLU B 169 8.14 -42.43 -11.25
CA GLU B 169 7.91 -43.25 -10.07
C GLU B 169 8.25 -44.71 -10.31
N LYS B 170 9.34 -44.99 -11.04
CA LYS B 170 9.72 -46.38 -11.32
C LYS B 170 11.22 -46.52 -11.53
N CYS B 171 12.03 -45.69 -10.85
CA CYS B 171 13.47 -45.82 -10.97
C CYS B 171 13.94 -47.11 -10.31
N ASP B 172 14.73 -47.89 -11.03
CA ASP B 172 15.30 -49.12 -10.51
C ASP B 172 16.83 -49.04 -10.58
N GLU B 173 17.48 -50.16 -10.32
CA GLU B 173 18.94 -50.22 -10.39
C GLU B 173 19.46 -50.21 -11.83
N ASN B 174 18.58 -50.13 -12.83
CA ASN B 174 18.98 -50.11 -14.22
C ASN B 174 18.68 -48.79 -14.92
N ILE B 175 17.66 -48.05 -14.48
CA ILE B 175 17.28 -46.78 -15.10
C ILE B 175 17.01 -45.77 -13.98
N LEU B 176 17.64 -44.61 -14.08
CA LEU B 176 17.48 -43.53 -13.10
C LEU B 176 16.90 -42.30 -13.79
N TRP B 177 16.06 -41.57 -13.06
CA TRP B 177 15.39 -40.38 -13.59
C TRP B 177 15.74 -39.18 -12.72
N LEU B 178 16.07 -38.06 -13.37
CA LEU B 178 16.33 -36.79 -12.69
C LEU B 178 15.52 -35.69 -13.35
N ASP B 179 15.18 -34.67 -12.56
CA ASP B 179 14.30 -33.60 -13.00
C ASP B 179 15.06 -32.45 -13.68
N TYR B 180 16.25 -32.71 -14.22
CA TYR B 180 17.02 -31.73 -14.98
C TYR B 180 16.85 -32.05 -16.46
N LYS B 181 16.06 -31.24 -17.16
CA LYS B 181 15.74 -31.52 -18.56
C LYS B 181 16.98 -31.43 -19.45
N ASN B 182 17.73 -30.34 -19.35
CA ASN B 182 18.92 -30.14 -20.16
C ASN B 182 20.16 -30.70 -19.49
N ILE B 183 20.07 -31.95 -19.03
CA ILE B 183 21.17 -32.59 -18.33
C ILE B 183 22.10 -33.27 -19.32
N CYS B 184 21.95 -32.95 -20.61
CA CYS B 184 22.78 -33.55 -21.65
C CYS B 184 23.58 -32.54 -22.46
N LYS B 185 23.23 -31.25 -22.41
CA LYS B 185 23.93 -30.22 -23.15
C LYS B 185 25.05 -29.58 -22.35
N VAL B 186 25.50 -30.23 -21.27
CA VAL B 186 26.53 -29.67 -20.40
C VAL B 186 27.58 -30.73 -20.08
N VAL B 187 27.13 -31.96 -19.82
CA VAL B 187 28.04 -33.03 -19.44
C VAL B 187 28.61 -33.68 -20.70
N GLU B 188 29.92 -33.88 -20.72
CA GLU B 188 30.61 -34.51 -21.84
C GLU B 188 30.80 -36.00 -21.57
N VAL B 189 31.62 -36.65 -22.39
CA VAL B 189 31.87 -38.08 -22.24
C VAL B 189 32.87 -38.39 -21.14
N GLY B 190 33.39 -37.38 -20.45
CA GLY B 190 34.28 -37.60 -19.32
C GLY B 190 33.72 -37.01 -18.05
N SER B 191 32.39 -36.95 -17.96
CA SER B 191 31.73 -36.31 -16.83
C SER B 191 31.86 -37.16 -15.58
N LYS B 192 31.35 -36.62 -14.47
CA LYS B 192 31.36 -37.34 -13.19
C LYS B 192 30.15 -36.87 -12.39
N ILE B 193 29.17 -37.75 -12.21
CA ILE B 193 27.93 -37.43 -11.50
C ILE B 193 27.99 -38.02 -10.11
N TYR B 194 27.47 -37.29 -9.13
CA TYR B 194 27.47 -37.70 -7.73
C TYR B 194 26.04 -37.70 -7.20
N VAL B 195 25.65 -38.75 -6.50
CA VAL B 195 24.29 -38.94 -6.00
C VAL B 195 24.32 -39.14 -4.49
N ASP B 196 23.40 -38.47 -3.80
CA ASP B 196 23.22 -38.58 -2.35
C ASP B 196 24.32 -38.12 -1.40
N ASP B 197 24.58 -36.80 -1.37
CA ASP B 197 25.66 -36.21 -0.58
C ASP B 197 27.04 -36.58 -1.13
N GLY B 198 27.13 -36.83 -2.43
CA GLY B 198 28.40 -37.17 -3.04
C GLY B 198 28.94 -38.53 -2.67
N LEU B 199 28.11 -39.41 -2.10
CA LEU B 199 28.56 -40.72 -1.68
C LEU B 199 28.52 -41.76 -2.79
N ILE B 200 27.78 -41.51 -3.86
CA ILE B 200 27.68 -42.42 -5.00
C ILE B 200 28.19 -41.70 -6.23
N SER B 201 29.30 -42.19 -6.78
CA SER B 201 29.91 -41.57 -7.95
C SER B 201 29.44 -42.25 -9.23
N LEU B 202 29.50 -41.51 -10.33
CA LEU B 202 29.04 -41.99 -11.62
C LEU B 202 29.91 -41.40 -12.71
N GLN B 203 30.31 -42.24 -13.67
CA GLN B 203 31.13 -41.82 -14.80
C GLN B 203 30.31 -41.93 -16.07
N VAL B 204 30.04 -40.79 -16.71
CA VAL B 204 29.22 -40.76 -17.92
C VAL B 204 30.03 -41.30 -19.10
N LYS B 205 29.84 -42.59 -19.41
CA LYS B 205 30.52 -43.21 -20.54
C LYS B 205 30.00 -42.67 -21.86
N GLN B 206 28.75 -42.97 -22.19
CA GLN B 206 28.10 -42.49 -23.38
C GLN B 206 27.12 -41.37 -23.04
N LYS B 207 26.48 -40.82 -24.06
CA LYS B 207 25.52 -39.74 -23.89
C LYS B 207 24.47 -39.84 -24.99
N GLY B 208 23.79 -38.75 -25.26
CA GLY B 208 22.77 -38.71 -26.29
C GLY B 208 21.69 -37.69 -25.94
N ALA B 209 20.47 -37.98 -26.34
CA ALA B 209 19.35 -37.09 -26.11
C ALA B 209 18.23 -37.83 -25.42
N ASP B 210 18.35 -37.83 -24.10
CA ASP B 210 17.48 -38.48 -23.14
C ASP B 210 18.60 -39.25 -22.52
N PHE B 211 18.68 -40.53 -22.78
CA PHE B 211 19.74 -41.34 -22.24
C PHE B 211 21.13 -40.78 -22.08
N LEU B 212 21.84 -41.45 -21.21
CA LEU B 212 23.26 -41.30 -20.88
C LEU B 212 23.73 -42.58 -20.20
N VAL B 213 24.61 -43.32 -20.87
CA VAL B 213 25.15 -44.54 -20.27
C VAL B 213 26.15 -44.18 -19.18
N THR B 214 26.19 -45.02 -18.13
CA THR B 214 26.98 -44.73 -16.94
C THR B 214 27.61 -46.00 -16.42
N GLU B 215 28.76 -45.85 -15.77
CA GLU B 215 29.44 -46.92 -15.05
C GLU B 215 29.59 -46.51 -13.60
N VAL B 216 29.02 -47.30 -12.68
CA VAL B 216 29.04 -46.95 -11.28
C VAL B 216 30.47 -47.02 -10.75
N GLU B 217 30.92 -45.93 -10.14
CA GLU B 217 32.26 -45.85 -9.56
C GLU B 217 32.28 -46.16 -8.07
N ASN B 218 31.27 -45.72 -7.32
CA ASN B 218 31.16 -46.01 -5.89
C ASN B 218 29.72 -46.43 -5.62
N GLY B 219 29.53 -47.73 -5.34
CA GLY B 219 28.20 -48.26 -5.13
C GLY B 219 27.69 -48.06 -3.72
N GLY B 220 26.43 -48.44 -3.53
CA GLY B 220 25.81 -48.31 -2.22
C GLY B 220 24.31 -48.55 -2.32
N SER B 221 23.59 -48.00 -1.34
CA SER B 221 22.13 -48.10 -1.28
C SER B 221 21.54 -46.83 -1.88
N LEU B 222 20.95 -46.95 -3.07
CA LEU B 222 20.34 -45.83 -3.75
C LEU B 222 18.88 -45.68 -3.31
N GLY B 223 18.53 -44.47 -2.86
CA GLY B 223 17.19 -44.15 -2.45
C GLY B 223 16.45 -43.34 -3.50
N SER B 224 15.34 -42.74 -3.08
CA SER B 224 14.51 -41.93 -3.95
C SER B 224 14.61 -40.46 -3.57
N LYS B 225 14.50 -39.60 -4.59
CA LYS B 225 14.53 -38.16 -4.42
C LYS B 225 15.82 -37.72 -3.69
N LYS B 226 16.95 -38.18 -4.22
CA LYS B 226 18.26 -37.84 -3.67
C LYS B 226 18.88 -36.71 -4.47
N GLY B 227 19.68 -35.90 -3.78
CA GLY B 227 20.33 -34.78 -4.43
C GLY B 227 21.38 -35.22 -5.43
N VAL B 228 21.64 -34.34 -6.40
CA VAL B 228 22.58 -34.60 -7.48
C VAL B 228 23.48 -33.38 -7.64
N ASN B 229 24.79 -33.60 -7.68
CA ASN B 229 25.77 -32.55 -7.87
C ASN B 229 26.59 -32.84 -9.12
N LEU B 230 26.85 -31.80 -9.91
CA LEU B 230 27.57 -31.93 -11.18
C LEU B 230 28.81 -31.05 -11.17
N PRO B 231 29.98 -31.59 -10.83
CA PRO B 231 31.20 -30.77 -10.83
C PRO B 231 31.65 -30.46 -12.24
N GLY B 232 32.30 -29.30 -12.38
CA GLY B 232 32.86 -28.89 -13.65
C GLY B 232 31.88 -28.14 -14.54
N ALA B 233 30.80 -28.80 -14.93
CA ALA B 233 29.83 -28.20 -15.83
C ALA B 233 29.13 -27.03 -15.16
N ALA B 234 28.61 -26.13 -16.01
CA ALA B 234 27.89 -24.94 -15.55
C ALA B 234 26.39 -25.17 -15.71
N VAL B 235 25.65 -24.98 -14.62
CA VAL B 235 24.21 -25.24 -14.64
C VAL B 235 23.49 -24.15 -15.42
N ASP B 236 22.38 -24.53 -16.04
CA ASP B 236 21.55 -23.60 -16.79
C ASP B 236 20.32 -23.14 -16.01
N LEU B 237 19.98 -23.81 -14.93
CA LEU B 237 18.82 -23.42 -14.14
C LEU B 237 19.10 -22.09 -13.44
N PRO B 238 18.11 -21.19 -13.38
CA PRO B 238 18.35 -19.89 -12.74
C PRO B 238 18.42 -20.01 -11.22
N ALA B 239 19.18 -19.10 -10.62
CA ALA B 239 19.30 -19.06 -9.17
C ALA B 239 18.04 -18.53 -8.50
N VAL B 240 17.18 -17.84 -9.24
CA VAL B 240 15.92 -17.32 -8.72
C VAL B 240 14.82 -17.86 -9.63
N SER B 241 14.29 -19.04 -9.29
CA SER B 241 13.24 -19.66 -10.07
C SER B 241 11.87 -19.12 -9.64
N GLU B 242 10.83 -19.49 -10.41
CA GLU B 242 9.48 -19.07 -10.07
C GLU B 242 9.02 -19.68 -8.76
N LYS B 243 9.46 -20.90 -8.45
CA LYS B 243 9.16 -21.48 -7.14
C LYS B 243 9.83 -20.70 -6.01
N ASP B 244 11.00 -20.12 -6.28
CA ASP B 244 11.68 -19.32 -5.26
C ASP B 244 11.11 -17.91 -5.17
N ILE B 245 10.57 -17.39 -6.27
CA ILE B 245 9.96 -16.06 -6.25
C ILE B 245 8.76 -16.03 -5.31
N GLN B 246 7.92 -17.07 -5.37
CA GLN B 246 6.82 -17.17 -4.42
C GLN B 246 7.32 -17.40 -3.00
N ASP B 247 8.43 -18.13 -2.85
CA ASP B 247 9.00 -18.35 -1.53
C ASP B 247 9.51 -17.06 -0.91
N LEU B 248 10.00 -16.14 -1.74
CA LEU B 248 10.51 -14.87 -1.23
C LEU B 248 9.38 -13.91 -0.88
N LYS B 249 8.34 -13.84 -1.71
CA LYS B 249 7.20 -12.99 -1.40
C LYS B 249 6.47 -13.48 -0.15
N PHE B 250 6.58 -14.78 0.15
CA PHE B 250 6.03 -15.31 1.39
C PHE B 250 6.77 -14.73 2.59
N GLY B 251 8.10 -14.57 2.48
CA GLY B 251 8.87 -14.08 3.60
C GLY B 251 8.67 -12.61 3.89
N VAL B 252 8.40 -11.81 2.85
CA VAL B 252 8.12 -10.39 3.06
C VAL B 252 6.86 -10.21 3.90
N GLU B 253 5.88 -11.11 3.73
CA GLU B 253 4.61 -11.00 4.45
C GLU B 253 4.69 -11.54 5.88
N GLN B 254 5.75 -12.25 6.24
CA GLN B 254 5.87 -12.85 7.56
C GLN B 254 6.81 -12.08 8.48
N ASP B 255 7.30 -10.91 8.05
CA ASP B 255 8.24 -10.09 8.82
C ASP B 255 9.50 -10.90 9.18
N VAL B 256 10.14 -11.46 8.16
CA VAL B 256 11.37 -12.20 8.34
C VAL B 256 12.54 -11.23 8.26
N ASP B 257 13.61 -11.54 9.00
CA ASP B 257 14.72 -10.60 9.14
C ASP B 257 15.83 -10.82 8.12
N MET B 258 15.98 -12.02 7.59
CA MET B 258 17.03 -12.29 6.63
C MET B 258 16.67 -13.51 5.79
N VAL B 259 17.31 -13.59 4.62
CA VAL B 259 17.13 -14.73 3.73
C VAL B 259 18.51 -15.31 3.42
N PHE B 260 18.54 -16.63 3.26
CA PHE B 260 19.76 -17.38 2.93
C PHE B 260 19.58 -17.93 1.51
N ALA B 261 20.05 -17.16 0.53
CA ALA B 261 19.93 -17.55 -0.87
C ALA B 261 20.97 -18.61 -1.21
N SER B 262 20.51 -19.74 -1.76
CA SER B 262 21.38 -20.85 -2.06
C SER B 262 21.86 -20.80 -3.51
N PHE B 263 23.12 -21.16 -3.72
CA PHE B 263 23.74 -21.24 -5.04
C PHE B 263 23.94 -20.07 -5.99
N ILE B 264 24.83 -19.15 -5.62
CA ILE B 264 25.00 -17.87 -6.30
C ILE B 264 26.33 -17.89 -7.03
N ARG B 265 26.29 -17.62 -8.32
CA ARG B 265 27.46 -17.63 -9.18
C ARG B 265 27.89 -16.25 -9.62
N LYS B 266 26.95 -15.38 -9.98
CA LYS B 266 27.25 -14.01 -10.38
C LYS B 266 26.59 -13.03 -9.42
N ALA B 267 27.00 -11.77 -9.51
CA ALA B 267 26.31 -10.72 -8.76
C ALA B 267 24.96 -10.39 -9.36
N SER B 268 24.73 -10.74 -10.64
CA SER B 268 23.40 -10.62 -11.21
C SER B 268 22.41 -11.48 -10.44
N ASP B 269 22.85 -12.64 -9.96
CA ASP B 269 22.00 -13.47 -9.09
C ASP B 269 21.68 -12.74 -7.80
N VAL B 270 22.60 -11.91 -7.30
CA VAL B 270 22.34 -11.11 -6.11
C VAL B 270 21.41 -9.95 -6.42
N HIS B 271 21.25 -9.59 -7.70
CA HIS B 271 20.36 -8.50 -8.09
C HIS B 271 18.95 -8.98 -8.39
N GLU B 272 18.80 -10.23 -8.84
CA GLU B 272 17.47 -10.77 -9.10
C GLU B 272 16.69 -10.97 -7.79
N VAL B 273 17.38 -11.36 -6.72
CA VAL B 273 16.71 -11.55 -5.44
C VAL B 273 16.35 -10.21 -4.81
N ARG B 274 17.22 -9.21 -4.97
CA ARG B 274 16.93 -7.89 -4.40
C ARG B 274 15.75 -7.22 -5.09
N LYS B 275 15.57 -7.48 -6.40
CA LYS B 275 14.48 -6.85 -7.13
C LYS B 275 13.13 -7.38 -6.66
N VAL B 276 12.98 -8.71 -6.59
CA VAL B 276 11.70 -9.29 -6.20
C VAL B 276 11.40 -9.05 -4.72
N LEU B 277 12.40 -8.68 -3.92
CA LEU B 277 12.12 -8.31 -2.54
C LEU B 277 11.43 -6.96 -2.44
N GLY B 278 11.70 -6.07 -3.39
CA GLY B 278 10.95 -4.83 -3.51
C GLY B 278 11.19 -3.84 -2.38
N GLU B 279 10.50 -2.70 -2.48
CA GLU B 279 10.61 -1.67 -1.46
C GLU B 279 9.88 -2.04 -0.18
N LYS B 280 8.89 -2.93 -0.25
CA LYS B 280 8.20 -3.36 0.96
C LYS B 280 9.10 -4.21 1.85
N GLY B 281 10.03 -4.95 1.25
CA GLY B 281 10.98 -5.74 2.01
C GLY B 281 12.41 -5.33 1.71
N LYS B 282 12.65 -4.03 1.59
CA LYS B 282 13.98 -3.51 1.28
C LYS B 282 14.90 -3.45 2.49
N ASN B 283 14.41 -3.77 3.67
CA ASN B 283 15.23 -3.73 4.89
C ASN B 283 15.76 -5.10 5.30
N ILE B 284 15.26 -6.18 4.72
CA ILE B 284 15.75 -7.51 5.06
C ILE B 284 17.16 -7.68 4.51
N LYS B 285 18.00 -8.36 5.27
CA LYS B 285 19.40 -8.58 4.89
C LYS B 285 19.52 -9.87 4.06
N ILE B 286 20.35 -9.81 3.03
CA ILE B 286 20.58 -10.93 2.13
C ILE B 286 21.94 -11.53 2.44
N ILE B 287 21.96 -12.82 2.74
CA ILE B 287 23.18 -13.56 3.06
C ILE B 287 23.43 -14.55 1.92
N SER B 288 24.43 -14.26 1.10
CA SER B 288 24.74 -15.10 -0.05
C SER B 288 25.51 -16.35 0.37
N LYS B 289 25.17 -17.47 -0.27
CA LYS B 289 25.79 -18.76 -0.01
C LYS B 289 26.70 -19.13 -1.18
N ILE B 290 27.94 -19.50 -0.87
CA ILE B 290 28.90 -19.95 -1.87
C ILE B 290 29.00 -21.47 -1.76
N GLU B 291 28.47 -22.18 -2.75
CA GLU B 291 28.49 -23.64 -2.75
C GLU B 291 29.01 -24.22 -4.06
N ASN B 292 29.62 -23.40 -4.92
CA ASN B 292 30.05 -23.87 -6.23
C ASN B 292 31.39 -23.24 -6.57
N HIS B 293 32.00 -23.76 -7.65
CA HIS B 293 33.31 -23.30 -8.07
C HIS B 293 33.25 -21.90 -8.68
N GLU B 294 32.16 -21.57 -9.36
CA GLU B 294 32.03 -20.25 -9.97
C GLU B 294 31.85 -19.16 -8.90
N GLY B 295 31.02 -19.43 -7.90
CA GLY B 295 30.80 -18.44 -6.85
C GLY B 295 32.07 -18.14 -6.06
N VAL B 296 32.91 -19.16 -5.86
CA VAL B 296 34.18 -18.92 -5.17
C VAL B 296 35.13 -18.15 -6.07
N ARG B 297 35.15 -18.48 -7.37
CA ARG B 297 36.04 -17.80 -8.30
C ARG B 297 35.67 -16.34 -8.52
N ARG B 298 34.45 -15.94 -8.15
CA ARG B 298 33.97 -14.57 -8.29
C ARG B 298 33.52 -14.02 -6.95
N PHE B 299 34.21 -14.40 -5.87
CA PHE B 299 33.77 -14.01 -4.53
C PHE B 299 33.83 -12.50 -4.35
N ASP B 300 34.88 -11.86 -4.88
CA ASP B 300 35.00 -10.41 -4.74
C ASP B 300 33.79 -9.69 -5.32
N GLU B 301 33.27 -10.20 -6.45
CA GLU B 301 32.11 -9.58 -7.08
C GLU B 301 30.88 -9.67 -6.20
N ILE B 302 30.64 -10.84 -5.59
CA ILE B 302 29.43 -11.04 -4.80
C ILE B 302 29.53 -10.33 -3.44
N LEU B 303 30.74 -10.11 -2.94
CA LEU B 303 30.90 -9.48 -1.62
C LEU B 303 30.38 -8.06 -1.63
N GLU B 304 30.56 -7.34 -2.73
CA GLU B 304 30.09 -5.96 -2.84
C GLU B 304 28.61 -5.85 -3.14
N ALA B 305 27.95 -6.95 -3.51
CA ALA B 305 26.53 -6.95 -3.86
C ALA B 305 25.69 -7.69 -2.83
N SER B 306 26.17 -7.82 -1.60
CA SER B 306 25.46 -8.57 -0.58
C SER B 306 25.68 -7.91 0.77
N ASP B 307 24.88 -8.33 1.74
CA ASP B 307 25.04 -7.89 3.12
C ASP B 307 25.85 -8.86 3.97
N GLY B 308 25.87 -10.14 3.59
CA GLY B 308 26.59 -11.15 4.35
C GLY B 308 26.97 -12.32 3.47
N ILE B 309 27.70 -13.26 4.07
CA ILE B 309 28.25 -14.40 3.35
C ILE B 309 28.10 -15.64 4.23
N MET B 310 27.66 -16.75 3.64
CA MET B 310 27.62 -18.04 4.31
C MET B 310 28.47 -19.04 3.54
N VAL B 311 29.43 -19.65 4.24
CA VAL B 311 30.29 -20.69 3.66
C VAL B 311 29.53 -22.01 3.84
N ALA B 312 28.73 -22.35 2.83
CA ALA B 312 27.91 -23.56 2.87
C ALA B 312 28.76 -24.73 2.43
N ARG B 313 29.41 -25.38 3.41
CA ARG B 313 30.40 -26.41 3.14
C ARG B 313 29.79 -27.72 2.68
N GLY B 314 28.47 -27.89 2.79
CA GLY B 314 27.83 -29.11 2.34
C GLY B 314 28.00 -29.37 0.85
N ASP B 315 27.30 -28.59 0.03
CA ASP B 315 27.46 -28.73 -1.42
C ASP B 315 28.82 -28.29 -1.91
N LEU B 316 29.52 -27.43 -1.15
CA LEU B 316 30.82 -26.95 -1.58
C LEU B 316 31.86 -28.06 -1.57
N GLY B 317 31.79 -28.95 -0.57
CA GLY B 317 32.72 -30.06 -0.50
C GLY B 317 32.56 -31.09 -1.60
N ILE B 318 31.55 -30.97 -2.46
CA ILE B 318 31.31 -31.94 -3.51
C ILE B 318 31.64 -31.30 -4.86
N GLU B 319 31.44 -29.97 -4.96
CA GLU B 319 31.73 -29.28 -6.20
C GLU B 319 33.23 -29.12 -6.42
N ILE B 320 33.99 -28.84 -5.36
CA ILE B 320 35.44 -28.71 -5.45
C ILE B 320 36.05 -29.90 -4.71
N PRO B 321 37.34 -30.20 -4.91
CA PRO B 321 37.98 -31.25 -4.12
C PRO B 321 37.79 -31.03 -2.63
N ALA B 322 37.55 -32.13 -1.89
CA ALA B 322 37.25 -32.03 -0.47
C ALA B 322 38.43 -31.47 0.31
N GLU B 323 39.66 -31.77 -0.11
CA GLU B 323 40.86 -31.31 0.59
C GLU B 323 41.15 -29.83 0.37
N LYS B 324 40.37 -29.14 -0.46
CA LYS B 324 40.59 -27.73 -0.75
C LYS B 324 39.57 -26.83 -0.06
N VAL B 325 38.70 -27.40 0.78
CA VAL B 325 37.62 -26.61 1.36
C VAL B 325 38.16 -25.68 2.44
N PHE B 326 39.16 -26.14 3.21
CA PHE B 326 39.72 -25.30 4.28
C PHE B 326 40.40 -24.06 3.71
N LEU B 327 40.96 -24.15 2.50
CA LEU B 327 41.50 -22.96 1.85
C LEU B 327 40.40 -21.96 1.55
N ALA B 328 39.25 -22.44 1.06
CA ALA B 328 38.17 -21.53 0.68
C ALA B 328 37.50 -20.91 1.90
N GLN B 329 37.45 -21.62 3.02
CA GLN B 329 36.80 -21.06 4.21
C GLN B 329 37.61 -19.91 4.79
N LYS B 330 38.92 -20.11 4.94
CA LYS B 330 39.77 -19.06 5.51
C LYS B 330 39.90 -17.86 4.60
N MET B 331 39.81 -18.07 3.28
CA MET B 331 39.88 -16.95 2.34
C MET B 331 38.65 -16.05 2.48
N MET B 332 37.47 -16.65 2.64
CA MET B 332 36.24 -15.85 2.69
C MET B 332 36.07 -15.14 4.02
N ILE B 333 36.37 -15.82 5.14
CA ILE B 333 36.26 -15.19 6.45
C ILE B 333 37.24 -14.04 6.58
N GLY B 334 38.44 -14.19 6.01
CA GLY B 334 39.42 -13.12 6.09
C GLY B 334 39.05 -11.92 5.25
N ARG B 335 38.48 -12.15 4.06
CA ARG B 335 38.10 -11.03 3.20
C ARG B 335 36.89 -10.28 3.75
N CYS B 336 35.96 -10.98 4.41
CA CYS B 336 34.81 -10.29 5.00
C CYS B 336 35.18 -9.56 6.28
N ASN B 337 36.14 -10.07 7.06
CA ASN B 337 36.60 -9.34 8.23
C ASN B 337 37.30 -8.06 7.83
N ARG B 338 37.96 -8.05 6.68
CA ARG B 338 38.58 -6.83 6.15
C ARG B 338 37.54 -5.82 5.68
N ALA B 339 36.30 -6.25 5.46
CA ALA B 339 35.26 -5.37 4.96
C ALA B 339 34.15 -5.07 5.97
N GLY B 340 34.02 -5.87 7.02
CA GLY B 340 33.00 -5.63 8.02
C GLY B 340 31.67 -6.29 7.76
N LYS B 341 31.62 -7.31 6.90
CA LYS B 341 30.38 -8.00 6.63
C LYS B 341 30.37 -9.38 7.30
N PRO B 342 29.21 -9.86 7.75
CA PRO B 342 29.18 -11.12 8.51
C PRO B 342 29.50 -12.33 7.65
N VAL B 343 30.03 -13.36 8.31
CA VAL B 343 30.23 -14.68 7.73
C VAL B 343 29.61 -15.72 8.64
N ILE B 344 29.18 -16.84 8.04
CA ILE B 344 28.64 -17.97 8.78
C ILE B 344 29.32 -19.24 8.29
N CYS B 345 29.72 -20.09 9.23
CA CYS B 345 30.20 -21.44 8.94
C CYS B 345 29.05 -22.41 9.18
N ALA B 346 28.72 -23.21 8.17
CA ALA B 346 27.40 -23.85 8.12
C ALA B 346 27.28 -25.33 8.52
N THR B 347 27.70 -26.23 7.63
CA THR B 347 27.24 -27.61 7.74
C THR B 347 28.24 -28.52 8.44
N GLN B 348 27.70 -29.53 9.14
CA GLN B 348 28.46 -30.67 9.65
C GLN B 348 29.50 -30.26 10.70
N MET B 349 29.16 -29.26 11.51
CA MET B 349 30.09 -28.84 12.56
C MET B 349 30.13 -29.86 13.69
N LEU B 350 28.98 -30.42 14.04
CA LEU B 350 28.87 -31.45 15.07
C LEU B 350 28.05 -32.62 14.56
N GLU B 351 28.44 -33.15 13.39
CA GLU B 351 27.60 -34.12 12.69
C GLU B 351 27.38 -35.39 13.50
N SER B 352 28.36 -35.78 14.31
CA SER B 352 28.20 -36.99 15.12
C SER B 352 27.10 -36.86 16.16
N MET B 353 26.71 -35.64 16.53
CA MET B 353 25.71 -35.43 17.57
C MET B 353 24.28 -35.67 17.09
N ILE B 354 24.09 -36.25 15.90
CA ILE B 354 22.76 -36.63 15.47
C ILE B 354 22.33 -37.92 16.16
N LYS B 355 23.27 -38.83 16.38
CA LYS B 355 23.00 -40.11 17.03
C LYS B 355 23.61 -40.25 18.41
N LYS B 356 24.72 -39.55 18.69
CA LYS B 356 25.43 -39.68 19.95
C LYS B 356 25.34 -38.38 20.76
N PRO B 357 25.34 -38.46 22.08
CA PRO B 357 25.23 -37.25 22.90
C PRO B 357 26.53 -36.50 23.12
N ARG B 358 27.66 -36.97 22.56
CA ARG B 358 28.95 -36.32 22.70
C ARG B 358 29.65 -36.30 21.35
N PRO B 359 30.26 -35.18 20.98
CA PRO B 359 30.93 -35.08 19.68
C PRO B 359 32.32 -35.70 19.70
N THR B 360 32.90 -35.83 18.52
CA THR B 360 34.25 -36.36 18.37
C THR B 360 35.28 -35.27 18.56
N ARG B 361 36.55 -35.68 18.58
CA ARG B 361 37.64 -34.72 18.76
C ARG B 361 37.78 -33.81 17.54
N ALA B 362 37.48 -34.32 16.35
CA ALA B 362 37.56 -33.49 15.15
C ALA B 362 36.48 -32.41 15.14
N GLU B 363 35.26 -32.78 15.53
CA GLU B 363 34.17 -31.80 15.56
C GLU B 363 34.40 -30.76 16.66
N GLY B 364 35.09 -31.14 17.73
CA GLY B 364 35.45 -30.14 18.73
C GLY B 364 36.49 -29.17 18.22
N SER B 365 37.52 -29.66 17.54
CA SER B 365 38.55 -28.81 16.98
C SER B 365 38.11 -28.09 15.71
N ASP B 366 36.88 -28.31 15.26
CA ASP B 366 36.34 -27.62 14.10
C ASP B 366 35.57 -26.36 14.51
N VAL B 367 34.74 -26.45 15.55
CA VAL B 367 34.00 -25.28 16.00
C VAL B 367 34.94 -24.23 16.59
N ALA B 368 35.93 -24.68 17.37
CA ALA B 368 36.88 -23.75 17.96
C ALA B 368 37.75 -23.11 16.89
N ASN B 369 38.20 -23.87 15.90
CA ASN B 369 39.01 -23.31 14.84
C ASN B 369 38.21 -22.44 13.88
N ALA B 370 36.88 -22.48 13.96
CA ALA B 370 36.06 -21.55 13.17
C ALA B 370 35.93 -20.20 13.87
N VAL B 371 35.96 -20.19 15.20
CA VAL B 371 35.98 -18.94 15.95
C VAL B 371 37.35 -18.30 15.88
N LEU B 372 38.42 -19.10 15.92
CA LEU B 372 39.76 -18.56 15.77
C LEU B 372 39.99 -18.05 14.35
N ASP B 373 39.25 -18.57 13.37
CA ASP B 373 39.33 -18.03 12.01
C ASP B 373 38.73 -16.63 11.95
N GLY B 374 37.66 -16.38 12.71
CA GLY B 374 37.02 -15.09 12.72
C GLY B 374 35.60 -15.12 12.19
N ALA B 375 34.95 -16.27 12.26
CA ALA B 375 33.57 -16.38 11.80
C ALA B 375 32.64 -15.61 12.73
N ASP B 376 31.62 -14.99 12.15
CA ASP B 376 30.67 -14.22 12.95
C ASP B 376 29.68 -15.12 13.68
N CYS B 377 29.21 -16.18 13.02
CA CYS B 377 28.28 -17.12 13.62
C CYS B 377 28.60 -18.53 13.17
N ILE B 378 28.19 -19.51 13.97
CA ILE B 378 28.30 -20.93 13.67
C ILE B 378 26.91 -21.51 13.62
N MET B 379 26.71 -22.49 12.73
CA MET B 379 25.39 -23.01 12.43
C MET B 379 25.26 -24.48 12.77
N LEU B 380 24.02 -24.94 12.86
CA LEU B 380 23.66 -26.34 13.00
C LEU B 380 22.56 -26.66 11.99
N SER B 381 22.67 -27.83 11.35
CA SER B 381 21.70 -28.24 10.35
C SER B 381 20.94 -29.48 10.82
N GLY B 382 21.43 -30.66 10.41
CA GLY B 382 20.80 -31.90 10.83
C GLY B 382 20.90 -32.16 12.32
N GLU B 383 21.87 -31.53 13.00
CA GLU B 383 22.04 -31.77 14.43
C GLU B 383 20.81 -31.34 15.22
N THR B 384 20.07 -30.34 14.75
CA THR B 384 18.89 -29.83 15.43
C THR B 384 17.59 -30.03 14.66
N ALA B 385 17.64 -30.34 13.37
CA ALA B 385 16.42 -30.47 12.58
C ALA B 385 15.83 -31.87 12.68
N LYS B 386 16.65 -32.90 12.82
CA LYS B 386 16.13 -34.26 12.88
C LYS B 386 16.90 -35.19 13.81
N GLY B 387 17.95 -34.73 14.47
CA GLY B 387 18.75 -35.58 15.32
C GLY B 387 18.03 -35.93 16.61
N ASP B 388 18.68 -36.81 17.39
CA ASP B 388 18.16 -37.24 18.67
C ASP B 388 18.64 -36.39 19.83
N TYR B 389 19.47 -35.38 19.57
CA TYR B 389 20.03 -34.54 20.63
C TYR B 389 20.09 -33.11 20.13
N PRO B 390 19.01 -32.34 20.27
CA PRO B 390 19.00 -30.97 19.77
C PRO B 390 19.64 -29.98 20.74
N LEU B 391 19.08 -29.88 21.95
CA LEU B 391 19.63 -28.95 22.94
C LEU B 391 21.00 -29.36 23.42
N GLU B 392 21.35 -30.65 23.32
CA GLU B 392 22.66 -31.11 23.77
C GLU B 392 23.76 -30.64 22.83
N ALA B 393 23.45 -30.47 21.54
CA ALA B 393 24.44 -29.95 20.59
C ALA B 393 24.56 -28.44 20.70
N VAL B 394 23.47 -27.74 21.02
CA VAL B 394 23.54 -26.30 21.20
C VAL B 394 24.35 -25.95 22.44
N ARG B 395 24.26 -26.79 23.48
CA ARG B 395 25.09 -26.56 24.67
C ARG B 395 26.56 -26.71 24.35
N MET B 396 26.92 -27.74 23.57
CA MET B 396 28.31 -27.99 23.24
C MET B 396 28.88 -26.87 22.37
N GLN B 397 28.12 -26.43 21.36
CA GLN B 397 28.58 -25.35 20.51
C GLN B 397 28.71 -24.03 21.25
N HIS B 398 28.03 -23.87 22.38
CA HIS B 398 28.23 -22.70 23.23
C HIS B 398 29.43 -22.89 24.16
N LEU B 399 29.70 -24.12 24.59
CA LEU B 399 30.85 -24.37 25.44
C LEU B 399 32.16 -24.09 24.70
N ILE B 400 32.26 -24.53 23.45
CA ILE B 400 33.52 -24.41 22.72
C ILE B 400 33.71 -22.99 22.19
N ALA B 401 32.62 -22.29 21.87
CA ALA B 401 32.74 -20.97 21.23
C ALA B 401 33.34 -19.94 22.19
N ARG B 402 32.78 -19.85 23.40
CA ARG B 402 33.31 -18.90 24.38
C ARG B 402 34.65 -19.33 24.95
N GLU B 403 35.06 -20.59 24.73
CA GLU B 403 36.42 -21.00 25.08
C GLU B 403 37.43 -20.52 24.05
N ALA B 404 37.02 -20.42 22.78
CA ALA B 404 37.92 -19.98 21.72
C ALA B 404 38.05 -18.46 21.69
N GLU B 405 36.99 -17.73 22.02
CA GLU B 405 37.09 -16.27 22.05
C GLU B 405 38.06 -15.79 23.12
N ALA B 406 38.14 -16.50 24.24
CA ALA B 406 39.05 -16.13 25.33
C ALA B 406 40.51 -16.40 24.99
N ALA B 407 40.80 -17.02 23.86
CA ALA B 407 42.18 -17.32 23.46
C ALA B 407 42.58 -16.56 22.20
N ILE B 408 41.73 -15.67 21.69
CA ILE B 408 42.04 -14.94 20.47
C ILE B 408 43.20 -13.99 20.74
N TYR B 409 44.12 -13.93 19.78
CA TYR B 409 45.27 -13.01 19.85
C TYR B 409 44.79 -11.62 19.42
N HIS B 410 44.36 -10.83 20.41
CA HIS B 410 43.81 -9.51 20.13
C HIS B 410 44.89 -8.48 19.82
N LEU B 411 46.13 -8.70 20.26
CA LEU B 411 47.17 -7.69 20.12
C LEU B 411 47.46 -7.39 18.66
N GLN B 412 47.69 -8.43 17.86
CA GLN B 412 48.02 -8.24 16.46
C GLN B 412 46.80 -8.29 15.54
N LEU B 413 45.62 -8.67 16.05
CA LEU B 413 44.42 -8.64 15.24
C LEU B 413 43.88 -7.22 15.09
N PHE B 414 43.74 -6.51 16.21
CA PHE B 414 43.29 -5.12 16.16
C PHE B 414 44.30 -4.24 15.43
N GLU B 415 45.59 -4.54 15.57
CA GLU B 415 46.60 -3.76 14.86
C GLU B 415 46.52 -3.98 13.35
N GLU B 416 46.35 -5.24 12.93
CA GLU B 416 46.28 -5.53 11.49
C GLU B 416 44.99 -4.99 10.87
N LEU B 417 43.89 -4.99 11.63
CA LEU B 417 42.62 -4.50 11.08
C LEU B 417 42.67 -3.00 10.80
N ARG B 418 43.31 -2.24 11.68
CA ARG B 418 43.44 -0.80 11.44
C ARG B 418 44.41 -0.51 10.30
N ARG B 419 45.46 -1.32 10.15
CA ARG B 419 46.48 -1.06 9.15
C ARG B 419 45.99 -1.32 7.73
N LEU B 420 44.90 -2.05 7.57
CA LEU B 420 44.34 -2.33 6.25
C LEU B 420 42.99 -1.66 6.01
N ALA B 421 42.42 -1.00 7.03
CA ALA B 421 41.19 -0.22 6.86
C ALA B 421 41.54 1.22 6.53
N PRO B 422 40.90 1.83 5.54
CA PRO B 422 41.30 3.16 5.07
C PRO B 422 40.86 4.25 6.02
N ILE B 423 41.21 5.49 5.66
CA ILE B 423 40.87 6.67 6.45
C ILE B 423 39.60 7.25 5.84
N THR B 424 38.48 7.07 6.53
CA THR B 424 37.19 7.52 6.03
C THR B 424 36.88 8.92 6.56
N SER B 425 35.88 9.54 5.93
CA SER B 425 35.37 10.84 6.37
C SER B 425 34.21 10.72 7.34
N ASP B 426 33.68 9.52 7.55
CA ASP B 426 32.52 9.33 8.41
C ASP B 426 32.89 9.59 9.87
N PRO B 427 32.28 10.58 10.53
CA PRO B 427 32.59 10.82 11.94
C PRO B 427 32.21 9.66 12.85
N THR B 428 31.32 8.78 12.41
CA THR B 428 31.01 7.61 13.22
C THR B 428 32.14 6.58 13.20
N GLU B 429 32.85 6.48 12.07
CA GLU B 429 33.96 5.53 12.00
C GLU B 429 35.11 5.94 12.92
N ALA B 430 35.39 7.24 13.00
CA ALA B 430 36.45 7.71 13.89
C ALA B 430 36.04 7.60 15.35
N THR B 431 34.77 7.86 15.64
CA THR B 431 34.27 7.66 17.00
C THR B 431 34.31 6.19 17.40
N ALA B 432 34.11 5.29 16.43
CA ALA B 432 34.13 3.86 16.72
C ALA B 432 35.54 3.33 16.95
N VAL B 433 36.45 3.65 16.04
CA VAL B 433 37.82 3.15 16.19
C VAL B 433 38.49 3.78 17.41
N GLY B 434 38.09 5.00 17.79
CA GLY B 434 38.64 5.62 18.97
C GLY B 434 38.03 5.14 20.27
N ALA B 435 36.85 4.54 20.21
CA ALA B 435 36.19 4.05 21.42
C ALA B 435 36.74 2.71 21.86
N VAL B 436 37.00 1.80 20.90
CA VAL B 436 37.50 0.49 21.26
C VAL B 436 39.00 0.52 21.56
N GLU B 437 39.72 1.54 21.08
CA GLU B 437 41.09 1.74 21.52
C GLU B 437 41.14 2.12 23.00
N ALA B 438 40.19 2.95 23.44
CA ALA B 438 40.02 3.20 24.86
C ALA B 438 39.46 1.99 25.60
N SER B 439 38.76 1.09 24.89
CA SER B 439 38.30 -0.13 25.52
C SER B 439 39.46 -1.02 25.96
N PHE B 440 40.59 -0.94 25.26
CA PHE B 440 41.77 -1.73 25.64
C PHE B 440 42.60 -1.05 26.72
N LYS B 441 42.52 0.28 26.84
CA LYS B 441 43.40 1.00 27.75
C LYS B 441 43.03 0.74 29.21
N CYS B 442 41.75 0.83 29.54
CA CYS B 442 41.29 0.71 30.92
C CYS B 442 40.66 -0.64 31.21
N CYS B 443 40.74 -1.59 30.28
CA CYS B 443 40.12 -2.90 30.42
C CYS B 443 38.63 -2.75 30.77
N SER B 444 37.92 -2.06 29.88
CA SER B 444 36.54 -1.70 30.13
C SER B 444 35.65 -2.94 30.21
N GLY B 445 34.53 -2.79 30.91
CA GLY B 445 33.57 -3.85 31.08
C GLY B 445 32.76 -4.13 29.83
N ALA B 446 32.36 -3.07 29.13
CA ALA B 446 31.53 -3.19 27.93
C ALA B 446 31.55 -1.85 27.21
N ILE B 447 30.79 -1.78 26.11
CA ILE B 447 30.65 -0.58 25.30
C ILE B 447 29.17 -0.43 25.00
N ILE B 448 28.53 0.56 25.61
CA ILE B 448 27.12 0.84 25.39
C ILE B 448 26.98 1.77 24.19
N VAL B 449 26.15 1.38 23.23
CA VAL B 449 25.94 2.14 22.01
C VAL B 449 24.44 2.27 21.77
N LEU B 450 23.99 3.50 21.51
CA LEU B 450 22.59 3.77 21.16
C LEU B 450 22.49 3.82 19.64
N THR B 451 21.77 2.86 19.06
CA THR B 451 21.63 2.74 17.62
C THR B 451 20.17 2.55 17.25
N LYS B 452 19.75 3.15 16.13
CA LYS B 452 18.41 2.96 15.62
C LYS B 452 18.34 1.83 14.60
N SER B 453 19.11 1.95 13.52
CA SER B 453 19.21 0.91 12.51
C SER B 453 20.37 -0.05 12.76
N GLY B 454 21.10 0.12 13.87
CA GLY B 454 22.23 -0.72 14.18
C GLY B 454 23.51 -0.42 13.41
N ARG B 455 23.46 0.50 12.44
CA ARG B 455 24.64 0.79 11.65
C ARG B 455 25.79 1.31 12.51
N SER B 456 25.48 2.03 13.59
CA SER B 456 26.52 2.46 14.52
C SER B 456 27.22 1.26 15.14
N ALA B 457 26.43 0.34 15.72
CA ALA B 457 27.03 -0.83 16.38
C ALA B 457 27.77 -1.72 15.40
N HIS B 458 27.39 -1.71 14.12
CA HIS B 458 28.10 -2.49 13.12
C HIS B 458 29.52 -1.97 12.94
N GLN B 459 29.70 -0.65 12.95
CA GLN B 459 31.03 -0.08 12.78
C GLN B 459 31.91 -0.32 13.99
N VAL B 460 31.32 -0.38 15.19
CA VAL B 460 32.10 -0.66 16.39
C VAL B 460 32.60 -2.11 16.35
N ALA B 461 31.75 -3.05 15.95
CA ALA B 461 32.15 -4.45 15.89
C ALA B 461 33.13 -4.75 14.77
N ARG B 462 33.28 -3.82 13.81
CA ARG B 462 34.21 -4.03 12.71
C ARG B 462 35.65 -4.20 13.20
N TYR B 463 35.99 -3.57 14.32
CA TYR B 463 37.36 -3.59 14.83
C TYR B 463 37.56 -4.62 15.93
N ARG B 464 36.52 -5.33 16.34
CA ARG B 464 36.58 -6.49 17.23
C ARG B 464 37.32 -6.21 18.53
N PRO B 465 36.69 -5.50 19.48
CA PRO B 465 37.28 -5.37 20.81
C PRO B 465 37.02 -6.61 21.65
N ARG B 466 37.69 -6.66 22.80
CA ARG B 466 37.50 -7.78 23.71
C ARG B 466 36.26 -7.61 24.58
N ALA B 467 35.88 -6.37 24.87
CA ALA B 467 34.71 -6.09 25.69
C ALA B 467 33.44 -6.27 24.87
N PRO B 468 32.34 -6.68 25.52
CA PRO B 468 31.08 -6.83 24.79
C PRO B 468 30.47 -5.49 24.42
N ILE B 469 29.75 -5.49 23.31
CA ILE B 469 29.10 -4.29 22.78
C ILE B 469 27.61 -4.40 23.07
N ILE B 470 27.12 -3.57 24.00
CA ILE B 470 25.69 -3.51 24.30
C ILE B 470 25.05 -2.47 23.40
N ALA B 471 24.01 -2.87 22.68
CA ALA B 471 23.31 -2.00 21.74
C ALA B 471 21.88 -1.83 22.20
N VAL B 472 21.48 -0.59 22.46
CA VAL B 472 20.14 -0.26 22.92
C VAL B 472 19.36 0.31 21.74
N THR B 473 18.17 -0.22 21.51
CA THR B 473 17.34 0.22 20.40
C THR B 473 15.86 0.02 20.75
N ARG B 474 15.02 0.76 20.03
CA ARG B 474 13.57 0.56 20.09
C ARG B 474 13.05 -0.16 18.86
N ASN B 475 13.96 -0.65 18.01
CA ASN B 475 13.59 -1.34 16.79
C ASN B 475 13.73 -2.84 17.01
N PRO B 476 12.64 -3.61 17.06
CA PRO B 476 12.79 -5.06 17.27
C PRO B 476 13.46 -5.76 16.11
N GLN B 477 13.22 -5.30 14.87
CA GLN B 477 13.88 -5.91 13.72
C GLN B 477 15.39 -5.78 13.80
N THR B 478 15.89 -4.63 14.27
CA THR B 478 17.33 -4.46 14.39
C THR B 478 17.88 -5.16 15.63
N ALA B 479 17.06 -5.33 16.67
CA ALA B 479 17.49 -6.10 17.84
C ALA B 479 17.56 -7.59 17.53
N ARG B 480 16.77 -8.05 16.56
CA ARG B 480 16.88 -9.44 16.11
C ARG B 480 18.04 -9.60 15.13
N GLN B 481 18.25 -8.61 14.26
CA GLN B 481 19.31 -8.64 13.26
C GLN B 481 20.69 -8.38 13.84
N ALA B 482 20.83 -8.25 15.17
CA ALA B 482 22.11 -7.90 15.76
C ALA B 482 23.04 -9.08 15.97
N HIS B 483 22.51 -10.31 15.95
CA HIS B 483 23.34 -11.49 16.12
C HIS B 483 24.18 -11.81 14.89
N LEU B 484 23.90 -11.17 13.75
CA LEU B 484 24.73 -11.35 12.57
C LEU B 484 26.14 -10.79 12.76
N TYR B 485 26.32 -9.85 13.68
CA TYR B 485 27.61 -9.23 13.94
C TYR B 485 28.13 -9.69 15.30
N ARG B 486 29.40 -10.05 15.35
CA ARG B 486 29.97 -10.60 16.57
C ARG B 486 30.15 -9.52 17.63
N GLY B 487 29.94 -9.89 18.89
CA GLY B 487 30.16 -9.00 20.01
C GLY B 487 29.00 -8.11 20.37
N ILE B 488 27.97 -8.03 19.53
CA ILE B 488 26.84 -7.14 19.78
C ILE B 488 25.77 -7.91 20.54
N PHE B 489 25.57 -7.55 21.81
CA PHE B 489 24.47 -8.11 22.59
C PHE B 489 23.27 -7.18 22.51
N PRO B 490 22.16 -7.61 21.91
CA PRO B 490 21.02 -6.70 21.72
C PRO B 490 20.16 -6.58 22.96
N VAL B 491 19.62 -5.38 23.16
CA VAL B 491 18.70 -5.08 24.24
C VAL B 491 17.62 -4.15 23.70
N LEU B 492 16.36 -4.58 23.78
CA LEU B 492 15.22 -3.80 23.31
C LEU B 492 14.60 -3.05 24.47
N CYS B 493 14.26 -1.78 24.23
CA CYS B 493 13.65 -0.93 25.24
C CYS B 493 12.13 -0.96 25.15
N LYS B 494 11.47 -0.77 26.29
CA LYS B 494 10.02 -0.82 26.37
C LYS B 494 9.36 0.47 26.81
N ASP B 495 10.11 1.41 27.39
CA ASP B 495 9.53 2.65 27.89
C ASP B 495 9.27 3.63 26.75
N PRO B 496 8.26 4.49 26.89
CA PRO B 496 7.94 5.45 25.83
C PRO B 496 8.94 6.61 25.78
N VAL B 497 8.79 7.42 24.75
CA VAL B 497 9.70 8.55 24.52
C VAL B 497 9.34 9.69 25.47
N GLN B 498 10.35 10.23 26.14
CA GLN B 498 10.16 11.35 27.05
C GLN B 498 10.13 12.66 26.27
N GLU B 499 9.71 13.72 26.95
CA GLU B 499 9.60 15.03 26.30
C GLU B 499 10.99 15.60 26.00
N ALA B 500 11.85 15.67 27.01
CA ALA B 500 13.20 16.18 26.83
C ALA B 500 14.08 15.10 26.22
N TRP B 501 14.68 15.41 25.06
CA TRP B 501 15.50 14.43 24.36
C TRP B 501 16.73 14.05 25.17
N ALA B 502 17.35 15.03 25.83
CA ALA B 502 18.52 14.73 26.66
C ALA B 502 18.17 13.78 27.80
N GLU B 503 16.91 13.80 28.25
CA GLU B 503 16.47 12.83 29.25
C GLU B 503 16.15 11.48 28.63
N ASP B 504 15.82 11.44 27.34
CA ASP B 504 15.58 10.17 26.67
C ASP B 504 16.87 9.38 26.48
N VAL B 505 18.00 10.08 26.35
CA VAL B 505 19.28 9.39 26.16
C VAL B 505 19.72 8.73 27.46
N ASP B 506 19.67 9.47 28.57
CA ASP B 506 20.10 8.93 29.85
C ASP B 506 19.18 7.83 30.36
N LEU B 507 17.91 7.83 29.92
CA LEU B 507 17.01 6.75 30.33
C LEU B 507 17.42 5.42 29.71
N ARG B 508 17.92 5.45 28.47
CA ARG B 508 18.36 4.23 27.81
C ARG B 508 19.79 3.84 28.21
N VAL B 509 20.62 4.82 28.57
CA VAL B 509 21.97 4.50 29.05
C VAL B 509 21.90 3.81 30.40
N ASN B 510 21.02 4.28 31.28
CA ASN B 510 20.86 3.64 32.58
C ASN B 510 20.16 2.29 32.47
N PHE B 511 19.49 2.02 31.36
CA PHE B 511 18.88 0.71 31.17
C PHE B 511 19.91 -0.35 30.79
N ALA B 512 20.88 0.03 29.95
CA ALA B 512 21.90 -0.94 29.52
C ALA B 512 22.79 -1.36 30.67
N MET B 513 22.99 -0.48 31.66
CA MET B 513 23.75 -0.87 32.85
C MET B 513 22.92 -1.71 33.81
N ASN B 514 21.59 -1.68 33.68
CA ASN B 514 20.75 -2.56 34.48
C ASN B 514 20.76 -3.98 33.92
N VAL B 515 20.76 -4.11 32.59
CA VAL B 515 20.87 -5.42 31.96
C VAL B 515 22.26 -6.00 32.11
N GLY B 516 23.27 -5.16 32.28
CA GLY B 516 24.64 -5.62 32.42
C GLY B 516 24.99 -6.02 33.83
N LYS B 517 24.61 -5.20 34.81
CA LYS B 517 24.86 -5.55 36.21
C LYS B 517 24.11 -6.80 36.62
N ALA B 518 22.91 -7.01 36.06
CA ALA B 518 22.13 -8.19 36.38
C ALA B 518 22.72 -9.43 35.71
N ARG B 519 22.99 -9.35 34.42
CA ARG B 519 23.56 -10.49 33.69
C ARG B 519 24.95 -10.85 34.17
N GLY B 520 25.67 -9.91 34.79
CA GLY B 520 27.01 -10.19 35.29
C GLY B 520 28.10 -9.73 34.33
N PHE B 521 27.86 -8.61 33.65
CA PHE B 521 28.86 -8.07 32.73
C PHE B 521 29.78 -7.07 33.41
N PHE B 522 29.31 -6.38 34.44
CA PHE B 522 30.15 -5.53 35.26
C PHE B 522 29.49 -5.36 36.62
N LYS B 523 30.23 -4.73 37.54
CA LYS B 523 29.73 -4.50 38.90
C LYS B 523 29.65 -3.01 39.18
N LYS B 524 29.76 -2.64 40.46
CA LYS B 524 29.64 -1.24 40.87
C LYS B 524 31.04 -0.63 40.93
N GLY B 525 31.33 0.28 40.02
CA GLY B 525 32.59 0.99 40.00
C GLY B 525 33.50 0.69 38.84
N ASP B 526 33.04 -0.07 37.85
CA ASP B 526 33.86 -0.41 36.69
C ASP B 526 33.68 0.64 35.59
N VAL B 527 34.78 1.02 34.96
CA VAL B 527 34.75 2.01 33.90
C VAL B 527 34.27 1.34 32.61
N VAL B 528 33.31 1.99 31.95
CA VAL B 528 32.78 1.50 30.68
C VAL B 528 32.79 2.66 29.68
N ILE B 529 32.49 2.32 28.42
CA ILE B 529 32.45 3.28 27.32
C ILE B 529 31.00 3.44 26.88
N VAL B 530 30.56 4.69 26.74
CA VAL B 530 29.22 5.00 26.26
C VAL B 530 29.34 5.84 25.00
N LEU B 531 28.50 5.54 24.00
CA LEU B 531 28.53 6.21 22.72
C LEU B 531 27.14 6.75 22.40
N THR B 532 27.07 8.03 22.03
CA THR B 532 25.82 8.68 21.68
C THR B 532 26.08 9.69 20.57
N GLY B 533 25.08 10.51 20.27
CA GLY B 533 25.21 11.56 19.28
C GLY B 533 24.77 12.91 19.79
N TRP B 534 24.69 13.90 18.91
CA TRP B 534 24.41 15.28 19.33
C TRP B 534 22.97 15.71 19.08
N ARG B 535 22.25 15.05 18.20
CA ARG B 535 20.89 15.44 17.85
C ARG B 535 20.05 14.20 17.63
N PRO B 536 18.73 14.30 17.79
CA PRO B 536 17.86 13.17 17.48
C PRO B 536 17.85 12.87 15.99
N GLY B 537 17.60 11.61 15.66
CA GLY B 537 17.60 11.16 14.28
C GLY B 537 18.42 9.90 14.09
N SER B 538 19.19 9.85 13.01
CA SER B 538 20.03 8.70 12.70
C SER B 538 21.23 9.15 11.90
N GLY B 539 22.40 8.60 12.24
CA GLY B 539 23.62 8.95 11.56
C GLY B 539 24.38 10.12 12.15
N PHE B 540 24.21 10.38 13.45
CA PHE B 540 24.87 11.50 14.11
C PHE B 540 25.66 11.05 15.33
N THR B 541 26.01 9.77 15.42
CA THR B 541 26.82 9.27 16.52
C THR B 541 28.22 9.87 16.46
N ASN B 542 28.63 10.55 17.54
CA ASN B 542 29.92 11.24 17.54
C ASN B 542 30.41 10.97 18.96
N THR B 543 29.61 11.31 19.96
CA THR B 543 30.01 11.55 21.34
C THR B 543 30.43 10.25 22.00
N MET B 544 31.56 10.27 22.68
CA MET B 544 32.07 9.12 23.43
C MET B 544 32.43 9.58 24.83
N ARG B 545 31.85 8.94 25.85
CA ARG B 545 32.07 9.32 27.24
C ARG B 545 32.54 8.11 28.03
N VAL B 546 33.65 8.25 28.74
CA VAL B 546 34.15 7.24 29.65
C VAL B 546 33.54 7.50 31.02
N VAL B 547 32.77 6.55 31.52
CA VAL B 547 32.02 6.75 32.77
C VAL B 547 32.07 5.48 33.59
N PRO B 548 32.06 5.63 34.91
CA PRO B 548 31.98 4.45 35.78
C PRO B 548 30.54 3.98 35.94
N VAL B 549 30.40 2.70 36.24
CA VAL B 549 29.06 2.14 36.46
C VAL B 549 28.48 2.70 37.75
N PRO B 550 27.24 3.20 37.75
CA PRO B 550 26.60 3.79 38.93
C PRO B 550 26.08 2.74 39.91
N GLN C 33 7.21 45.02 -14.95
CA GLN C 33 6.90 45.72 -13.71
C GLN C 33 7.29 44.90 -12.49
N THR C 34 6.95 45.40 -11.30
CA THR C 34 7.28 44.73 -10.06
C THR C 34 6.08 44.74 -9.14
N GLN C 35 6.12 43.87 -8.12
CA GLN C 35 5.07 43.75 -7.11
C GLN C 35 3.72 43.39 -7.72
N GLN C 36 3.74 42.72 -8.87
CA GLN C 36 2.52 42.26 -9.55
C GLN C 36 1.54 43.40 -9.79
N LEU C 37 2.08 44.56 -10.16
CA LEU C 37 1.22 45.73 -10.42
C LEU C 37 0.36 45.53 -11.66
N HIS C 38 0.87 44.80 -12.66
CA HIS C 38 0.12 44.58 -13.89
C HIS C 38 -1.21 43.87 -13.61
N ALA C 39 -1.20 42.88 -12.72
CA ALA C 39 -2.42 42.17 -12.38
C ALA C 39 -3.35 43.01 -11.51
N ALA C 40 -2.82 44.01 -10.81
CA ALA C 40 -3.66 44.82 -9.93
C ALA C 40 -4.55 45.78 -10.69
N MET C 41 -4.08 46.28 -11.83
CA MET C 41 -4.85 47.23 -12.65
C MET C 41 -5.79 46.54 -13.61
N ALA C 42 -6.41 45.43 -13.19
CA ALA C 42 -7.33 44.69 -14.03
C ALA C 42 -8.77 45.05 -13.69
N ASP C 43 -9.68 44.71 -14.62
CA ASP C 43 -11.09 44.99 -14.45
C ASP C 43 -11.95 43.74 -14.28
N THR C 44 -11.37 42.54 -14.41
CA THR C 44 -12.09 41.30 -14.23
C THR C 44 -11.23 40.32 -13.45
N PHE C 45 -11.89 39.45 -12.68
CA PHE C 45 -11.16 38.41 -11.95
C PHE C 45 -10.50 37.43 -12.91
N LEU C 46 -11.05 37.27 -14.12
CA LEU C 46 -10.46 36.36 -15.09
C LEU C 46 -9.19 36.95 -15.70
N GLU C 47 -9.27 38.18 -16.21
CA GLU C 47 -8.11 38.82 -16.81
C GLU C 47 -7.03 39.09 -15.77
N HIS C 48 -7.41 39.28 -14.50
CA HIS C 48 -6.42 39.42 -13.43
C HIS C 48 -5.61 38.15 -13.24
N MET C 49 -6.18 36.98 -13.60
CA MET C 49 -5.48 35.72 -13.47
C MET C 49 -4.53 35.47 -14.63
N CYS C 50 -4.85 35.99 -15.82
CA CYS C 50 -3.99 35.80 -16.98
C CYS C 50 -2.79 36.75 -16.99
N ARG C 51 -2.86 37.84 -16.23
CA ARG C 51 -1.78 38.82 -16.19
C ARG C 51 -0.76 38.54 -15.08
N LEU C 52 -0.94 37.46 -14.33
CA LEU C 52 0.02 37.09 -13.30
C LEU C 52 1.35 36.71 -13.94
N ASP C 53 2.43 37.34 -13.46
CA ASP C 53 3.76 37.14 -14.03
C ASP C 53 4.71 36.63 -12.96
N ILE C 54 5.57 35.68 -13.34
CA ILE C 54 6.55 35.15 -12.42
C ILE C 54 7.86 35.94 -12.46
N ASP C 55 8.08 36.74 -13.49
CA ASP C 55 9.20 37.67 -13.55
C ASP C 55 8.88 39.00 -12.89
N SER C 56 7.78 39.07 -12.12
CA SER C 56 7.42 40.22 -11.32
C SER C 56 7.75 39.95 -9.86
N PRO C 57 8.95 40.31 -9.40
CA PRO C 57 9.38 39.87 -8.08
C PRO C 57 8.66 40.64 -6.99
N PRO C 58 8.43 40.02 -5.83
CA PRO C 58 7.83 40.76 -4.71
C PRO C 58 8.79 41.80 -4.17
N ILE C 59 8.23 42.95 -3.77
CA ILE C 59 9.01 44.06 -3.26
C ILE C 59 8.66 44.39 -1.83
N THR C 60 7.38 44.32 -1.48
CA THR C 60 6.95 44.64 -0.12
C THR C 60 7.37 43.53 0.84
N ALA C 61 7.28 43.85 2.13
CA ALA C 61 7.61 42.87 3.16
C ALA C 61 6.51 41.82 3.25
N ARG C 62 6.73 40.82 4.11
CA ARG C 62 5.75 39.76 4.31
C ARG C 62 4.64 40.23 5.22
N ASN C 63 3.40 40.02 4.79
CA ASN C 63 2.22 40.52 5.50
C ASN C 63 1.40 39.41 6.14
N THR C 64 1.96 38.23 6.35
CA THR C 64 1.23 37.13 6.96
C THR C 64 2.05 36.56 8.11
N GLY C 65 1.42 36.40 9.27
CA GLY C 65 2.09 35.88 10.44
C GLY C 65 2.44 34.40 10.32
N ILE C 66 3.46 33.99 11.06
CA ILE C 66 3.90 32.59 11.04
C ILE C 66 3.97 32.04 12.46
N ILE C 67 3.36 30.87 12.65
CA ILE C 67 3.36 30.22 13.96
C ILE C 67 3.99 28.84 13.82
N CYS C 68 5.03 28.58 14.61
CA CYS C 68 5.73 27.30 14.61
C CYS C 68 5.67 26.70 16.00
N THR C 69 5.32 25.41 16.07
CA THR C 69 5.29 24.71 17.34
C THR C 69 6.70 24.28 17.75
N ILE C 70 7.01 24.45 19.03
CA ILE C 70 8.32 24.13 19.56
C ILE C 70 8.32 22.68 20.06
N GLY C 71 9.42 21.98 19.82
CA GLY C 71 9.57 20.62 20.28
C GLY C 71 11.03 20.21 20.40
N PRO C 72 11.29 18.90 20.46
CA PRO C 72 12.68 18.43 20.56
C PRO C 72 13.56 18.83 19.39
N ALA C 73 12.97 19.18 18.25
CA ALA C 73 13.74 19.60 17.09
C ALA C 73 14.05 21.08 17.06
N SER C 74 13.50 21.86 18.01
CA SER C 74 13.67 23.30 17.98
C SER C 74 13.58 23.92 19.37
N ARG C 75 13.99 23.18 20.40
CA ARG C 75 13.89 23.67 21.77
C ARG C 75 15.14 24.42 22.22
N SER C 76 16.30 24.10 21.66
CA SER C 76 17.54 24.74 22.09
C SER C 76 17.54 26.22 21.73
N VAL C 77 18.31 27.00 22.50
CA VAL C 77 18.37 28.44 22.28
C VAL C 77 19.00 28.75 20.94
N GLU C 78 20.06 28.01 20.57
CA GLU C 78 20.76 28.30 19.32
C GLU C 78 19.88 28.02 18.11
N THR C 79 19.08 26.95 18.15
CA THR C 79 18.16 26.70 17.05
C THR C 79 16.98 27.66 17.08
N LEU C 80 16.64 28.18 18.25
CA LEU C 80 15.55 29.16 18.35
C LEU C 80 15.97 30.50 17.76
N LYS C 81 17.24 30.87 17.91
CA LYS C 81 17.72 32.14 17.35
C LYS C 81 17.67 32.13 15.82
N GLU C 82 17.89 30.97 15.20
CA GLU C 82 17.85 30.88 13.75
C GLU C 82 16.42 30.92 13.21
N MET C 83 15.45 30.44 14.00
CA MET C 83 14.07 30.46 13.55
C MET C 83 13.51 31.87 13.46
N ILE C 84 13.97 32.78 14.33
CA ILE C 84 13.58 34.17 14.24
C ILE C 84 14.15 34.80 12.98
N LYS C 85 15.43 34.59 12.72
CA LYS C 85 16.05 35.09 11.49
C LYS C 85 15.35 34.55 10.25
N SER C 86 14.60 33.46 10.38
CA SER C 86 13.88 32.89 9.26
C SER C 86 12.46 33.42 9.14
N GLY C 87 11.91 34.01 10.20
CA GLY C 87 10.61 34.65 10.11
C GLY C 87 9.56 34.14 11.08
N MET C 88 9.99 33.54 12.19
CA MET C 88 9.04 33.06 13.18
C MET C 88 8.48 34.23 13.98
N ASN C 89 7.16 34.29 14.10
CA ASN C 89 6.50 35.37 14.83
C ASN C 89 5.79 34.93 16.11
N VAL C 90 5.38 33.67 16.16
CA VAL C 90 4.68 33.16 17.33
C VAL C 90 5.11 31.74 17.70
N ALA C 91 5.59 31.58 18.93
CA ALA C 91 6.01 30.28 19.43
C ALA C 91 4.87 29.66 20.21
N ARG C 92 4.40 28.50 19.75
CA ARG C 92 3.23 27.84 20.30
C ARG C 92 3.65 26.65 21.16
N LEU C 93 3.13 26.59 22.38
CA LEU C 93 3.38 25.47 23.29
C LEU C 93 2.14 24.58 23.33
N ASN C 94 2.34 23.29 23.08
CA ASN C 94 1.25 22.32 23.01
C ASN C 94 1.15 21.59 24.34
N PHE C 95 0.02 21.76 25.03
CA PHE C 95 -0.16 21.24 26.38
C PHE C 95 -0.92 19.92 26.42
N SER C 96 -0.93 19.17 25.33
CA SER C 96 -1.39 17.78 25.39
C SER C 96 -0.25 16.82 25.74
N HIS C 97 0.98 17.32 25.83
CA HIS C 97 2.12 16.56 26.30
C HIS C 97 2.95 17.48 27.21
N GLY C 98 4.01 16.92 27.78
CA GLY C 98 4.95 17.70 28.57
C GLY C 98 4.45 18.07 29.95
N THR C 99 5.37 18.30 30.88
CA THR C 99 5.04 18.70 32.23
C THR C 99 5.07 20.22 32.36
N HIS C 100 4.77 20.72 33.56
CA HIS C 100 4.87 22.15 33.80
C HIS C 100 6.32 22.60 33.81
N GLU C 101 7.21 21.80 34.41
CA GLU C 101 8.63 22.13 34.40
C GLU C 101 9.21 22.06 33.01
N TYR C 102 8.72 21.14 32.17
CA TYR C 102 9.19 21.04 30.80
C TYR C 102 8.84 22.28 30.00
N HIS C 103 7.57 22.69 30.05
CA HIS C 103 7.14 23.90 29.33
C HIS C 103 7.77 25.15 29.89
N ALA C 104 8.05 25.18 31.21
CA ALA C 104 8.66 26.35 31.81
C ALA C 104 10.03 26.63 31.21
N GLU C 105 10.80 25.58 30.91
CA GLU C 105 12.09 25.78 30.26
C GLU C 105 11.93 26.19 28.80
N THR C 106 10.85 25.73 28.15
CA THR C 106 10.59 26.13 26.78
C THR C 106 10.30 27.62 26.70
N ILE C 107 9.49 28.15 27.62
CA ILE C 107 9.21 29.58 27.63
C ILE C 107 10.45 30.37 28.00
N LYS C 108 11.33 29.80 28.82
CA LYS C 108 12.55 30.52 29.19
C LYS C 108 13.51 30.58 28.02
N ASN C 109 13.69 29.47 27.30
CA ASN C 109 14.60 29.45 26.16
C ASN C 109 14.10 30.33 25.02
N VAL C 110 12.79 30.41 24.84
CA VAL C 110 12.22 31.29 23.81
C VAL C 110 12.54 32.75 24.14
N ARG C 111 12.23 33.18 25.36
CA ARG C 111 12.51 34.56 25.75
C ARG C 111 14.00 34.86 25.73
N THR C 112 14.84 33.87 26.03
CA THR C 112 16.28 34.10 26.03
C THR C 112 16.79 34.34 24.61
N ALA C 113 16.27 33.59 23.63
CA ALA C 113 16.80 33.66 22.28
C ALA C 113 16.40 34.95 21.56
N THR C 114 15.32 35.59 21.98
CA THR C 114 14.79 36.73 21.25
C THR C 114 15.37 38.05 21.72
N GLU C 115 15.66 38.18 23.02
CA GLU C 115 16.36 39.39 23.44
C GLU C 115 17.83 39.37 23.11
N SER C 116 18.25 38.34 22.37
CA SER C 116 19.57 38.33 21.75
C SER C 116 19.75 39.48 20.77
N PHE C 117 18.65 40.06 20.28
CA PHE C 117 18.70 41.14 19.30
C PHE C 117 18.22 42.47 19.88
N ALA C 118 18.09 42.58 21.20
CA ALA C 118 17.58 43.80 21.83
C ALA C 118 18.63 44.89 21.94
N SER C 119 19.83 44.69 21.42
CA SER C 119 20.87 45.71 21.49
C SER C 119 20.45 46.97 20.72
N ASP C 120 20.04 46.80 19.47
CA ASP C 120 19.57 47.92 18.65
C ASP C 120 18.05 47.81 18.50
N PRO C 121 17.27 48.70 19.14
CA PRO C 121 15.82 48.66 18.97
C PRO C 121 15.35 49.04 17.57
N ILE C 122 16.24 49.50 16.70
CA ILE C 122 15.86 49.79 15.31
C ILE C 122 15.75 48.54 14.46
N LEU C 123 15.99 47.36 15.04
CA LEU C 123 15.85 46.11 14.27
C LEU C 123 15.33 44.96 15.13
N TYR C 124 14.77 45.24 16.31
CA TYR C 124 14.27 44.20 17.19
C TYR C 124 12.90 43.73 16.72
N ARG C 125 12.69 42.41 16.75
CA ARG C 125 11.43 41.81 16.32
C ARG C 125 10.73 41.18 17.51
N PRO C 126 9.53 41.61 17.87
CA PRO C 126 8.82 40.97 18.99
C PRO C 126 8.31 39.59 18.61
N VAL C 127 7.96 38.82 19.64
CA VAL C 127 7.58 37.42 19.48
C VAL C 127 6.57 37.04 20.56
N ALA C 128 5.41 36.55 20.14
CA ALA C 128 4.36 36.19 21.08
C ALA C 128 4.54 34.75 21.57
N VAL C 129 3.82 34.42 22.65
CA VAL C 129 3.83 33.08 23.22
C VAL C 129 2.40 32.60 23.31
N ALA C 130 2.09 31.48 22.65
CA ALA C 130 0.74 30.96 22.54
C ALA C 130 0.56 29.73 23.43
N LEU C 131 -0.66 29.57 23.94
CA LEU C 131 -1.03 28.46 24.81
C LEU C 131 -2.07 27.61 24.09
N ASP C 132 -1.78 26.31 23.96
CA ASP C 132 -2.68 25.36 23.33
C ASP C 132 -3.09 24.33 24.37
N THR C 133 -4.36 24.37 24.79
CA THR C 133 -4.83 23.49 25.85
C THR C 133 -5.05 22.08 25.32
N LYS C 134 -4.92 21.10 26.22
CA LYS C 134 -5.24 19.72 25.87
C LYS C 134 -6.73 19.57 25.58
N GLY C 135 -7.57 20.13 26.44
CA GLY C 135 -9.00 20.09 26.24
C GLY C 135 -9.58 18.70 26.50
N PRO C 136 -10.81 18.48 26.01
CA PRO C 136 -11.44 17.17 26.21
C PRO C 136 -11.07 16.15 25.14
N GLU C 137 -10.07 15.33 25.41
CA GLU C 137 -9.58 14.34 24.47
C GLU C 137 -9.68 12.95 25.08
N ILE C 138 -10.02 11.96 24.25
CA ILE C 138 -10.11 10.57 24.66
C ILE C 138 -8.95 9.82 24.04
N ARG C 139 -8.20 9.08 24.86
CA ARG C 139 -7.05 8.32 24.41
C ARG C 139 -7.10 6.91 24.98
N THR C 140 -6.61 5.96 24.21
CA THR C 140 -6.62 4.55 24.61
C THR C 140 -5.53 4.29 25.65
N GLY C 141 -5.44 3.03 26.08
CA GLY C 141 -4.45 2.62 27.05
C GLY C 141 -3.27 1.87 26.42
N LEU C 142 -2.40 1.39 27.29
CA LEU C 142 -1.22 0.66 26.84
C LEU C 142 -1.61 -0.72 26.33
N ILE C 143 -0.63 -1.41 25.75
CA ILE C 143 -0.84 -2.74 25.18
C ILE C 143 0.21 -3.69 25.71
N LYS C 144 -0.11 -4.98 25.66
CA LYS C 144 0.77 -6.05 26.12
C LYS C 144 1.21 -5.85 27.56
N ALA C 149 5.05 -1.71 20.60
CA ALA C 149 4.01 -2.71 20.80
C ALA C 149 2.75 -2.39 20.00
N GLU C 150 2.57 -3.09 18.89
CA GLU C 150 1.43 -2.90 18.01
C GLU C 150 0.82 -4.25 17.66
N VAL C 151 -0.44 -4.22 17.24
CA VAL C 151 -1.18 -5.42 16.88
C VAL C 151 -2.05 -5.10 15.67
N GLU C 152 -1.79 -5.79 14.56
CA GLU C 152 -2.59 -5.58 13.35
C GLU C 152 -4.02 -6.07 13.57
N LEU C 153 -4.93 -5.54 12.76
CA LEU C 153 -6.34 -5.89 12.82
C LEU C 153 -6.83 -6.32 11.45
N LYS C 154 -7.88 -7.12 11.44
CA LYS C 154 -8.43 -7.66 10.21
C LYS C 154 -9.48 -6.72 9.63
N LYS C 155 -9.93 -7.04 8.41
CA LYS C 155 -10.90 -6.21 7.70
C LYS C 155 -12.33 -6.44 8.17
N GLY C 156 -12.57 -7.39 9.08
CA GLY C 156 -13.91 -7.66 9.56
C GLY C 156 -13.93 -8.55 10.78
N ALA C 157 -13.06 -8.28 11.75
CA ALA C 157 -12.99 -9.06 12.97
C ALA C 157 -13.85 -8.38 14.04
N THR C 158 -13.64 -8.74 15.30
CA THR C 158 -14.39 -8.19 16.42
C THR C 158 -13.42 -7.66 17.47
N LEU C 159 -13.78 -6.52 18.07
CA LEU C 159 -12.99 -5.92 19.15
C LEU C 159 -13.96 -5.39 20.20
N LYS C 160 -13.84 -5.90 21.42
CA LYS C 160 -14.74 -5.52 22.51
C LYS C 160 -14.11 -4.40 23.31
N ILE C 161 -14.68 -3.20 23.22
CA ILE C 161 -14.19 -2.08 24.00
C ILE C 161 -14.58 -2.30 25.46
N THR C 162 -13.60 -2.17 26.35
CA THR C 162 -13.79 -2.43 27.77
C THR C 162 -13.51 -1.16 28.55
N LEU C 163 -14.55 -0.60 29.16
CA LEU C 163 -14.42 0.54 30.06
C LEU C 163 -14.10 0.13 31.48
N ASP C 164 -13.73 -1.15 31.70
CA ASP C 164 -13.40 -1.62 33.03
C ASP C 164 -12.20 -0.87 33.58
N ASN C 165 -12.29 -0.46 34.85
CA ASN C 165 -11.27 0.38 35.48
C ASN C 165 -10.15 -0.56 35.90
N ALA C 166 -9.68 -1.41 34.97
CA ALA C 166 -8.46 -2.18 35.17
C ALA C 166 -7.21 -1.39 34.80
N TYR C 167 -7.36 -0.18 34.26
CA TYR C 167 -6.25 0.62 33.75
C TYR C 167 -5.35 -0.22 32.85
N MET C 168 -5.93 -0.64 31.73
CA MET C 168 -5.35 -1.68 30.89
C MET C 168 -3.95 -1.16 30.63
N GLU C 169 -2.95 -1.83 31.19
CA GLU C 169 -1.58 -1.90 30.70
C GLU C 169 -1.36 -3.14 29.83
N LYS C 170 -2.44 -3.88 29.54
CA LYS C 170 -2.40 -5.08 28.70
C LYS C 170 -3.66 -5.07 27.85
N CYS C 171 -3.55 -4.52 26.64
CA CYS C 171 -4.65 -4.49 25.68
C CYS C 171 -4.20 -5.23 24.43
N ASP C 172 -4.69 -6.46 24.25
CA ASP C 172 -4.35 -7.26 23.09
C ASP C 172 -5.22 -6.83 21.91
N GLU C 173 -5.19 -7.62 20.82
CA GLU C 173 -5.93 -7.30 19.61
C GLU C 173 -7.39 -7.73 19.65
N ASN C 174 -8.05 -7.58 20.80
CA ASN C 174 -9.45 -7.98 20.91
C ASN C 174 -10.00 -6.84 21.75
N ILE C 175 -9.44 -6.63 22.94
CA ILE C 175 -10.04 -5.88 24.04
C ILE C 175 -9.26 -4.60 24.29
N LEU C 176 -9.81 -3.47 23.86
CA LEU C 176 -9.18 -2.17 24.04
C LEU C 176 -9.82 -1.44 25.23
N TRP C 177 -9.11 -0.42 25.71
CA TRP C 177 -9.53 0.33 26.89
C TRP C 177 -9.39 1.82 26.60
N LEU C 178 -10.42 2.58 26.94
CA LEU C 178 -10.43 4.02 26.79
C LEU C 178 -10.60 4.67 28.16
N ASP C 179 -10.45 6.00 28.19
CA ASP C 179 -10.62 6.79 29.41
C ASP C 179 -11.84 7.70 29.33
N TYR C 180 -12.85 7.31 28.55
CA TYR C 180 -14.08 8.07 28.41
C TYR C 180 -15.23 7.19 28.89
N LYS C 181 -15.63 7.38 30.15
CA LYS C 181 -16.71 6.58 30.75
C LYS C 181 -18.07 7.22 30.47
N ASN C 182 -18.40 7.30 29.18
CA ASN C 182 -19.67 7.89 28.76
C ASN C 182 -19.99 7.48 27.32
N ILE C 183 -19.07 6.76 26.67
CA ILE C 183 -19.29 6.32 25.30
C ILE C 183 -20.47 5.38 25.21
N CYS C 184 -20.81 4.70 26.31
CA CYS C 184 -21.97 3.81 26.32
C CYS C 184 -23.27 4.60 26.25
N LYS C 185 -23.32 5.74 26.92
CA LYS C 185 -24.51 6.58 26.94
C LYS C 185 -24.49 7.69 25.90
N VAL C 186 -23.48 7.69 25.01
CA VAL C 186 -23.35 8.70 23.99
C VAL C 186 -23.41 8.14 22.58
N VAL C 187 -23.57 6.82 22.43
CA VAL C 187 -23.62 6.17 21.13
C VAL C 187 -24.74 5.14 21.14
N GLU C 188 -25.01 4.58 19.96
CA GLU C 188 -26.03 3.56 19.79
C GLU C 188 -25.56 2.56 18.75
N VAL C 189 -26.28 1.44 18.66
CA VAL C 189 -25.92 0.38 17.71
C VAL C 189 -26.01 0.92 16.30
N GLY C 190 -24.86 1.08 15.66
CA GLY C 190 -24.80 1.66 14.33
C GLY C 190 -23.99 2.94 14.31
N SER C 191 -23.15 3.14 15.32
CA SER C 191 -22.34 4.32 15.44
C SER C 191 -20.96 4.03 14.86
N LYS C 192 -20.02 4.94 14.99
CA LYS C 192 -18.72 4.84 14.36
C LYS C 192 -17.70 5.59 15.24
N ILE C 193 -16.62 4.90 15.59
CA ILE C 193 -15.56 5.46 16.41
C ILE C 193 -14.24 5.32 15.65
N TYR C 194 -13.52 6.42 15.53
CA TYR C 194 -12.26 6.46 14.79
C TYR C 194 -11.09 6.39 15.76
N VAL C 195 -10.07 5.61 15.38
CA VAL C 195 -8.90 5.40 16.22
C VAL C 195 -7.65 5.75 15.44
N ASP C 196 -6.69 6.38 16.11
CA ASP C 196 -5.39 6.73 15.54
C ASP C 196 -5.44 7.66 14.33
N ASP C 197 -5.84 8.91 14.55
CA ASP C 197 -5.94 9.92 13.47
C ASP C 197 -6.95 9.50 12.40
N GLY C 198 -8.02 8.83 12.80
CA GLY C 198 -9.00 8.37 11.84
C GLY C 198 -8.49 7.35 10.86
N LEU C 199 -7.40 6.64 11.19
CA LEU C 199 -6.87 5.63 10.29
C LEU C 199 -7.62 4.31 10.44
N ILE C 200 -7.98 3.95 11.67
CA ILE C 200 -8.75 2.74 11.95
C ILE C 200 -10.08 3.16 12.57
N SER C 201 -11.17 2.70 11.98
CA SER C 201 -12.51 3.06 12.46
C SER C 201 -13.40 1.84 12.47
N LEU C 202 -14.11 1.64 13.57
CA LEU C 202 -15.01 0.52 13.75
C LEU C 202 -16.46 0.98 13.69
N GLN C 203 -17.36 0.01 13.59
CA GLN C 203 -18.80 0.25 13.66
C GLN C 203 -19.36 -0.42 14.91
N VAL C 204 -20.41 0.18 15.47
CA VAL C 204 -20.99 -0.29 16.73
C VAL C 204 -21.99 -1.38 16.38
N LYS C 205 -21.49 -2.62 16.30
CA LYS C 205 -22.35 -3.79 16.14
C LYS C 205 -22.67 -4.35 17.52
N GLN C 206 -23.96 -4.40 17.86
CA GLN C 206 -24.43 -4.74 19.21
C GLN C 206 -23.94 -3.71 20.22
N LYS C 207 -24.31 -3.89 21.48
CA LYS C 207 -23.93 -2.97 22.56
C LYS C 207 -24.31 -3.62 23.88
N GLY C 208 -23.95 -2.93 24.96
CA GLY C 208 -24.21 -3.37 26.32
C GLY C 208 -22.99 -3.62 27.19
N ALA C 209 -21.85 -3.84 26.57
CA ALA C 209 -20.58 -4.11 27.26
C ALA C 209 -19.58 -2.98 27.11
N LEU C 212 -20.04 -3.15 24.63
CA LEU C 212 -19.31 -2.46 23.55
C LEU C 212 -18.54 -3.43 22.67
N VAL C 213 -19.25 -4.22 21.87
CA VAL C 213 -18.67 -5.02 20.81
C VAL C 213 -18.67 -4.18 19.53
N THR C 214 -17.68 -4.41 18.67
CA THR C 214 -17.54 -3.60 17.47
C THR C 214 -16.92 -4.45 16.36
N GLU C 215 -17.16 -4.02 15.12
CA GLU C 215 -16.62 -4.69 13.94
C GLU C 215 -15.63 -3.75 13.25
N VAL C 216 -14.47 -4.29 12.89
CA VAL C 216 -13.41 -3.49 12.27
C VAL C 216 -13.86 -3.14 10.84
N GLU C 217 -14.20 -1.87 10.63
CA GLU C 217 -14.62 -1.38 9.32
C GLU C 217 -13.46 -0.83 8.50
N ASN C 218 -12.23 -0.92 9.00
CA ASN C 218 -11.07 -0.39 8.28
C ASN C 218 -9.93 -1.39 8.31
N GLY C 219 -9.20 -1.45 9.42
CA GLY C 219 -8.09 -2.37 9.55
C GLY C 219 -6.74 -1.70 9.49
N GLY C 220 -6.00 -1.76 10.59
CA GLY C 220 -4.69 -1.14 10.65
C GLY C 220 -3.88 -1.70 11.79
N SER C 221 -2.88 -0.93 12.21
CA SER C 221 -2.00 -1.30 13.31
C SER C 221 -2.29 -0.36 14.49
N LEU C 222 -2.84 -0.92 15.57
CA LEU C 222 -3.19 -0.14 16.74
C LEU C 222 -2.02 -0.17 17.73
N GLY C 223 -1.55 1.01 18.12
CA GLY C 223 -0.46 1.15 19.06
C GLY C 223 -0.95 1.39 20.48
N SER C 224 -0.07 1.95 21.30
CA SER C 224 -0.35 2.22 22.70
C SER C 224 -0.72 3.68 22.89
N LYS C 225 -1.85 3.92 23.56
CA LYS C 225 -2.34 5.26 23.86
C LYS C 225 -2.58 6.20 22.68
N LYS C 226 -3.55 5.86 21.83
CA LYS C 226 -3.83 6.59 20.61
C LYS C 226 -5.12 7.40 20.77
N GLY C 227 -5.26 8.42 19.92
CA GLY C 227 -6.41 9.29 19.98
C GLY C 227 -7.66 8.64 19.40
N VAL C 228 -8.81 9.05 19.94
CA VAL C 228 -10.11 8.55 19.51
C VAL C 228 -11.03 9.72 19.23
N ASN C 229 -11.85 9.60 18.20
CA ASN C 229 -12.80 10.64 17.80
C ASN C 229 -14.20 10.04 17.71
N LEU C 230 -15.14 10.67 18.40
CA LEU C 230 -16.54 10.25 18.39
C LEU C 230 -17.36 11.27 17.62
N PRO C 231 -17.51 11.12 16.30
CA PRO C 231 -18.21 12.13 15.47
C PRO C 231 -19.73 12.00 15.55
N GLY C 232 -20.29 12.32 16.71
CA GLY C 232 -21.72 12.20 16.90
C GLY C 232 -22.29 13.02 18.03
N ALA C 233 -22.83 12.34 19.04
CA ALA C 233 -23.53 13.00 20.14
C ALA C 233 -22.56 13.85 20.96
N ALA C 234 -23.13 14.61 21.89
CA ALA C 234 -22.35 15.51 22.73
C ALA C 234 -21.72 14.76 23.89
N VAL C 235 -20.40 14.89 24.03
CA VAL C 235 -19.69 14.30 25.17
C VAL C 235 -19.79 15.25 26.35
N ASP C 236 -20.05 14.70 27.53
CA ASP C 236 -20.22 15.49 28.74
C ASP C 236 -18.90 15.97 29.34
N LEU C 237 -17.79 15.75 28.65
CA LEU C 237 -16.50 16.18 29.18
C LEU C 237 -16.44 17.71 29.21
N PRO C 238 -15.91 18.29 30.29
CA PRO C 238 -15.84 19.75 30.36
C PRO C 238 -14.75 20.30 29.45
N ALA C 239 -15.07 21.42 28.79
CA ALA C 239 -14.08 22.08 27.94
C ALA C 239 -12.91 22.59 28.77
N VAL C 240 -13.19 23.06 30.00
CA VAL C 240 -12.15 23.44 30.94
C VAL C 240 -12.13 22.41 32.06
N SER C 241 -11.34 21.35 31.88
CA SER C 241 -11.26 20.23 32.83
C SER C 241 -10.23 20.55 33.92
N GLU C 242 -10.31 19.76 35.00
CA GLU C 242 -9.47 20.00 36.18
C GLU C 242 -8.00 20.11 35.82
N LYS C 243 -7.56 19.42 34.76
CA LYS C 243 -6.16 19.52 34.36
C LYS C 243 -5.91 20.85 33.66
N ASP C 244 -6.85 21.32 32.85
CA ASP C 244 -6.70 22.58 32.15
C ASP C 244 -6.85 23.80 33.05
N ILE C 245 -7.57 23.67 34.17
CA ILE C 245 -7.70 24.78 35.12
C ILE C 245 -6.33 25.15 35.67
N GLN C 246 -5.53 24.16 36.08
CA GLN C 246 -4.14 24.41 36.46
C GLN C 246 -3.24 24.70 35.27
N ASP C 247 -3.69 24.38 34.05
CA ASP C 247 -2.90 24.69 32.88
C ASP C 247 -3.06 26.15 32.46
N LEU C 248 -4.28 26.67 32.53
CA LEU C 248 -4.51 28.06 32.17
C LEU C 248 -3.98 29.01 33.25
N LYS C 249 -4.11 28.62 34.53
CA LYS C 249 -3.51 29.41 35.61
C LYS C 249 -2.01 29.49 35.46
N PHE C 250 -1.37 28.44 34.96
CA PHE C 250 0.08 28.46 34.76
C PHE C 250 0.48 29.49 33.72
N GLY C 251 -0.30 29.62 32.65
CA GLY C 251 -0.02 30.64 31.65
C GLY C 251 -0.28 32.04 32.14
N VAL C 252 -1.29 32.21 33.00
CA VAL C 252 -1.53 33.51 33.61
C VAL C 252 -0.36 33.90 34.51
N GLU C 253 0.18 32.93 35.25
CA GLU C 253 1.32 33.18 36.11
C GLU C 253 2.61 33.34 35.32
N GLN C 254 2.63 32.97 34.04
CA GLN C 254 3.82 33.02 33.21
C GLN C 254 3.79 34.14 32.18
N ASP C 255 2.70 34.92 32.13
CA ASP C 255 2.55 36.04 31.19
C ASP C 255 2.63 35.55 29.74
N VAL C 256 1.72 34.63 29.41
CA VAL C 256 1.53 34.22 28.03
C VAL C 256 0.84 35.36 27.29
N ASP C 257 0.67 35.24 25.98
CA ASP C 257 0.07 36.30 25.20
C ASP C 257 -1.28 35.93 24.59
N MET C 258 -1.55 34.64 24.40
CA MET C 258 -2.83 34.22 23.85
C MET C 258 -3.09 32.78 24.28
N VAL C 259 -4.30 32.32 24.01
CA VAL C 259 -4.76 30.99 24.42
C VAL C 259 -5.52 30.36 23.26
N PHE C 260 -5.12 29.13 22.90
CA PHE C 260 -5.80 28.36 21.85
C PHE C 260 -6.70 27.35 22.54
N ALA C 261 -7.96 27.75 22.77
CA ALA C 261 -8.91 26.87 23.43
C ALA C 261 -9.27 25.72 22.50
N SER C 262 -8.99 24.49 22.95
CA SER C 262 -9.23 23.32 22.13
C SER C 262 -10.66 22.84 22.27
N PHE C 263 -11.24 22.39 21.15
CA PHE C 263 -12.59 21.82 21.11
C PHE C 263 -13.73 22.68 21.62
N ILE C 264 -14.00 23.79 20.94
CA ILE C 264 -15.00 24.77 21.36
C ILE C 264 -16.27 24.51 20.56
N ARG C 265 -17.38 24.29 21.26
CA ARG C 265 -18.65 24.03 20.61
C ARG C 265 -19.71 25.10 20.87
N LYS C 266 -19.70 25.73 22.03
CA LYS C 266 -20.67 26.77 22.37
C LYS C 266 -19.96 27.97 22.96
N ALA C 267 -20.62 29.12 22.91
CA ALA C 267 -20.03 30.34 23.46
C ALA C 267 -19.86 30.25 24.98
N SER C 268 -20.60 29.36 25.64
CA SER C 268 -20.39 29.16 27.07
C SER C 268 -18.99 28.64 27.36
N ASP C 269 -18.39 27.92 26.40
CA ASP C 269 -17.02 27.46 26.57
C ASP C 269 -16.05 28.63 26.55
N VAL C 270 -16.20 29.55 25.59
CA VAL C 270 -15.36 30.74 25.55
C VAL C 270 -15.63 31.62 26.76
N HIS C 271 -16.86 31.61 27.26
CA HIS C 271 -17.16 32.32 28.50
C HIS C 271 -16.45 31.69 29.68
N GLU C 272 -16.52 30.35 29.80
CA GLU C 272 -15.92 29.66 30.94
C GLU C 272 -14.39 29.74 30.90
N VAL C 273 -13.79 29.78 29.71
CA VAL C 273 -12.34 29.88 29.62
C VAL C 273 -11.89 31.28 30.03
N ARG C 274 -12.62 32.32 29.60
CA ARG C 274 -12.27 33.67 30.02
C ARG C 274 -12.47 33.87 31.51
N LYS C 275 -13.50 33.22 32.09
CA LYS C 275 -13.71 33.31 33.53
C LYS C 275 -12.58 32.66 34.31
N VAL C 276 -12.00 31.57 33.78
CA VAL C 276 -10.91 30.91 34.48
C VAL C 276 -9.65 31.78 34.48
N LEU C 277 -9.40 32.49 33.38
CA LEU C 277 -8.28 33.42 33.35
C LEU C 277 -8.46 34.54 34.36
N GLY C 278 -9.71 34.94 34.60
CA GLY C 278 -10.03 35.83 35.70
C GLY C 278 -9.48 37.23 35.54
N GLU C 279 -9.18 37.85 36.68
CA GLU C 279 -8.79 39.26 36.71
C GLU C 279 -7.36 39.46 36.25
N LYS C 280 -6.43 38.60 36.68
CA LYS C 280 -5.02 38.81 36.37
C LYS C 280 -4.74 38.69 34.88
N GLY C 281 -5.46 37.82 34.17
CA GLY C 281 -5.27 37.67 32.74
C GLY C 281 -6.38 38.30 31.93
N LYS C 282 -6.61 39.60 32.12
CA LYS C 282 -7.74 40.25 31.47
C LYS C 282 -7.49 40.47 29.99
N ASN C 283 -6.25 40.80 29.60
CA ASN C 283 -5.94 41.17 28.24
C ASN C 283 -5.30 40.04 27.43
N ILE C 284 -5.55 38.79 27.82
CA ILE C 284 -5.08 37.65 27.06
C ILE C 284 -6.10 37.32 26.00
N LYS C 285 -5.66 37.27 24.74
CA LYS C 285 -6.57 37.03 23.63
C LYS C 285 -6.91 35.55 23.55
N ILE C 286 -8.21 35.25 23.51
CA ILE C 286 -8.71 33.88 23.45
C ILE C 286 -8.98 33.53 22.00
N ILE C 287 -8.40 32.41 21.55
CA ILE C 287 -8.61 31.89 20.20
C ILE C 287 -9.37 30.57 20.35
N SER C 288 -10.56 30.50 19.78
CA SER C 288 -11.41 29.30 19.86
C SER C 288 -11.13 28.41 18.66
N LYS C 289 -10.70 27.18 18.93
CA LYS C 289 -10.42 26.22 17.87
C LYS C 289 -11.69 25.48 17.49
N ILE C 290 -12.01 25.49 16.20
CA ILE C 290 -13.18 24.82 15.66
C ILE C 290 -12.73 23.47 15.13
N GLU C 291 -13.14 22.38 15.79
CA GLU C 291 -12.63 21.06 15.48
C GLU C 291 -13.70 19.99 15.34
N ASN C 292 -14.99 20.33 15.44
CA ASN C 292 -16.04 19.32 15.38
C ASN C 292 -17.24 19.91 14.67
N HIS C 293 -18.35 19.16 14.67
CA HIS C 293 -19.55 19.58 13.94
C HIS C 293 -20.40 20.55 14.74
N GLU C 294 -20.35 20.48 16.07
CA GLU C 294 -21.13 21.42 16.88
C GLU C 294 -20.56 22.82 16.78
N GLY C 295 -19.24 22.96 16.87
CA GLY C 295 -18.61 24.27 16.81
C GLY C 295 -18.72 24.95 15.46
N VAL C 296 -19.10 24.20 14.42
CA VAL C 296 -19.27 24.78 13.09
C VAL C 296 -20.71 25.24 12.88
N ARG C 297 -21.69 24.48 13.37
CA ARG C 297 -23.09 24.88 13.25
C ARG C 297 -23.44 26.04 14.16
N ARG C 298 -22.57 26.38 15.11
CA ARG C 298 -22.78 27.50 16.02
C ARG C 298 -21.61 28.48 15.95
N PHE C 299 -21.12 28.72 14.73
CA PHE C 299 -19.90 29.52 14.56
C PHE C 299 -20.16 30.99 14.88
N ASP C 300 -21.26 31.55 14.37
CA ASP C 300 -21.58 32.95 14.64
C ASP C 300 -21.71 33.21 16.14
N GLU C 301 -22.20 32.24 16.89
CA GLU C 301 -22.31 32.39 18.34
C GLU C 301 -20.92 32.41 18.99
N ILE C 302 -19.99 31.59 18.48
CA ILE C 302 -18.66 31.49 19.09
C ILE C 302 -17.77 32.64 18.65
N LEU C 303 -17.90 33.07 17.38
CA LEU C 303 -17.09 34.17 16.89
C LEU C 303 -17.43 35.47 17.61
N GLU C 304 -18.71 35.70 17.91
CA GLU C 304 -19.13 36.91 18.59
C GLU C 304 -18.64 36.97 20.04
N ALA C 305 -18.22 35.84 20.60
CA ALA C 305 -17.79 35.77 21.99
C ALA C 305 -16.30 35.57 22.15
N SER C 306 -15.56 35.44 21.06
CA SER C 306 -14.13 35.18 21.10
C SER C 306 -13.36 36.35 20.50
N ASP C 307 -12.06 36.37 20.77
CA ASP C 307 -11.15 37.36 20.20
C ASP C 307 -10.55 36.90 18.87
N GLY C 308 -10.77 35.64 18.48
CA GLY C 308 -10.19 35.13 17.25
C GLY C 308 -10.62 33.70 17.06
N ILE C 309 -10.18 33.13 15.94
CA ILE C 309 -10.57 31.78 15.53
C ILE C 309 -9.39 31.08 14.89
N MET C 310 -9.43 29.75 14.91
CA MET C 310 -8.42 28.92 14.26
C MET C 310 -9.10 27.73 13.63
N VAL C 311 -8.99 27.60 12.31
CA VAL C 311 -9.54 26.45 11.59
C VAL C 311 -8.59 25.28 11.75
N ALA C 312 -8.72 24.56 12.86
CA ALA C 312 -7.90 23.38 13.11
C ALA C 312 -8.33 22.22 12.20
N ARG C 313 -7.74 22.15 11.01
CA ARG C 313 -8.13 21.16 10.02
C ARG C 313 -7.76 19.74 10.42
N GLY C 314 -6.98 19.56 11.48
CA GLY C 314 -6.60 18.23 11.92
C GLY C 314 -7.73 17.35 12.43
N ASP C 315 -8.26 17.68 13.60
CA ASP C 315 -9.33 16.87 14.19
C ASP C 315 -10.62 17.09 13.42
N LEU C 316 -10.78 18.25 12.78
CA LEU C 316 -12.00 18.53 12.02
C LEU C 316 -12.13 17.64 10.80
N GLY C 317 -11.06 17.19 10.23
CA GLY C 317 -11.20 16.37 9.05
C GLY C 317 -11.59 14.97 9.33
N ILE C 318 -11.85 14.68 10.59
CA ILE C 318 -12.23 13.37 10.99
C ILE C 318 -13.65 13.40 11.43
N GLU C 319 -14.03 14.44 12.13
CA GLU C 319 -15.39 14.55 12.58
C GLU C 319 -16.31 14.87 11.47
N ILE C 320 -15.83 15.47 10.41
CA ILE C 320 -16.63 15.75 9.22
C ILE C 320 -15.94 15.08 8.04
N PRO C 321 -16.66 14.87 6.93
CA PRO C 321 -16.02 14.31 5.73
C PRO C 321 -14.82 15.13 5.29
N ALA C 322 -13.77 14.41 4.86
CA ALA C 322 -12.54 15.06 4.42
C ALA C 322 -12.74 15.87 3.14
N GLU C 323 -13.74 15.53 2.33
CA GLU C 323 -14.00 16.27 1.09
C GLU C 323 -14.84 17.51 1.31
N LYS C 324 -15.09 17.89 2.57
CA LYS C 324 -15.89 19.06 2.88
C LYS C 324 -15.18 20.07 3.78
N VAL C 325 -13.92 19.80 4.16
CA VAL C 325 -13.21 20.71 5.06
C VAL C 325 -12.83 22.00 4.35
N PHE C 326 -12.60 21.94 3.03
CA PHE C 326 -12.29 23.15 2.29
C PHE C 326 -13.45 24.13 2.29
N LEU C 327 -14.69 23.63 2.35
CA LEU C 327 -15.84 24.52 2.46
C LEU C 327 -15.82 25.25 3.79
N ALA C 328 -15.52 24.55 4.89
CA ALA C 328 -15.46 25.18 6.19
C ALA C 328 -14.29 26.16 6.29
N GLN C 329 -13.22 25.91 5.53
CA GLN C 329 -12.05 26.79 5.61
C GLN C 329 -12.36 28.16 4.99
N LYS C 330 -12.95 28.17 3.80
CA LYS C 330 -13.24 29.43 3.13
C LYS C 330 -14.41 30.17 3.79
N MET C 331 -15.31 29.43 4.45
CA MET C 331 -16.46 30.07 5.10
C MET C 331 -16.06 30.76 6.39
N MET C 332 -15.23 30.10 7.21
CA MET C 332 -14.84 30.68 8.48
C MET C 332 -13.88 31.85 8.29
N ILE C 333 -13.07 31.83 7.23
CA ILE C 333 -12.17 32.94 6.97
C ILE C 333 -12.95 34.17 6.51
N GLY C 334 -13.91 33.97 5.60
CA GLY C 334 -14.68 35.08 5.08
C GLY C 334 -15.57 35.76 6.09
N ARG C 335 -15.97 35.06 7.14
CA ARG C 335 -16.81 35.67 8.17
C ARG C 335 -16.01 36.46 9.18
N CYS C 336 -14.75 36.11 9.39
CA CYS C 336 -13.91 36.92 10.27
C CYS C 336 -13.40 38.17 9.56
N ASN C 337 -13.09 38.06 8.27
CA ASN C 337 -12.75 39.25 7.49
C ASN C 337 -13.91 40.23 7.47
N ARG C 338 -15.15 39.73 7.46
CA ARG C 338 -16.31 40.60 7.54
C ARG C 338 -16.49 41.20 8.94
N ALA C 339 -15.93 40.56 9.96
CA ALA C 339 -16.04 41.04 11.33
C ALA C 339 -14.74 41.65 11.85
N GLY C 340 -13.68 41.67 11.05
CA GLY C 340 -12.42 42.24 11.47
C GLY C 340 -11.70 41.48 12.56
N LYS C 341 -11.70 40.15 12.49
CA LYS C 341 -11.02 39.30 13.45
C LYS C 341 -10.04 38.36 12.73
N PRO C 342 -8.98 37.93 13.41
CA PRO C 342 -7.97 37.08 12.76
C PRO C 342 -8.40 35.62 12.63
N VAL C 343 -7.88 34.98 11.58
CA VAL C 343 -8.05 33.56 11.33
C VAL C 343 -6.68 32.90 11.18
N ILE C 344 -6.55 31.70 11.73
CA ILE C 344 -5.34 30.89 11.57
C ILE C 344 -5.70 29.62 10.83
N CYS C 345 -4.94 29.30 9.79
CA CYS C 345 -4.99 27.98 9.16
C CYS C 345 -3.91 27.12 9.80
N ALA C 346 -4.29 25.95 10.29
CA ALA C 346 -3.44 25.24 11.25
C ALA C 346 -2.57 24.08 10.80
N THR C 347 -3.17 22.89 10.68
CA THR C 347 -2.35 21.68 10.66
C THR C 347 -2.10 21.17 9.25
N GLN C 348 -0.95 20.51 9.08
CA GLN C 348 -0.60 19.73 7.90
C GLN C 348 -0.44 20.60 6.65
N MET C 349 0.08 21.82 6.83
CA MET C 349 0.29 22.70 5.69
C MET C 349 1.55 22.31 4.91
N LEU C 350 2.61 21.93 5.61
CA LEU C 350 3.87 21.47 5.00
C LEU C 350 4.27 20.13 5.60
N GLU C 351 3.33 19.19 5.63
CA GLU C 351 3.51 17.97 6.42
C GLU C 351 4.68 17.13 5.92
N SER C 352 4.90 17.10 4.61
CA SER C 352 5.96 16.26 4.07
C SER C 352 7.35 16.74 4.46
N MET C 353 7.50 18.00 4.86
CA MET C 353 8.80 18.56 5.26
C MET C 353 9.32 17.99 6.59
N ILE C 354 8.63 16.99 7.14
CA ILE C 354 9.10 16.34 8.36
C ILE C 354 10.26 15.40 8.03
N LYS C 355 10.23 14.76 6.86
CA LYS C 355 11.28 13.84 6.45
C LYS C 355 12.09 14.31 5.25
N LYS C 356 11.59 15.28 4.49
CA LYS C 356 12.27 15.75 3.29
C LYS C 356 12.52 17.25 3.35
N PRO C 357 13.56 17.75 2.67
CA PRO C 357 13.86 19.18 2.74
C PRO C 357 13.11 20.05 1.75
N ARG C 358 12.18 19.48 0.97
CA ARG C 358 11.42 20.26 0.00
C ARG C 358 9.96 19.86 0.08
N PRO C 359 9.03 20.81 -0.07
CA PRO C 359 7.61 20.49 0.06
C PRO C 359 7.03 19.95 -1.24
N THR C 360 5.93 19.22 -1.11
CA THR C 360 5.21 18.76 -2.27
C THR C 360 4.47 19.92 -2.93
N ARG C 361 4.22 19.77 -4.23
CA ARG C 361 3.60 20.84 -5.00
C ARG C 361 2.14 21.04 -4.62
N ALA C 362 1.53 20.08 -3.92
CA ALA C 362 0.22 20.30 -3.34
C ALA C 362 0.31 21.04 -2.01
N GLU C 363 1.42 20.88 -1.30
CA GLU C 363 1.63 21.61 -0.06
C GLU C 363 2.05 23.05 -0.29
N GLY C 364 2.68 23.34 -1.44
CA GLY C 364 2.97 24.73 -1.78
C GLY C 364 1.76 25.51 -2.19
N SER C 365 0.76 24.84 -2.77
CA SER C 365 -0.49 25.49 -3.16
C SER C 365 -1.43 25.72 -1.98
N ASP C 366 -1.29 24.93 -0.91
CA ASP C 366 -2.20 25.05 0.22
C ASP C 366 -2.01 26.37 0.96
N VAL C 367 -0.76 26.74 1.24
CA VAL C 367 -0.52 27.97 1.99
C VAL C 367 -0.68 29.20 1.10
N ALA C 368 -0.47 29.06 -0.20
CA ALA C 368 -0.67 30.19 -1.11
C ALA C 368 -2.15 30.52 -1.22
N ASN C 369 -3.01 29.51 -1.34
CA ASN C 369 -4.44 29.74 -1.35
C ASN C 369 -4.96 30.14 0.03
N ALA C 370 -4.27 29.72 1.09
CA ALA C 370 -4.71 30.06 2.44
C ALA C 370 -4.66 31.57 2.65
N VAL C 371 -3.52 32.19 2.37
CA VAL C 371 -3.43 33.65 2.48
C VAL C 371 -4.22 34.32 1.35
N LEU C 372 -4.46 33.62 0.25
CA LEU C 372 -5.33 34.17 -0.79
C LEU C 372 -6.78 34.18 -0.36
N ASP C 373 -7.18 33.24 0.51
CA ASP C 373 -8.53 33.23 1.06
C ASP C 373 -8.76 34.30 2.10
N GLY C 374 -7.70 34.80 2.74
CA GLY C 374 -7.82 35.88 3.70
C GLY C 374 -7.25 35.55 5.06
N ALA C 375 -6.42 34.52 5.14
CA ALA C 375 -5.85 34.10 6.41
C ALA C 375 -4.91 35.17 6.95
N ASP C 376 -4.93 35.35 8.27
CA ASP C 376 -4.03 36.29 8.93
C ASP C 376 -2.68 35.66 9.23
N CYS C 377 -2.66 34.40 9.66
CA CYS C 377 -1.42 33.70 9.98
C CYS C 377 -1.51 32.27 9.47
N ILE C 378 -0.34 31.68 9.21
CA ILE C 378 -0.23 30.27 8.87
C ILE C 378 0.59 29.58 9.96
N MET C 379 0.36 28.28 10.10
CA MET C 379 0.91 27.53 11.24
C MET C 379 1.70 26.31 10.75
N LEU C 380 2.55 25.82 11.65
CA LEU C 380 3.27 24.55 11.45
C LEU C 380 3.21 23.76 12.74
N SER C 381 2.82 22.49 12.64
CA SER C 381 2.69 21.64 13.83
C SER C 381 3.80 20.66 14.17
N GLY C 382 3.80 19.49 13.52
CA GLY C 382 4.91 18.56 13.61
C GLY C 382 6.07 18.89 12.71
N GLU C 383 5.94 19.90 11.84
CA GLU C 383 7.04 20.28 10.96
C GLU C 383 8.14 21.04 11.70
N THR C 384 7.84 21.64 12.85
CA THR C 384 8.84 22.34 13.64
C THR C 384 9.04 21.75 15.02
N ALA C 385 8.16 20.85 15.48
CA ALA C 385 8.33 20.25 16.80
C ALA C 385 9.27 19.06 16.75
N LYS C 386 9.00 18.09 15.88
CA LYS C 386 9.77 16.86 15.81
C LYS C 386 10.36 16.60 14.43
N GLY C 387 10.26 17.55 13.51
CA GLY C 387 10.72 17.33 12.15
C GLY C 387 12.23 17.25 12.06
N ASP C 388 12.71 16.96 10.85
CA ASP C 388 14.13 16.90 10.57
C ASP C 388 14.67 18.14 9.87
N TYR C 389 13.79 18.97 9.29
CA TYR C 389 14.20 20.20 8.59
C TYR C 389 13.31 21.35 9.05
N PRO C 390 13.41 21.75 10.34
CA PRO C 390 12.49 22.78 10.83
C PRO C 390 12.76 24.15 10.24
N LEU C 391 14.03 24.52 10.06
CA LEU C 391 14.35 25.83 9.51
C LEU C 391 13.82 25.98 8.09
N GLU C 392 14.01 24.95 7.26
CA GLU C 392 13.56 25.03 5.88
C GLU C 392 12.04 25.18 5.78
N ALA C 393 11.30 24.69 6.77
CA ALA C 393 9.86 24.86 6.77
C ALA C 393 9.47 26.30 7.05
N VAL C 394 10.14 26.96 7.99
CA VAL C 394 9.85 28.35 8.29
C VAL C 394 10.15 29.22 7.09
N ARG C 395 11.30 29.01 6.44
CA ARG C 395 11.67 29.83 5.30
C ARG C 395 10.75 29.59 4.11
N MET C 396 10.31 28.34 3.91
CA MET C 396 9.43 28.03 2.80
C MET C 396 8.10 28.76 2.94
N GLN C 397 7.53 28.74 4.15
CA GLN C 397 6.29 29.47 4.40
C GLN C 397 6.48 30.98 4.23
N HIS C 398 7.70 31.47 4.44
CA HIS C 398 7.97 32.90 4.30
C HIS C 398 7.97 33.31 2.83
N LEU C 399 8.63 32.53 1.97
CA LEU C 399 8.76 32.93 0.58
C LEU C 399 7.46 32.81 -0.19
N ILE C 400 6.62 31.83 0.15
CA ILE C 400 5.36 31.65 -0.57
C ILE C 400 4.39 32.78 -0.26
N ALA C 401 4.20 33.08 1.03
CA ALA C 401 3.23 34.10 1.42
C ALA C 401 3.61 35.46 0.86
N ARG C 402 4.92 35.75 0.79
CA ARG C 402 5.35 37.02 0.22
C ARG C 402 5.00 37.12 -1.26
N GLU C 403 5.11 36.01 -1.99
CA GLU C 403 4.71 36.01 -3.40
C GLU C 403 3.20 36.04 -3.56
N ALA C 404 2.47 35.42 -2.64
CA ALA C 404 1.02 35.35 -2.76
C ALA C 404 0.35 36.65 -2.35
N GLU C 405 0.94 37.39 -1.40
CA GLU C 405 0.38 38.69 -1.04
C GLU C 405 0.46 39.67 -2.19
N ALA C 406 1.49 39.56 -3.04
CA ALA C 406 1.62 40.43 -4.20
C ALA C 406 0.56 40.13 -5.26
N ALA C 407 0.00 38.92 -5.29
CA ALA C 407 -0.96 38.53 -6.31
C ALA C 407 -2.40 38.63 -5.82
N ILE C 408 -2.66 39.50 -4.85
CA ILE C 408 -4.00 39.66 -4.30
C ILE C 408 -4.75 40.72 -5.09
N TYR C 409 -6.00 40.43 -5.42
CA TYR C 409 -6.86 41.33 -6.18
C TYR C 409 -7.45 42.36 -5.21
N HIS C 410 -6.70 43.44 -5.00
CA HIS C 410 -7.11 44.45 -4.04
C HIS C 410 -8.29 45.28 -4.54
N LEU C 411 -8.39 45.48 -5.86
CA LEU C 411 -9.43 46.34 -6.40
C LEU C 411 -10.82 45.81 -6.11
N GLN C 412 -10.95 44.50 -5.98
CA GLN C 412 -12.21 43.90 -5.56
C GLN C 412 -12.27 43.63 -4.06
N LEU C 413 -11.12 43.33 -3.44
CA LEU C 413 -11.10 43.04 -2.01
C LEU C 413 -11.46 44.28 -1.19
N PHE C 414 -10.83 45.42 -1.50
CA PHE C 414 -11.09 46.63 -0.74
C PHE C 414 -12.51 47.16 -0.98
N GLU C 415 -13.07 46.93 -2.17
CA GLU C 415 -14.40 47.42 -2.47
C GLU C 415 -15.47 46.65 -1.70
N GLU C 416 -15.36 45.31 -1.67
CA GLU C 416 -16.34 44.49 -0.99
C GLU C 416 -16.23 44.60 0.53
N LEU C 417 -15.06 44.96 1.05
CA LEU C 417 -14.90 45.09 2.49
C LEU C 417 -15.66 46.29 3.03
N ARG C 418 -15.70 47.38 2.27
CA ARG C 418 -16.47 48.55 2.67
C ARG C 418 -17.96 48.38 2.40
N ARG C 419 -18.33 47.69 1.32
CA ARG C 419 -19.73 47.54 0.95
C ARG C 419 -20.50 46.75 1.99
N LEU C 420 -19.83 45.83 2.69
CA LEU C 420 -20.50 45.03 3.71
C LEU C 420 -20.26 45.55 5.13
N ALA C 421 -19.23 46.36 5.34
CA ALA C 421 -19.04 46.98 6.64
C ALA C 421 -20.11 48.05 6.85
N PRO C 422 -20.76 48.07 8.01
CA PRO C 422 -21.88 49.01 8.22
C PRO C 422 -21.37 50.43 8.44
N ILE C 423 -22.31 51.37 8.34
CA ILE C 423 -22.03 52.77 8.56
C ILE C 423 -22.01 53.05 10.06
N THR C 424 -20.86 52.80 10.68
CA THR C 424 -20.66 53.18 12.07
C THR C 424 -20.24 54.64 12.18
N SER C 425 -20.41 55.19 13.39
CA SER C 425 -20.00 56.56 13.72
C SER C 425 -18.81 56.59 14.67
N ASP C 426 -18.04 55.51 14.74
CA ASP C 426 -16.79 55.50 15.49
C ASP C 426 -15.77 56.38 14.74
N PRO C 427 -15.27 57.45 15.36
CA PRO C 427 -14.32 58.30 14.64
C PRO C 427 -13.03 57.58 14.27
N THR C 428 -12.59 56.62 15.08
CA THR C 428 -11.40 55.84 14.75
C THR C 428 -11.64 54.88 13.58
N GLU C 429 -12.90 54.53 13.31
CA GLU C 429 -13.19 53.69 12.16
C GLU C 429 -13.19 54.47 10.86
N ALA C 430 -13.63 55.74 10.90
CA ALA C 430 -13.62 56.56 9.69
C ALA C 430 -12.20 57.01 9.35
N THR C 431 -11.35 57.20 10.36
CA THR C 431 -9.94 57.52 10.08
C THR C 431 -9.26 56.38 9.33
N ALA C 432 -9.48 55.14 9.79
CA ALA C 432 -8.82 53.99 9.18
C ALA C 432 -9.27 53.79 7.74
N VAL C 433 -10.57 53.88 7.49
CA VAL C 433 -11.08 53.74 6.12
C VAL C 433 -10.54 54.86 5.25
N GLY C 434 -10.42 56.07 5.81
CA GLY C 434 -9.85 57.17 5.05
C GLY C 434 -8.34 57.04 4.86
N ALA C 435 -7.65 56.44 5.83
CA ALA C 435 -6.21 56.26 5.72
C ALA C 435 -5.86 55.24 4.64
N VAL C 436 -6.69 54.19 4.49
CA VAL C 436 -6.42 53.20 3.45
C VAL C 436 -6.79 53.75 2.08
N GLU C 437 -7.90 54.51 2.00
CA GLU C 437 -8.28 55.12 0.73
C GLU C 437 -7.25 56.13 0.27
N ALA C 438 -6.71 56.92 1.21
CA ALA C 438 -5.69 57.90 0.84
C ALA C 438 -4.40 57.22 0.40
N SER C 439 -4.03 56.12 1.07
CA SER C 439 -2.78 55.43 0.77
C SER C 439 -2.81 54.72 -0.57
N PHE C 440 -4.00 54.40 -1.09
CA PHE C 440 -4.10 53.83 -2.43
C PHE C 440 -4.00 54.90 -3.51
N LYS C 441 -4.40 56.14 -3.19
CA LYS C 441 -4.38 57.22 -4.17
C LYS C 441 -2.96 57.73 -4.41
N CYS C 442 -2.12 57.76 -3.38
CA CYS C 442 -0.76 58.23 -3.54
C CYS C 442 0.27 57.11 -3.53
N CYS C 443 -0.17 55.86 -3.37
CA CYS C 443 0.71 54.68 -3.35
C CYS C 443 1.80 54.82 -2.28
N SER C 444 1.34 54.94 -1.03
CA SER C 444 2.25 55.19 0.07
C SER C 444 3.06 53.94 0.39
N GLY C 445 4.31 54.16 0.84
CA GLY C 445 5.18 53.06 1.19
C GLY C 445 4.83 52.38 2.48
N ALA C 446 4.12 53.07 3.38
CA ALA C 446 3.69 52.49 4.65
C ALA C 446 2.64 53.41 5.26
N ILE C 447 1.98 52.90 6.30
CA ILE C 447 1.01 53.66 7.08
C ILE C 447 1.46 53.57 8.54
N ILE C 448 2.07 54.63 9.05
CA ILE C 448 2.56 54.66 10.42
C ILE C 448 1.40 54.96 11.35
N VAL C 449 1.16 54.07 12.31
CA VAL C 449 0.06 54.21 13.26
C VAL C 449 0.62 54.10 14.67
N LEU C 450 0.30 55.08 15.51
CA LEU C 450 0.64 55.03 16.92
C LEU C 450 -0.54 54.48 17.70
N THR C 451 -0.26 53.56 18.63
CA THR C 451 -1.32 52.90 19.36
C THR C 451 -0.81 52.43 20.70
N LYS C 452 -1.64 52.59 21.74
CA LYS C 452 -1.29 52.11 23.07
C LYS C 452 -1.88 50.75 23.38
N SER C 453 -3.06 50.45 22.85
CA SER C 453 -3.70 49.16 23.06
C SER C 453 -3.69 48.26 21.84
N GLY C 454 -3.55 48.81 20.64
CA GLY C 454 -3.50 48.04 19.42
C GLY C 454 -4.70 48.24 18.52
N ARG C 455 -5.85 48.63 19.08
CA ARG C 455 -7.08 48.71 18.30
C ARG C 455 -6.96 49.67 17.13
N SER C 456 -6.16 50.73 17.27
CA SER C 456 -5.97 51.66 16.16
C SER C 456 -5.38 50.95 14.95
N ALA C 457 -4.37 50.10 15.17
CA ALA C 457 -3.77 49.37 14.06
C ALA C 457 -4.66 48.22 13.58
N HIS C 458 -5.42 47.60 14.50
CA HIS C 458 -6.32 46.52 14.11
C HIS C 458 -7.43 47.03 13.19
N GLN C 459 -7.90 48.26 13.39
CA GLN C 459 -8.97 48.79 12.56
C GLN C 459 -8.48 49.17 11.17
N VAL C 460 -7.19 49.47 11.03
CA VAL C 460 -6.64 49.72 9.71
C VAL C 460 -6.40 48.42 8.96
N ALA C 461 -5.96 47.38 9.68
CA ALA C 461 -5.66 46.11 9.03
C ALA C 461 -6.91 45.43 8.50
N ARG C 462 -8.06 45.67 9.11
CA ARG C 462 -9.28 44.99 8.69
C ARG C 462 -9.76 45.43 7.31
N TYR C 463 -9.23 46.53 6.78
CA TYR C 463 -9.57 46.98 5.43
C TYR C 463 -8.50 46.64 4.41
N ARG C 464 -7.45 45.91 4.82
CA ARG C 464 -6.45 45.29 3.96
C ARG C 464 -5.73 46.28 3.05
N PRO C 465 -4.95 47.22 3.60
CA PRO C 465 -4.11 48.05 2.74
C PRO C 465 -2.94 47.25 2.17
N ARG C 466 -2.58 47.54 0.92
CA ARG C 466 -1.41 46.91 0.34
C ARG C 466 -0.13 47.38 1.04
N ALA C 467 -0.10 48.64 1.48
CA ALA C 467 1.06 49.15 2.18
C ALA C 467 1.18 48.51 3.57
N PRO C 468 2.40 48.32 4.06
CA PRO C 468 2.57 47.76 5.40
C PRO C 468 2.20 48.76 6.48
N ILE C 469 1.66 48.25 7.58
CA ILE C 469 1.22 49.06 8.70
C ILE C 469 2.30 49.02 9.78
N ILE C 470 2.99 50.15 9.96
CA ILE C 470 4.05 50.25 10.96
C ILE C 470 3.41 50.78 12.24
N ALA C 471 3.21 49.89 13.20
CA ALA C 471 2.63 50.25 14.49
C ALA C 471 3.74 50.56 15.49
N VAL C 472 3.54 51.62 16.27
CA VAL C 472 4.49 52.05 17.29
C VAL C 472 3.80 52.00 18.64
N THR C 473 4.48 51.41 19.63
CA THR C 473 3.92 51.32 20.96
C THR C 473 5.05 51.09 21.97
N ARG C 474 4.77 51.41 23.22
CA ARG C 474 5.66 51.12 24.33
C ARG C 474 5.23 49.89 25.13
N ASN C 475 4.06 49.34 24.83
CA ASN C 475 3.56 48.18 25.54
C ASN C 475 4.13 46.91 24.91
N PRO C 476 4.94 46.14 25.63
CA PRO C 476 5.51 44.92 25.01
C PRO C 476 4.45 43.90 24.64
N GLN C 477 3.42 43.74 25.45
CA GLN C 477 2.36 42.78 25.13
C GLN C 477 1.62 43.19 23.87
N THR C 478 1.26 44.47 23.76
CA THR C 478 0.59 44.95 22.56
C THR C 478 1.48 44.80 21.32
N ALA C 479 2.80 44.91 21.49
CA ALA C 479 3.70 44.72 20.37
C ALA C 479 3.79 43.25 19.97
N ARG C 480 3.64 42.32 20.92
CA ARG C 480 3.74 40.91 20.59
C ARG C 480 2.43 40.34 20.06
N GLN C 481 1.29 40.83 20.55
CA GLN C 481 0.00 40.33 20.07
C GLN C 481 -0.33 40.82 18.67
N ALA C 482 0.27 41.93 18.22
CA ALA C 482 -0.07 42.52 16.92
C ALA C 482 0.30 41.62 15.75
N HIS C 483 1.00 40.47 16.09
CA HIS C 483 1.31 39.51 15.03
C HIS C 483 0.09 38.75 14.55
N LEU C 484 -1.01 38.88 15.17
CA LEU C 484 -2.20 38.14 14.80
C LEU C 484 -3.01 38.80 13.70
N TYR C 485 -2.82 40.09 13.46
CA TYR C 485 -3.60 40.83 12.48
C TYR C 485 -2.76 41.03 11.22
N ARG C 486 -3.29 40.56 10.10
CA ARG C 486 -2.60 40.64 8.82
C ARG C 486 -2.15 42.04 8.43
N GLY C 487 -0.89 42.14 8.01
CA GLY C 487 -0.32 43.41 7.58
C GLY C 487 0.11 44.37 8.67
N ILE C 488 0.47 43.86 9.85
CA ILE C 488 0.90 44.76 10.91
C ILE C 488 2.34 44.40 11.27
N PHE C 489 3.22 45.44 11.18
CA PHE C 489 4.61 45.27 11.55
C PHE C 489 4.88 45.98 12.87
N PRO C 490 4.89 45.27 14.00
CA PRO C 490 5.03 45.95 15.30
C PRO C 490 6.46 46.35 15.60
N VAL C 491 6.61 47.54 16.17
CA VAL C 491 7.90 48.05 16.60
C VAL C 491 7.73 48.63 18.00
N LEU C 492 8.60 48.22 18.92
CA LEU C 492 8.53 48.64 20.32
C LEU C 492 9.50 49.79 20.55
N CYS C 493 9.00 50.86 21.16
CA CYS C 493 9.79 52.05 21.48
C CYS C 493 10.17 51.98 22.95
N LYS C 494 11.48 52.01 23.23
CA LYS C 494 11.99 51.90 24.59
C LYS C 494 12.40 53.25 25.16
N ASP C 495 12.31 54.32 24.40
CA ASP C 495 12.68 55.64 24.90
C ASP C 495 11.69 56.10 25.97
N PRO C 496 12.16 56.87 26.95
CA PRO C 496 11.25 57.35 28.00
C PRO C 496 10.27 58.40 27.47
N VAL C 497 9.16 58.53 28.19
CA VAL C 497 8.11 59.46 27.78
C VAL C 497 8.58 60.88 28.00
N GLN C 498 8.52 61.69 26.95
CA GLN C 498 8.92 63.09 27.04
C GLN C 498 7.86 63.90 27.78
N GLU C 499 8.15 65.19 27.97
CA GLU C 499 7.27 66.03 28.77
C GLU C 499 6.15 66.62 27.92
N ALA C 500 6.50 67.43 26.92
CA ALA C 500 5.49 68.08 26.08
C ALA C 500 4.90 67.10 25.10
N TRP C 501 3.57 67.05 25.03
CA TRP C 501 2.85 66.17 24.11
C TRP C 501 2.86 66.77 22.71
N ALA C 502 4.06 66.84 22.14
CA ALA C 502 4.28 67.37 20.81
C ALA C 502 5.62 66.88 20.29
N GLU C 503 6.67 67.13 21.06
CA GLU C 503 7.96 66.53 20.76
C GLU C 503 7.99 65.03 21.07
N ASP C 504 7.01 64.54 21.82
CA ASP C 504 6.92 63.11 22.14
C ASP C 504 6.21 62.31 21.06
N VAL C 505 5.28 62.93 20.33
CA VAL C 505 4.63 62.23 19.21
C VAL C 505 5.56 62.21 18.00
N ASP C 506 6.21 63.34 17.71
CA ASP C 506 7.16 63.39 16.61
C ASP C 506 8.40 62.53 16.87
N LEU C 507 8.63 62.15 18.13
CA LEU C 507 9.75 61.27 18.44
C LEU C 507 9.45 59.84 17.97
N ARG C 508 8.25 59.34 18.24
CA ARG C 508 7.87 57.99 17.84
C ARG C 508 7.52 57.89 16.36
N VAL C 509 7.20 59.03 15.72
CA VAL C 509 6.97 59.00 14.27
C VAL C 509 8.29 58.86 13.53
N ASN C 510 9.33 59.57 13.97
CA ASN C 510 10.65 59.40 13.39
C ASN C 510 11.22 58.01 13.69
N PHE C 511 10.82 57.41 14.81
CA PHE C 511 11.24 56.05 15.12
C PHE C 511 10.78 55.07 14.05
N ALA C 512 9.54 55.25 13.56
CA ALA C 512 9.07 54.43 12.45
C ALA C 512 9.73 54.85 11.14
N MET C 513 10.13 56.13 11.03
CA MET C 513 10.78 56.61 9.82
C MET C 513 12.12 55.93 9.60
N ASN C 514 12.93 55.83 10.67
CA ASN C 514 14.24 55.21 10.54
C ASN C 514 14.12 53.70 10.34
N VAL C 515 13.18 53.07 11.03
CA VAL C 515 12.96 51.64 10.87
C VAL C 515 12.50 51.32 9.45
N GLY C 516 11.78 52.25 8.82
CA GLY C 516 11.37 52.03 7.44
C GLY C 516 12.52 52.20 6.46
N LYS C 517 13.37 53.20 6.67
CA LYS C 517 14.53 53.38 5.81
C LYS C 517 15.55 52.27 6.02
N ALA C 518 15.69 51.77 7.25
CA ALA C 518 16.63 50.69 7.52
C ALA C 518 16.15 49.38 6.91
N ARG C 519 14.88 49.05 7.10
CA ARG C 519 14.31 47.82 6.55
C ARG C 519 14.05 47.92 5.05
N GLY C 520 14.31 49.07 4.43
CA GLY C 520 14.15 49.19 2.99
C GLY C 520 12.71 49.28 2.52
N PHE C 521 11.85 49.94 3.30
CA PHE C 521 10.47 50.13 2.90
C PHE C 521 10.27 51.36 2.03
N PHE C 522 11.05 52.41 2.25
CA PHE C 522 10.95 53.63 1.46
C PHE C 522 12.24 54.42 1.61
N LYS C 523 12.40 55.41 0.74
CA LYS C 523 13.57 56.28 0.74
C LYS C 523 13.20 57.67 1.23
N LYS C 524 14.21 58.43 1.62
CA LYS C 524 14.01 59.79 2.12
C LYS C 524 13.42 60.56 0.95
N GLY C 525 12.13 60.90 1.03
CA GLY C 525 11.49 61.73 0.04
C GLY C 525 10.14 61.23 -0.40
N ASP C 526 9.80 59.99 -0.01
CA ASP C 526 8.53 59.40 -0.36
C ASP C 526 7.43 59.88 0.59
N VAL C 527 6.19 59.69 0.16
CA VAL C 527 5.03 60.08 0.95
C VAL C 527 4.56 58.89 1.77
N VAL C 528 4.12 59.17 3.00
CA VAL C 528 3.59 58.15 3.90
C VAL C 528 2.30 58.67 4.51
N ILE C 529 1.62 57.78 5.23
CA ILE C 529 0.40 58.10 5.95
C ILE C 529 0.67 57.89 7.43
N VAL C 530 0.52 58.95 8.23
CA VAL C 530 0.74 58.90 9.66
C VAL C 530 -0.59 59.15 10.36
N LEU C 531 -0.93 58.28 11.30
CA LEU C 531 -2.17 58.36 12.06
C LEU C 531 -1.87 58.62 13.53
N THR C 532 -2.54 59.60 14.11
CA THR C 532 -2.31 59.98 15.49
C THR C 532 -3.63 60.46 16.10
N GLY C 533 -3.59 60.80 17.39
CA GLY C 533 -4.73 61.27 18.12
C GLY C 533 -4.63 62.75 18.46
N TRP C 534 -5.36 63.14 19.50
CA TRP C 534 -5.37 64.52 19.97
C TRP C 534 -5.09 64.66 21.46
N ARG C 535 -4.92 63.56 22.18
CA ARG C 535 -4.60 63.58 23.60
C ARG C 535 -4.08 62.20 23.99
N PRO C 536 -3.28 62.11 25.06
CA PRO C 536 -2.79 60.80 25.51
C PRO C 536 -3.94 59.89 25.90
N GLY C 537 -3.67 58.59 25.84
CA GLY C 537 -4.65 57.58 26.17
C GLY C 537 -5.23 56.91 24.92
N SER C 538 -5.90 55.79 25.16
CA SER C 538 -6.47 55.00 24.08
C SER C 538 -7.80 55.58 23.61
N GLY C 539 -8.16 55.26 22.37
CA GLY C 539 -9.47 55.58 21.83
C GLY C 539 -9.64 56.96 21.27
N PHE C 540 -8.55 57.62 20.85
CA PHE C 540 -8.65 58.96 20.29
C PHE C 540 -8.00 59.06 18.91
N THR C 541 -7.80 57.91 18.24
CA THR C 541 -7.30 57.88 16.88
C THR C 541 -8.27 58.61 15.95
N ASN C 542 -7.90 59.81 15.49
CA ASN C 542 -8.86 60.60 14.74
C ASN C 542 -8.18 61.34 13.59
N THR C 543 -6.96 61.85 13.74
CA THR C 543 -6.33 62.69 12.72
C THR C 543 -5.36 61.93 11.84
N MET C 544 -5.45 62.15 10.53
CA MET C 544 -4.61 61.47 9.55
C MET C 544 -3.81 62.51 8.76
N ARG C 545 -2.52 62.23 8.58
CA ARG C 545 -1.61 63.17 7.93
C ARG C 545 -0.83 62.47 6.83
N VAL C 546 -0.56 63.22 5.75
CA VAL C 546 0.26 62.77 4.64
C VAL C 546 1.57 63.55 4.72
N VAL C 547 2.61 62.91 5.24
CA VAL C 547 3.90 63.58 5.47
C VAL C 547 4.96 62.98 4.55
N PRO C 548 5.97 63.74 4.16
CA PRO C 548 7.08 63.16 3.39
C PRO C 548 8.15 62.57 4.29
N VAL C 549 8.82 61.55 3.78
CA VAL C 549 9.89 60.89 4.52
C VAL C 549 11.12 61.79 4.52
N PRO C 550 11.61 62.23 5.68
CA PRO C 550 12.76 63.13 5.77
C PRO C 550 14.09 62.42 5.52
N THR D 34 -33.25 -49.97 9.15
CA THR D 34 -33.44 -50.98 8.13
C THR D 34 -33.05 -50.46 6.76
N GLN D 35 -31.76 -50.18 6.57
CA GLN D 35 -31.26 -49.61 5.33
C GLN D 35 -31.17 -50.67 4.22
N GLN D 36 -32.28 -51.39 4.00
CA GLN D 36 -32.33 -52.46 2.99
C GLN D 36 -31.21 -53.48 3.20
N LEU D 37 -30.85 -53.72 4.46
CA LEU D 37 -29.80 -54.67 4.76
C LEU D 37 -30.26 -56.11 4.59
N HIS D 38 -31.57 -56.35 4.54
CA HIS D 38 -32.06 -57.69 4.24
C HIS D 38 -31.66 -58.12 2.83
N ALA D 39 -31.71 -57.19 1.88
CA ALA D 39 -31.24 -57.47 0.53
C ALA D 39 -29.74 -57.40 0.40
N ALA D 40 -29.06 -56.68 1.30
CA ALA D 40 -27.60 -56.56 1.29
C ALA D 40 -26.90 -57.80 1.83
N MET D 41 -27.61 -58.91 1.99
CA MET D 41 -27.02 -60.16 2.47
C MET D 41 -27.47 -61.36 1.63
N ALA D 42 -27.96 -61.13 0.42
CA ALA D 42 -28.40 -62.20 -0.44
C ALA D 42 -27.21 -62.89 -1.11
N ASP D 43 -27.41 -64.16 -1.47
CA ASP D 43 -26.33 -64.94 -2.08
C ASP D 43 -26.18 -64.61 -3.56
N THR D 44 -27.29 -64.48 -4.28
CA THR D 44 -27.29 -64.17 -5.70
C THR D 44 -27.77 -62.75 -5.95
N PHE D 45 -27.38 -62.20 -7.11
CA PHE D 45 -27.85 -60.88 -7.48
C PHE D 45 -29.34 -60.88 -7.82
N LEU D 46 -29.84 -62.00 -8.37
CA LEU D 46 -31.27 -62.09 -8.67
C LEU D 46 -32.09 -62.06 -7.39
N GLU D 47 -31.64 -62.76 -6.34
CA GLU D 47 -32.35 -62.74 -5.07
C GLU D 47 -32.26 -61.39 -4.37
N HIS D 48 -31.23 -60.59 -4.66
CA HIS D 48 -31.12 -59.27 -4.07
C HIS D 48 -32.24 -58.35 -4.54
N MET D 49 -32.67 -58.50 -5.80
CA MET D 49 -33.79 -57.71 -6.30
C MET D 49 -35.09 -58.06 -5.58
N CYS D 50 -35.36 -59.36 -5.41
CA CYS D 50 -36.61 -59.84 -4.82
C CYS D 50 -36.77 -59.46 -3.36
N ARG D 51 -35.71 -58.98 -2.71
CA ARG D 51 -35.78 -58.59 -1.30
C ARG D 51 -35.99 -57.09 -1.12
N LEU D 52 -36.09 -56.33 -2.21
CA LEU D 52 -36.26 -54.88 -2.13
C LEU D 52 -37.64 -54.56 -1.55
N ASP D 53 -37.66 -54.16 -0.28
CA ASP D 53 -38.90 -53.84 0.42
C ASP D 53 -39.07 -52.33 0.47
N ILE D 54 -40.18 -51.84 -0.11
CA ILE D 54 -40.45 -50.41 -0.09
C ILE D 54 -40.70 -49.93 1.34
N ASP D 55 -41.18 -50.81 2.21
CA ASP D 55 -41.45 -50.46 3.60
C ASP D 55 -40.22 -50.50 4.49
N SER D 56 -39.02 -50.50 3.89
CA SER D 56 -37.77 -50.45 4.65
C SER D 56 -37.17 -49.06 4.52
N PRO D 57 -37.35 -48.17 5.49
CA PRO D 57 -36.91 -46.79 5.31
C PRO D 57 -35.40 -46.68 5.26
N PRO D 58 -34.85 -45.66 4.61
CA PRO D 58 -33.39 -45.54 4.49
C PRO D 58 -32.76 -44.80 5.66
N ILE D 59 -31.44 -44.68 5.63
CA ILE D 59 -30.71 -43.95 6.67
C ILE D 59 -30.94 -42.45 6.49
N THR D 60 -30.23 -41.64 7.29
CA THR D 60 -30.42 -40.19 7.25
C THR D 60 -29.31 -39.46 6.49
N ALA D 61 -28.39 -40.19 5.86
CA ALA D 61 -27.27 -39.60 5.16
C ALA D 61 -27.37 -39.90 3.67
N ARG D 62 -27.25 -38.86 2.85
CA ARG D 62 -27.29 -38.98 1.40
C ARG D 62 -25.89 -38.75 0.85
N ASN D 63 -25.47 -39.61 -0.08
CA ASN D 63 -24.10 -39.61 -0.58
C ASN D 63 -23.96 -38.91 -1.93
N THR D 64 -24.93 -39.07 -2.82
CA THR D 64 -24.83 -38.48 -4.15
C THR D 64 -24.93 -36.96 -4.07
N GLY D 65 -24.02 -36.26 -4.75
CA GLY D 65 -24.06 -34.81 -4.76
C GLY D 65 -25.17 -34.29 -5.64
N ILE D 66 -25.66 -33.09 -5.31
CA ILE D 66 -26.75 -32.46 -6.03
C ILE D 66 -26.25 -31.13 -6.58
N ILE D 67 -26.33 -30.98 -7.90
CA ILE D 67 -25.86 -29.79 -8.60
C ILE D 67 -27.07 -29.10 -9.22
N CYS D 68 -27.22 -27.81 -8.94
CA CYS D 68 -28.32 -27.01 -9.47
C CYS D 68 -27.78 -25.84 -10.28
N THR D 69 -28.38 -25.61 -11.44
CA THR D 69 -28.02 -24.47 -12.28
C THR D 69 -28.85 -23.26 -11.85
N ILE D 70 -28.16 -22.19 -11.45
CA ILE D 70 -28.81 -20.99 -10.93
C ILE D 70 -29.18 -20.07 -12.09
N GLY D 71 -30.43 -19.61 -12.10
CA GLY D 71 -30.91 -18.73 -13.13
C GLY D 71 -31.89 -17.70 -12.61
N PRO D 72 -32.76 -17.19 -13.48
CA PRO D 72 -33.70 -16.14 -13.05
C PRO D 72 -34.69 -16.61 -11.99
N ALA D 73 -35.01 -17.90 -11.94
CA ALA D 73 -35.95 -18.43 -10.96
C ALA D 73 -35.29 -18.77 -9.63
N SER D 74 -33.96 -18.65 -9.54
CA SER D 74 -33.26 -19.01 -8.32
C SER D 74 -32.13 -18.03 -7.98
N ARG D 75 -32.17 -16.81 -8.53
CA ARG D 75 -31.14 -15.81 -8.24
C ARG D 75 -31.41 -15.03 -6.96
N SER D 76 -32.58 -15.20 -6.35
CA SER D 76 -32.88 -14.49 -5.12
C SER D 76 -32.00 -14.98 -3.97
N VAL D 77 -31.84 -14.12 -2.97
CA VAL D 77 -31.05 -14.50 -1.80
C VAL D 77 -31.90 -15.23 -0.77
N GLU D 78 -33.22 -15.17 -0.88
CA GLU D 78 -34.09 -15.85 0.08
C GLU D 78 -34.49 -17.24 -0.39
N THR D 79 -34.67 -17.45 -1.69
CA THR D 79 -34.94 -18.79 -2.18
C THR D 79 -33.68 -19.63 -2.30
N LEU D 80 -32.52 -18.97 -2.48
CA LEU D 80 -31.26 -19.71 -2.44
C LEU D 80 -31.00 -20.28 -1.05
N LYS D 81 -31.45 -19.59 -0.01
CA LYS D 81 -31.43 -20.19 1.33
C LYS D 81 -32.40 -21.36 1.41
N GLU D 82 -33.48 -21.33 0.62
CA GLU D 82 -34.41 -22.45 0.58
C GLU D 82 -33.86 -23.61 -0.22
N MET D 83 -32.99 -23.34 -1.19
CA MET D 83 -32.35 -24.42 -1.93
C MET D 83 -31.29 -25.12 -1.10
N ILE D 84 -30.65 -24.40 -0.17
CA ILE D 84 -29.98 -25.08 0.93
C ILE D 84 -31.03 -25.62 1.89
N LYS D 85 -30.62 -26.61 2.68
CA LYS D 85 -31.51 -27.35 3.57
C LYS D 85 -32.53 -28.17 2.78
N SER D 86 -32.58 -27.95 1.47
CA SER D 86 -33.31 -28.80 0.55
C SER D 86 -32.42 -29.82 -0.14
N GLY D 87 -31.14 -29.50 -0.34
CA GLY D 87 -30.20 -30.47 -0.85
C GLY D 87 -29.08 -29.95 -1.75
N MET D 88 -29.15 -28.69 -2.16
CA MET D 88 -28.17 -28.18 -3.12
C MET D 88 -26.77 -28.18 -2.52
N ASN D 89 -25.81 -28.75 -3.26
CA ASN D 89 -24.43 -28.84 -2.81
C ASN D 89 -23.47 -27.93 -3.55
N VAL D 90 -23.69 -27.71 -4.86
CA VAL D 90 -22.81 -26.85 -5.65
C VAL D 90 -23.66 -26.12 -6.69
N ALA D 91 -23.44 -24.82 -6.82
CA ALA D 91 -24.22 -23.98 -7.72
C ALA D 91 -23.50 -23.86 -9.06
N ARG D 92 -24.18 -24.29 -10.13
CA ARG D 92 -23.64 -24.21 -11.48
C ARG D 92 -24.07 -22.89 -12.13
N LEU D 93 -23.10 -22.17 -12.69
CA LEU D 93 -23.34 -20.91 -13.39
C LEU D 93 -23.03 -21.12 -14.86
N ASN D 94 -24.07 -21.22 -15.69
CA ASN D 94 -23.87 -21.41 -17.12
C ASN D 94 -23.38 -20.12 -17.76
N PHE D 95 -22.37 -20.23 -18.61
CA PHE D 95 -21.74 -19.07 -19.25
C PHE D 95 -21.99 -19.04 -20.75
N SER D 96 -23.00 -19.76 -21.24
CA SER D 96 -23.35 -19.67 -22.65
C SER D 96 -24.09 -18.38 -22.98
N HIS D 97 -24.70 -17.74 -21.99
CA HIS D 97 -25.23 -16.39 -22.13
C HIS D 97 -25.27 -15.75 -20.75
N GLY D 98 -24.99 -14.46 -20.71
CA GLY D 98 -24.93 -13.72 -19.46
C GLY D 98 -23.68 -12.88 -19.39
N THR D 99 -23.77 -11.76 -18.69
CA THR D 99 -22.65 -10.84 -18.54
C THR D 99 -22.02 -11.00 -17.16
N HIS D 100 -20.77 -10.54 -17.05
CA HIS D 100 -20.00 -10.75 -15.82
C HIS D 100 -20.58 -9.99 -14.64
N GLU D 101 -21.27 -8.87 -14.89
CA GLU D 101 -21.85 -8.12 -13.79
C GLU D 101 -23.02 -8.88 -13.16
N TYR D 102 -23.77 -9.62 -13.96
CA TYR D 102 -24.87 -10.41 -13.43
C TYR D 102 -24.37 -11.70 -12.80
N HIS D 103 -23.35 -12.32 -13.40
CA HIS D 103 -22.80 -13.56 -12.84
C HIS D 103 -22.14 -13.31 -11.49
N ALA D 104 -21.34 -12.25 -11.39
CA ALA D 104 -20.72 -11.91 -10.12
C ALA D 104 -21.74 -11.45 -9.08
N GLU D 105 -22.93 -11.04 -9.51
CA GLU D 105 -23.99 -10.71 -8.56
C GLU D 105 -24.67 -11.96 -8.04
N THR D 106 -24.91 -12.95 -8.90
CA THR D 106 -25.44 -14.23 -8.44
C THR D 106 -24.44 -14.93 -7.52
N ILE D 107 -23.14 -14.84 -7.85
CA ILE D 107 -22.10 -15.35 -6.97
C ILE D 107 -22.11 -14.61 -5.65
N LYS D 108 -22.42 -13.31 -5.67
CA LYS D 108 -22.42 -12.52 -4.46
C LYS D 108 -23.51 -12.97 -3.48
N ASN D 109 -24.71 -13.27 -3.99
CA ASN D 109 -25.81 -13.66 -3.12
C ASN D 109 -25.79 -15.13 -2.77
N VAL D 110 -25.17 -15.98 -3.61
CA VAL D 110 -24.97 -17.38 -3.23
C VAL D 110 -24.11 -17.47 -1.98
N ARG D 111 -23.01 -16.71 -1.95
CA ARG D 111 -22.17 -16.67 -0.76
C ARG D 111 -22.87 -15.99 0.41
N THR D 112 -23.76 -15.02 0.13
CA THR D 112 -24.51 -14.37 1.19
C THR D 112 -25.46 -15.35 1.87
N ALA D 113 -26.15 -16.19 1.09
CA ALA D 113 -27.03 -17.21 1.65
C ALA D 113 -26.27 -18.41 2.18
N THR D 114 -24.99 -18.56 1.85
CA THR D 114 -24.19 -19.65 2.41
C THR D 114 -23.73 -19.32 3.83
N GLU D 115 -23.16 -18.13 4.02
CA GLU D 115 -22.74 -17.69 5.35
C GLU D 115 -23.92 -17.32 6.24
N SER D 116 -25.15 -17.40 5.71
CA SER D 116 -26.35 -17.25 6.53
C SER D 116 -26.32 -18.18 7.74
N PHE D 117 -25.91 -19.43 7.52
CA PHE D 117 -25.85 -20.43 8.56
C PHE D 117 -24.49 -20.52 9.23
N ALA D 118 -23.54 -19.65 8.86
CA ALA D 118 -22.21 -19.69 9.47
C ALA D 118 -22.24 -19.35 10.96
N SER D 119 -23.39 -18.92 11.50
CA SER D 119 -23.50 -18.63 12.92
C SER D 119 -23.79 -19.93 13.66
N ASP D 120 -23.16 -21.01 13.22
CA ASP D 120 -23.26 -22.34 13.83
C ASP D 120 -22.25 -23.27 13.16
N PRO D 121 -21.07 -23.47 13.76
CA PRO D 121 -20.06 -24.32 13.11
C PRO D 121 -20.44 -25.79 13.05
N ILE D 122 -21.45 -26.21 13.81
CA ILE D 122 -21.83 -27.62 13.85
C ILE D 122 -22.81 -27.98 12.75
N LEU D 123 -23.82 -27.14 12.51
CA LEU D 123 -24.81 -27.41 11.49
C LEU D 123 -24.49 -26.75 10.15
N TYR D 124 -23.36 -26.04 10.06
CA TYR D 124 -22.98 -25.39 8.81
C TYR D 124 -22.67 -26.42 7.73
N ARG D 125 -22.88 -26.01 6.48
CA ARG D 125 -22.60 -26.88 5.33
C ARG D 125 -22.02 -26.05 4.20
N PRO D 126 -20.80 -26.34 3.76
CA PRO D 126 -20.21 -25.58 2.65
C PRO D 126 -20.97 -25.80 1.35
N VAL D 127 -20.96 -24.76 0.52
CA VAL D 127 -21.60 -24.78 -0.80
C VAL D 127 -20.59 -24.27 -1.81
N ALA D 128 -20.40 -25.02 -2.89
CA ALA D 128 -19.40 -24.70 -3.90
C ALA D 128 -20.03 -23.91 -5.04
N VAL D 129 -19.15 -23.39 -5.91
CA VAL D 129 -19.56 -22.65 -7.10
C VAL D 129 -18.76 -23.18 -8.27
N ALA D 130 -19.44 -23.45 -9.39
CA ALA D 130 -18.81 -24.01 -10.57
C ALA D 130 -19.11 -23.13 -11.78
N LEU D 131 -18.24 -23.23 -12.78
CA LEU D 131 -18.34 -22.42 -13.99
C LEU D 131 -18.39 -23.35 -15.20
N ASP D 132 -19.52 -23.36 -15.89
CA ASP D 132 -19.67 -24.10 -17.15
C ASP D 132 -19.35 -23.15 -18.29
N THR D 133 -18.21 -23.38 -18.95
CA THR D 133 -17.80 -22.51 -20.04
C THR D 133 -18.64 -22.76 -21.29
N LYS D 134 -18.85 -21.69 -22.06
CA LYS D 134 -19.71 -21.77 -23.23
C LYS D 134 -19.12 -22.70 -24.30
N GLY D 135 -17.84 -22.54 -24.60
CA GLY D 135 -17.19 -23.38 -25.57
C GLY D 135 -17.64 -23.11 -27.00
N PRO D 136 -17.37 -24.05 -27.90
CA PRO D 136 -17.77 -23.86 -29.31
C PRO D 136 -19.23 -24.21 -29.55
N GLU D 137 -20.12 -23.24 -29.39
CA GLU D 137 -21.55 -23.46 -29.54
C GLU D 137 -22.03 -23.19 -30.96
N ILE D 138 -21.58 -22.07 -31.55
CA ILE D 138 -21.98 -21.67 -32.90
C ILE D 138 -23.43 -21.31 -33.20
N ARG D 139 -24.04 -20.54 -32.31
CA ARG D 139 -25.47 -20.26 -32.37
C ARG D 139 -25.77 -19.25 -33.48
N THR D 140 -27.06 -19.13 -33.82
CA THR D 140 -27.52 -18.16 -34.80
C THR D 140 -28.61 -17.27 -34.23
N GLY D 141 -28.68 -17.13 -32.92
CA GLY D 141 -29.74 -16.40 -32.23
C GLY D 141 -30.54 -17.24 -31.27
N LEU D 142 -30.54 -18.56 -31.42
CA LEU D 142 -31.29 -19.45 -30.55
C LEU D 142 -30.75 -20.88 -30.59
N ILE D 143 -29.47 -21.05 -30.22
CA ILE D 143 -28.85 -22.36 -30.07
C ILE D 143 -28.91 -23.16 -31.37
N LYS D 144 -29.05 -24.48 -31.24
CA LYS D 144 -29.17 -25.42 -32.35
C LYS D 144 -27.88 -25.53 -33.16
N GLY D 145 -27.68 -26.68 -33.79
CA GLY D 145 -26.49 -26.93 -34.60
C GLY D 145 -26.11 -28.40 -34.54
N SER D 146 -25.53 -28.88 -35.64
CA SER D 146 -25.10 -30.27 -35.75
C SER D 146 -23.78 -30.39 -36.50
N ALA D 234 -15.37 -32.56 -37.99
CA ALA D 234 -14.62 -31.70 -37.08
C ALA D 234 -15.18 -30.28 -37.09
N VAL D 235 -15.13 -29.63 -35.93
CA VAL D 235 -15.65 -28.28 -35.81
C VAL D 235 -14.60 -27.21 -36.07
N ASP D 236 -13.31 -27.55 -35.99
CA ASP D 236 -12.20 -26.65 -36.26
C ASP D 236 -12.14 -25.48 -35.28
N LEU D 237 -13.06 -25.43 -34.32
CA LEU D 237 -13.09 -24.36 -33.35
C LEU D 237 -12.07 -24.62 -32.24
N PRO D 238 -11.55 -23.57 -31.61
CA PRO D 238 -10.54 -23.76 -30.56
C PRO D 238 -11.15 -24.37 -29.30
N ALA D 239 -10.27 -24.92 -28.48
CA ALA D 239 -10.69 -25.43 -27.19
C ALA D 239 -11.08 -24.29 -26.25
N VAL D 240 -10.53 -23.10 -26.48
CA VAL D 240 -10.83 -21.92 -25.68
C VAL D 240 -10.52 -20.68 -26.51
N SER D 241 -11.55 -19.87 -26.79
CA SER D 241 -11.40 -18.65 -27.56
C SER D 241 -11.15 -17.48 -26.62
N GLU D 242 -11.16 -16.25 -27.17
CA GLU D 242 -10.97 -15.08 -26.34
C GLU D 242 -12.13 -14.88 -25.38
N LYS D 243 -13.34 -15.27 -25.78
CA LYS D 243 -14.47 -15.21 -24.87
C LYS D 243 -14.36 -16.26 -23.77
N ASP D 244 -13.68 -17.37 -24.04
CA ASP D 244 -13.48 -18.39 -23.03
C ASP D 244 -12.34 -18.02 -22.07
N ILE D 245 -11.22 -17.52 -22.61
CA ILE D 245 -10.10 -17.15 -21.76
C ILE D 245 -10.48 -16.03 -20.80
N GLN D 246 -11.32 -15.10 -21.26
CA GLN D 246 -11.79 -14.03 -20.37
C GLN D 246 -12.73 -14.59 -19.31
N ASP D 247 -13.69 -15.42 -19.72
CA ASP D 247 -14.62 -16.01 -18.75
C ASP D 247 -13.90 -16.95 -17.80
N LEU D 248 -12.93 -17.71 -18.30
CA LEU D 248 -12.14 -18.58 -17.43
C LEU D 248 -11.32 -17.77 -16.43
N LYS D 249 -10.59 -16.76 -16.92
CA LYS D 249 -9.84 -15.90 -16.02
C LYS D 249 -10.75 -15.09 -15.12
N PHE D 250 -12.02 -14.90 -15.49
CA PHE D 250 -12.98 -14.25 -14.61
C PHE D 250 -13.32 -15.13 -13.41
N GLY D 251 -13.30 -16.45 -13.60
CA GLY D 251 -13.56 -17.36 -12.49
C GLY D 251 -12.42 -17.40 -11.49
N VAL D 252 -11.19 -17.14 -11.94
CA VAL D 252 -10.05 -17.08 -11.03
C VAL D 252 -10.17 -15.90 -10.08
N GLU D 253 -10.67 -14.77 -10.60
CA GLU D 253 -10.86 -13.59 -9.75
C GLU D 253 -12.04 -13.78 -8.80
N GLN D 254 -13.06 -14.54 -9.20
CA GLN D 254 -14.24 -14.79 -8.39
C GLN D 254 -14.10 -15.99 -7.46
N ASP D 255 -12.95 -16.66 -7.48
CA ASP D 255 -12.64 -17.76 -6.56
C ASP D 255 -13.55 -18.97 -6.77
N VAL D 256 -13.77 -19.34 -8.04
CA VAL D 256 -14.56 -20.54 -8.32
C VAL D 256 -13.74 -21.78 -7.95
N ASP D 257 -14.46 -22.85 -7.63
CA ASP D 257 -13.82 -24.07 -7.16
C ASP D 257 -13.59 -25.11 -8.24
N MET D 258 -14.29 -25.00 -9.37
CA MET D 258 -14.27 -26.06 -10.38
C MET D 258 -14.92 -25.54 -11.65
N VAL D 259 -14.42 -26.01 -12.79
CA VAL D 259 -14.88 -25.56 -14.10
C VAL D 259 -15.45 -26.75 -14.87
N PHE D 260 -16.57 -26.52 -15.57
CA PHE D 260 -17.17 -27.51 -16.46
C PHE D 260 -16.78 -27.16 -17.89
N ALA D 261 -15.55 -27.55 -18.26
CA ALA D 261 -15.07 -27.28 -19.61
C ALA D 261 -15.91 -28.01 -20.64
N SER D 262 -16.66 -27.26 -21.44
CA SER D 262 -17.59 -27.83 -22.40
C SER D 262 -16.90 -28.20 -23.71
N PHE D 263 -17.41 -29.27 -24.31
CA PHE D 263 -17.03 -29.72 -25.65
C PHE D 263 -15.54 -30.02 -25.82
N ILE D 264 -15.13 -31.09 -25.18
CA ILE D 264 -13.76 -31.58 -25.24
C ILE D 264 -13.72 -32.72 -26.25
N ARG D 265 -12.57 -32.92 -26.85
CA ARG D 265 -12.42 -33.94 -27.88
C ARG D 265 -11.19 -34.82 -27.66
N LYS D 266 -10.09 -34.26 -27.18
CA LYS D 266 -8.88 -35.03 -26.94
C LYS D 266 -8.16 -34.45 -25.72
N ALA D 267 -7.08 -35.11 -25.32
CA ALA D 267 -6.25 -34.56 -24.25
C ALA D 267 -5.63 -33.24 -24.65
N SER D 268 -5.54 -32.96 -25.96
CA SER D 268 -5.09 -31.65 -26.42
C SER D 268 -5.91 -30.54 -25.77
N ASP D 269 -7.22 -30.73 -25.62
CA ASP D 269 -8.08 -29.65 -25.17
C ASP D 269 -8.00 -29.45 -23.66
N VAL D 270 -7.96 -30.55 -22.89
CA VAL D 270 -7.83 -30.43 -21.44
C VAL D 270 -6.52 -29.77 -21.06
N HIS D 271 -5.45 -30.02 -21.83
CA HIS D 271 -4.18 -29.38 -21.56
C HIS D 271 -4.22 -27.90 -21.96
N GLU D 272 -4.89 -27.59 -23.07
CA GLU D 272 -5.02 -26.20 -23.51
C GLU D 272 -5.87 -25.36 -22.57
N VAL D 273 -6.60 -25.98 -21.66
CA VAL D 273 -7.39 -25.24 -20.67
C VAL D 273 -6.61 -25.06 -19.38
N ARG D 274 -5.91 -26.10 -18.93
CA ARG D 274 -5.11 -26.02 -17.71
C ARG D 274 -3.94 -25.05 -17.84
N LYS D 275 -3.60 -24.63 -19.06
CA LYS D 275 -2.51 -23.69 -19.27
C LYS D 275 -2.95 -22.24 -19.12
N VAL D 276 -4.19 -21.91 -19.48
CA VAL D 276 -4.64 -20.53 -19.36
C VAL D 276 -4.91 -20.16 -17.91
N LEU D 277 -5.32 -21.12 -17.08
CA LEU D 277 -5.39 -20.92 -15.63
C LEU D 277 -4.09 -21.45 -15.07
N GLY D 278 -3.16 -20.55 -14.75
CA GLY D 278 -1.79 -20.91 -14.51
C GLY D 278 -1.43 -21.28 -13.08
N GLU D 279 -1.21 -20.28 -12.24
CA GLU D 279 -0.66 -20.49 -10.91
C GLU D 279 -1.62 -20.10 -9.80
N LYS D 280 -2.28 -18.94 -9.90
CA LYS D 280 -3.22 -18.53 -8.87
C LYS D 280 -4.41 -19.47 -8.78
N GLY D 281 -4.74 -20.15 -9.88
CA GLY D 281 -5.83 -21.10 -9.88
C GLY D 281 -5.39 -22.48 -10.34
N LYS D 282 -4.55 -23.13 -9.54
CA LYS D 282 -4.06 -24.47 -9.85
C LYS D 282 -4.83 -25.57 -9.13
N ASN D 283 -5.27 -25.32 -7.90
CA ASN D 283 -6.05 -26.31 -7.16
C ASN D 283 -7.47 -26.42 -7.66
N ILE D 284 -7.89 -25.57 -8.60
CA ILE D 284 -9.22 -25.67 -9.18
C ILE D 284 -9.26 -26.85 -10.13
N LYS D 285 -10.19 -27.77 -9.90
CA LYS D 285 -10.29 -29.00 -10.68
C LYS D 285 -11.13 -28.79 -11.93
N ILE D 286 -10.65 -29.34 -13.05
CA ILE D 286 -11.36 -29.25 -14.32
C ILE D 286 -12.20 -30.50 -14.51
N ILE D 287 -13.35 -30.33 -15.15
CA ILE D 287 -14.28 -31.42 -15.43
C ILE D 287 -14.58 -31.42 -16.92
N SER D 288 -14.17 -32.48 -17.60
CA SER D 288 -14.40 -32.59 -19.04
C SER D 288 -15.82 -33.08 -19.31
N LYS D 289 -16.56 -32.32 -20.12
CA LYS D 289 -17.92 -32.66 -20.48
C LYS D 289 -17.90 -33.38 -21.83
N ILE D 290 -18.15 -34.69 -21.81
CA ILE D 290 -18.24 -35.46 -23.05
C ILE D 290 -19.55 -35.10 -23.73
N GLU D 291 -19.46 -34.57 -24.95
CA GLU D 291 -20.63 -34.05 -25.66
C GLU D 291 -20.70 -34.46 -27.12
N ASN D 292 -19.64 -35.02 -27.70
CA ASN D 292 -19.58 -35.30 -29.13
C ASN D 292 -19.10 -36.74 -29.36
N HIS D 293 -19.00 -37.10 -30.63
CA HIS D 293 -18.55 -38.44 -31.00
C HIS D 293 -17.06 -38.63 -30.80
N GLU D 294 -16.27 -37.56 -30.89
CA GLU D 294 -14.83 -37.68 -30.74
C GLU D 294 -14.45 -38.13 -29.33
N GLY D 295 -14.95 -37.41 -28.33
CA GLY D 295 -14.71 -37.77 -26.94
C GLY D 295 -15.21 -39.15 -26.56
N VAL D 296 -16.23 -39.67 -27.27
CA VAL D 296 -16.73 -41.00 -26.99
C VAL D 296 -15.70 -42.06 -27.38
N ARG D 297 -14.84 -41.75 -28.37
CA ARG D 297 -13.80 -42.68 -28.77
C ARG D 297 -12.50 -42.41 -28.03
N ARG D 298 -12.10 -41.15 -27.90
CA ARG D 298 -10.87 -40.78 -27.19
C ARG D 298 -11.18 -40.44 -25.73
N PHE D 299 -11.92 -41.32 -25.06
CA PHE D 299 -12.33 -41.07 -23.68
C PHE D 299 -11.19 -41.33 -22.70
N ASP D 300 -10.43 -42.41 -22.91
CA ASP D 300 -9.38 -42.77 -21.96
C ASP D 300 -8.29 -41.72 -21.90
N GLU D 301 -7.89 -41.18 -23.06
CA GLU D 301 -6.88 -40.14 -23.06
C GLU D 301 -7.38 -38.83 -22.47
N ILE D 302 -8.70 -38.64 -22.41
CA ILE D 302 -9.27 -37.46 -21.75
C ILE D 302 -9.52 -37.73 -20.27
N LEU D 303 -9.65 -38.99 -19.85
CA LEU D 303 -9.91 -39.30 -18.45
C LEU D 303 -8.69 -39.02 -17.59
N GLU D 304 -7.54 -39.60 -17.95
CA GLU D 304 -6.32 -39.43 -17.16
C GLU D 304 -5.82 -37.99 -17.17
N ALA D 305 -6.22 -37.20 -18.16
CA ALA D 305 -5.79 -35.81 -18.25
C ALA D 305 -6.66 -34.85 -17.43
N SER D 306 -7.84 -35.28 -17.01
CA SER D 306 -8.77 -34.43 -16.28
C SER D 306 -8.90 -34.89 -14.84
N ASP D 307 -9.68 -34.14 -14.07
CA ASP D 307 -9.92 -34.45 -12.66
C ASP D 307 -11.32 -35.02 -12.42
N GLY D 308 -12.07 -35.27 -13.48
CA GLY D 308 -13.44 -35.76 -13.38
C GLY D 308 -14.20 -35.52 -14.68
N ILE D 309 -15.17 -36.39 -14.98
CA ILE D 309 -15.87 -36.37 -16.25
C ILE D 309 -17.36 -36.16 -16.00
N MET D 310 -17.98 -35.28 -16.79
CA MET D 310 -19.41 -35.05 -16.76
C MET D 310 -20.06 -35.62 -18.02
N VAL D 311 -21.10 -36.42 -17.83
CA VAL D 311 -21.83 -37.03 -18.95
C VAL D 311 -23.01 -36.12 -19.27
N ALA D 312 -22.86 -35.31 -20.32
CA ALA D 312 -23.90 -34.36 -20.73
C ALA D 312 -24.79 -35.05 -21.76
N ARG D 313 -25.87 -35.67 -21.28
CA ARG D 313 -26.74 -36.44 -22.16
C ARG D 313 -27.47 -35.57 -23.17
N GLY D 314 -27.71 -34.31 -22.84
CA GLY D 314 -28.44 -33.41 -23.73
C GLY D 314 -27.72 -33.13 -25.02
N ASP D 315 -26.54 -32.52 -24.93
CA ASP D 315 -25.75 -32.21 -26.12
C ASP D 315 -25.22 -33.48 -26.79
N LEU D 316 -25.19 -34.60 -26.09
CA LEU D 316 -24.70 -35.86 -26.66
C LEU D 316 -25.80 -36.66 -27.34
N GLY D 317 -27.04 -36.56 -26.86
CA GLY D 317 -28.13 -37.29 -27.45
C GLY D 317 -28.47 -36.88 -28.87
N ILE D 318 -28.04 -35.68 -29.29
CA ILE D 318 -28.27 -35.25 -30.66
C ILE D 318 -27.21 -35.83 -31.59
N GLU D 319 -25.96 -35.87 -31.14
CA GLU D 319 -24.88 -36.43 -31.93
C GLU D 319 -24.91 -37.92 -32.20
N ILE D 320 -24.73 -38.72 -31.15
CA ILE D 320 -24.92 -40.16 -31.21
C ILE D 320 -26.42 -40.44 -31.28
N PRO D 321 -26.85 -41.56 -31.88
CA PRO D 321 -28.28 -41.87 -31.92
C PRO D 321 -28.87 -41.94 -30.52
N ALA D 322 -30.18 -41.64 -30.44
CA ALA D 322 -30.84 -41.58 -29.14
C ALA D 322 -30.85 -42.93 -28.46
N GLU D 323 -31.02 -44.00 -29.24
CA GLU D 323 -31.12 -45.35 -28.69
C GLU D 323 -29.81 -45.88 -28.11
N LYS D 324 -28.76 -45.06 -28.08
CA LYS D 324 -27.47 -45.51 -27.57
C LYS D 324 -26.89 -44.62 -26.47
N VAL D 325 -27.63 -43.60 -26.03
CA VAL D 325 -27.12 -42.66 -25.03
C VAL D 325 -27.13 -43.24 -23.62
N PHE D 326 -27.48 -44.52 -23.51
CA PHE D 326 -27.40 -45.24 -22.25
C PHE D 326 -26.26 -46.23 -22.08
N LEU D 327 -25.72 -46.76 -23.18
CA LEU D 327 -24.49 -47.53 -23.09
C LEU D 327 -23.30 -46.63 -22.84
N ALA D 328 -23.30 -45.43 -23.41
CA ALA D 328 -22.21 -44.48 -23.18
C ALA D 328 -22.24 -43.94 -21.76
N GLN D 329 -23.44 -43.77 -21.18
CA GLN D 329 -23.52 -43.32 -19.79
C GLN D 329 -22.94 -44.37 -18.85
N LYS D 330 -23.40 -45.63 -18.98
CA LYS D 330 -22.93 -46.68 -18.08
C LYS D 330 -21.46 -46.99 -18.28
N MET D 331 -20.96 -46.89 -19.51
CA MET D 331 -19.54 -47.17 -19.76
C MET D 331 -18.66 -46.10 -19.13
N MET D 332 -19.07 -44.84 -19.21
CA MET D 332 -18.26 -43.76 -18.67
C MET D 332 -18.26 -43.78 -17.14
N ILE D 333 -19.40 -44.10 -16.54
CA ILE D 333 -19.49 -44.11 -15.08
C ILE D 333 -18.63 -45.24 -14.51
N GLY D 334 -18.60 -46.39 -15.18
CA GLY D 334 -17.82 -47.50 -14.66
C GLY D 334 -16.32 -47.31 -14.80
N ARG D 335 -15.88 -46.76 -15.94
CA ARG D 335 -14.45 -46.53 -16.15
C ARG D 335 -13.91 -45.53 -15.13
N CYS D 336 -14.62 -44.42 -14.91
CA CYS D 336 -14.20 -43.47 -13.89
C CYS D 336 -14.33 -44.05 -12.49
N ASN D 337 -15.32 -44.91 -12.28
CA ASN D 337 -15.41 -45.63 -11.00
C ASN D 337 -14.18 -46.50 -10.79
N ARG D 338 -13.72 -47.16 -11.85
CA ARG D 338 -12.53 -48.00 -11.76
C ARG D 338 -11.31 -47.17 -11.42
N ALA D 339 -11.11 -46.07 -12.14
CA ALA D 339 -9.92 -45.23 -11.93
C ALA D 339 -10.02 -44.40 -10.65
N GLY D 340 -11.22 -44.22 -10.10
CA GLY D 340 -11.39 -43.42 -8.92
C GLY D 340 -11.43 -41.93 -9.20
N LYS D 341 -12.43 -41.48 -9.94
CA LYS D 341 -12.61 -40.08 -10.31
C LYS D 341 -14.09 -39.76 -10.34
N PRO D 342 -14.48 -38.51 -10.10
CA PRO D 342 -15.91 -38.18 -10.06
C PRO D 342 -16.57 -38.25 -11.42
N VAL D 343 -17.86 -38.59 -11.41
CA VAL D 343 -18.69 -38.63 -12.62
C VAL D 343 -20.03 -37.99 -12.29
N ILE D 344 -20.63 -37.35 -13.31
CA ILE D 344 -21.88 -36.64 -13.14
C ILE D 344 -22.79 -36.92 -14.34
N CYS D 345 -24.03 -37.30 -14.06
CA CYS D 345 -25.07 -37.45 -15.08
C CYS D 345 -25.96 -36.21 -14.99
N ALA D 346 -26.11 -35.51 -16.12
CA ALA D 346 -26.52 -34.11 -16.06
C ALA D 346 -27.96 -33.81 -16.48
N THR D 347 -28.19 -33.67 -17.79
CA THR D 347 -29.31 -32.87 -18.27
C THR D 347 -30.61 -33.66 -18.37
N GLN D 348 -31.71 -32.91 -18.41
CA GLN D 348 -33.11 -33.36 -18.41
C GLN D 348 -33.60 -34.58 -17.64
N MET D 349 -33.18 -34.71 -16.39
CA MET D 349 -33.58 -35.86 -15.59
C MET D 349 -34.93 -35.68 -14.91
N LEU D 350 -35.37 -34.43 -14.72
CA LEU D 350 -36.67 -34.10 -14.16
C LEU D 350 -37.31 -32.98 -14.97
N GLU D 351 -37.26 -33.12 -16.29
CA GLU D 351 -37.60 -32.02 -17.19
C GLU D 351 -39.05 -31.60 -17.06
N SER D 352 -39.96 -32.55 -16.78
CA SER D 352 -41.37 -32.20 -16.66
C SER D 352 -41.64 -31.30 -15.47
N MET D 353 -40.73 -31.24 -14.49
CA MET D 353 -40.94 -30.45 -13.29
C MET D 353 -40.79 -28.95 -13.53
N ILE D 354 -40.47 -28.53 -14.75
CA ILE D 354 -40.35 -27.10 -15.03
C ILE D 354 -41.73 -26.44 -15.05
N LYS D 355 -42.73 -27.13 -15.59
CA LYS D 355 -44.10 -26.63 -15.62
C LYS D 355 -45.05 -27.37 -14.71
N LYS D 356 -44.78 -28.63 -14.38
CA LYS D 356 -45.63 -29.42 -13.50
C LYS D 356 -44.96 -29.62 -12.14
N PRO D 357 -45.74 -29.70 -11.06
CA PRO D 357 -45.15 -29.91 -9.73
C PRO D 357 -44.78 -31.35 -9.44
N ARG D 358 -44.96 -32.27 -10.39
CA ARG D 358 -44.68 -33.68 -10.19
C ARG D 358 -43.86 -34.20 -11.36
N PRO D 359 -42.93 -35.13 -11.10
CA PRO D 359 -42.21 -35.78 -12.19
C PRO D 359 -42.95 -37.00 -12.73
N THR D 360 -42.53 -37.43 -13.92
CA THR D 360 -43.12 -38.60 -14.55
C THR D 360 -42.53 -39.89 -13.96
N ARG D 361 -43.08 -41.02 -14.38
CA ARG D 361 -42.58 -42.31 -13.92
C ARG D 361 -41.22 -42.62 -14.52
N ALA D 362 -40.98 -42.22 -15.78
CA ALA D 362 -39.69 -42.45 -16.40
C ALA D 362 -38.60 -41.58 -15.78
N GLU D 363 -38.95 -40.38 -15.34
CA GLU D 363 -37.95 -39.47 -14.76
C GLU D 363 -37.49 -39.96 -13.39
N GLY D 364 -38.42 -40.51 -12.59
CA GLY D 364 -38.04 -41.01 -11.29
C GLY D 364 -37.07 -42.19 -11.37
N SER D 365 -37.25 -43.04 -12.39
CA SER D 365 -36.33 -44.15 -12.59
C SER D 365 -35.01 -43.72 -13.20
N ASP D 366 -34.98 -42.56 -13.88
CA ASP D 366 -33.72 -42.08 -14.45
C ASP D 366 -32.74 -41.68 -13.36
N VAL D 367 -33.17 -40.85 -12.42
CA VAL D 367 -32.29 -40.46 -11.32
C VAL D 367 -31.95 -41.65 -10.45
N ALA D 368 -32.91 -42.55 -10.23
CA ALA D 368 -32.65 -43.74 -9.43
C ALA D 368 -31.56 -44.61 -10.06
N ASN D 369 -31.72 -44.93 -11.36
CA ASN D 369 -30.72 -45.75 -12.02
C ASN D 369 -29.39 -45.04 -12.14
N ALA D 370 -29.40 -43.70 -12.23
CA ALA D 370 -28.15 -42.95 -12.28
C ALA D 370 -27.33 -43.16 -11.01
N VAL D 371 -27.99 -43.13 -9.85
CA VAL D 371 -27.31 -43.43 -8.60
C VAL D 371 -26.91 -44.90 -8.55
N LEU D 372 -27.73 -45.79 -9.12
CA LEU D 372 -27.40 -47.21 -9.12
C LEU D 372 -26.18 -47.49 -9.99
N ASP D 373 -26.11 -46.89 -11.17
CA ASP D 373 -24.99 -47.13 -12.06
C ASP D 373 -23.67 -46.68 -11.46
N GLY D 374 -23.71 -45.72 -10.54
CA GLY D 374 -22.52 -45.33 -9.80
C GLY D 374 -22.10 -43.89 -10.00
N ALA D 375 -23.05 -43.00 -10.26
CA ALA D 375 -22.72 -41.60 -10.45
C ALA D 375 -22.35 -40.95 -9.13
N ASP D 376 -21.42 -39.99 -9.19
CA ASP D 376 -21.00 -39.28 -7.99
C ASP D 376 -21.96 -38.14 -7.64
N CYS D 377 -22.39 -37.38 -8.64
CA CYS D 377 -23.37 -36.31 -8.44
C CYS D 377 -24.36 -36.31 -9.59
N ILE D 378 -25.54 -35.74 -9.32
CA ILE D 378 -26.58 -35.57 -10.31
C ILE D 378 -26.86 -34.07 -10.47
N MET D 379 -27.17 -33.66 -11.69
CA MET D 379 -27.27 -32.25 -12.03
C MET D 379 -28.69 -31.87 -12.46
N LEU D 380 -29.00 -30.58 -12.31
CA LEU D 380 -30.25 -29.99 -12.76
C LEU D 380 -29.92 -28.71 -13.53
N SER D 381 -30.46 -28.61 -14.75
CA SER D 381 -30.22 -27.43 -15.57
C SER D 381 -31.36 -26.43 -15.70
N GLY D 382 -32.29 -26.68 -16.63
CA GLY D 382 -33.47 -25.86 -16.74
C GLY D 382 -34.45 -26.02 -15.60
N GLU D 383 -34.38 -27.13 -14.86
CA GLU D 383 -35.31 -27.36 -13.77
C GLU D 383 -35.14 -26.37 -12.63
N THR D 384 -33.96 -25.75 -12.51
CA THR D 384 -33.71 -24.77 -11.47
C THR D 384 -33.47 -23.36 -12.00
N ALA D 385 -32.99 -23.23 -13.23
CA ALA D 385 -32.70 -21.91 -13.79
C ALA D 385 -33.98 -21.20 -14.19
N LYS D 386 -34.72 -21.78 -15.13
CA LYS D 386 -35.98 -21.19 -15.63
C LYS D 386 -37.08 -22.23 -15.44
N GLY D 387 -37.94 -22.03 -14.45
CA GLY D 387 -39.02 -22.96 -14.20
C GLY D 387 -39.88 -22.48 -13.06
N ASP D 388 -41.08 -23.06 -12.99
CA ASP D 388 -42.06 -22.68 -11.99
C ASP D 388 -41.88 -23.41 -10.66
N TYR D 389 -41.19 -24.54 -10.65
CA TYR D 389 -41.02 -25.35 -9.45
C TYR D 389 -39.55 -25.67 -9.25
N PRO D 390 -38.80 -24.78 -8.60
CA PRO D 390 -37.36 -25.01 -8.42
C PRO D 390 -37.03 -25.73 -7.13
N LEU D 391 -37.64 -25.30 -6.02
CA LEU D 391 -37.35 -25.90 -4.73
C LEU D 391 -37.92 -27.31 -4.62
N GLU D 392 -38.99 -27.60 -5.35
CA GLU D 392 -39.57 -28.94 -5.33
C GLU D 392 -38.66 -29.94 -6.03
N ALA D 393 -38.04 -29.54 -7.14
CA ALA D 393 -37.17 -30.44 -7.87
C ALA D 393 -35.90 -30.76 -7.08
N VAL D 394 -35.42 -29.83 -6.25
CA VAL D 394 -34.25 -30.09 -5.42
C VAL D 394 -34.52 -31.06 -4.29
N ARG D 395 -35.80 -31.33 -3.98
CA ARG D 395 -36.17 -32.27 -2.93
C ARG D 395 -36.47 -33.66 -3.47
N MET D 396 -37.10 -33.75 -4.65
CA MET D 396 -37.32 -35.05 -5.26
C MET D 396 -36.00 -35.76 -5.54
N GLN D 397 -35.00 -35.01 -6.01
CA GLN D 397 -33.69 -35.59 -6.24
C GLN D 397 -33.07 -36.08 -4.93
N HIS D 398 -33.28 -35.32 -3.85
CA HIS D 398 -32.78 -35.76 -2.54
C HIS D 398 -33.51 -36.99 -2.05
N LEU D 399 -34.84 -37.03 -2.24
CA LEU D 399 -35.62 -38.17 -1.79
C LEU D 399 -35.23 -39.44 -2.55
N ILE D 400 -35.06 -39.33 -3.87
CA ILE D 400 -34.79 -40.51 -4.69
C ILE D 400 -33.40 -41.06 -4.39
N ALA D 401 -32.38 -40.21 -4.45
CA ALA D 401 -31.01 -40.68 -4.26
C ALA D 401 -30.80 -41.29 -2.89
N ARG D 402 -31.56 -40.85 -1.88
CA ARG D 402 -31.47 -41.46 -0.57
C ARG D 402 -32.02 -42.89 -0.58
N GLU D 403 -32.98 -43.18 -1.47
CA GLU D 403 -33.55 -44.52 -1.53
C GLU D 403 -32.70 -45.46 -2.38
N ALA D 404 -32.18 -44.97 -3.51
CA ALA D 404 -31.33 -45.80 -4.36
C ALA D 404 -30.02 -46.17 -3.68
N GLU D 405 -29.56 -45.36 -2.72
CA GLU D 405 -28.32 -45.68 -2.02
C GLU D 405 -28.51 -46.85 -1.07
N ALA D 406 -29.69 -46.96 -0.44
CA ALA D 406 -29.96 -48.08 0.44
C ALA D 406 -30.09 -49.39 -0.33
N ALA D 407 -30.52 -49.31 -1.60
CA ALA D 407 -30.67 -50.50 -2.44
C ALA D 407 -29.45 -50.66 -3.34
N ILE D 408 -28.30 -50.86 -2.72
CA ILE D 408 -27.03 -51.05 -3.43
C ILE D 408 -26.43 -52.38 -3.01
N TYR D 409 -25.95 -53.15 -3.99
CA TYR D 409 -25.29 -54.43 -3.74
C TYR D 409 -23.85 -54.16 -3.32
N HIS D 410 -23.68 -53.82 -2.04
CA HIS D 410 -22.34 -53.56 -1.51
C HIS D 410 -21.49 -54.84 -1.51
N LEU D 411 -22.11 -56.00 -1.32
CA LEU D 411 -21.37 -57.25 -1.25
C LEU D 411 -20.71 -57.60 -2.58
N GLN D 412 -21.21 -57.08 -3.70
CA GLN D 412 -20.61 -57.33 -5.00
C GLN D 412 -19.80 -56.17 -5.53
N LEU D 413 -20.18 -54.93 -5.21
CA LEU D 413 -19.44 -53.78 -5.71
C LEU D 413 -18.09 -53.65 -5.03
N PHE D 414 -18.03 -53.87 -3.71
CA PHE D 414 -16.76 -53.75 -2.99
C PHE D 414 -15.79 -54.84 -3.41
N GLU D 415 -16.26 -56.07 -3.55
CA GLU D 415 -15.38 -57.16 -3.95
C GLU D 415 -14.88 -56.99 -5.37
N GLU D 416 -15.69 -56.42 -6.25
CA GLU D 416 -15.26 -56.18 -7.63
C GLU D 416 -14.41 -54.91 -7.75
N LEU D 417 -14.62 -53.93 -6.87
CA LEU D 417 -13.77 -52.75 -6.87
C LEU D 417 -12.36 -53.07 -6.39
N ARG D 418 -12.24 -54.04 -5.47
CA ARG D 418 -10.92 -54.45 -5.00
C ARG D 418 -10.26 -55.46 -5.93
N ARG D 419 -11.05 -56.34 -6.55
CA ARG D 419 -10.47 -57.36 -7.41
C ARG D 419 -9.76 -56.74 -8.61
N LEU D 420 -10.33 -55.68 -9.18
CA LEU D 420 -9.69 -54.97 -10.27
C LEU D 420 -8.72 -53.89 -9.79
N ALA D 421 -8.72 -53.58 -8.51
CA ALA D 421 -7.79 -52.58 -7.98
C ALA D 421 -6.36 -53.09 -8.07
N PRO D 422 -5.39 -52.19 -8.25
CA PRO D 422 -4.00 -52.63 -8.36
C PRO D 422 -3.38 -53.00 -7.03
N ILE D 423 -2.06 -52.92 -6.95
CA ILE D 423 -1.33 -53.26 -5.73
C ILE D 423 -0.56 -52.03 -5.25
N THR D 424 -1.15 -50.85 -5.49
CA THR D 424 -0.53 -49.56 -5.20
C THR D 424 0.17 -49.76 -3.86
N SER D 425 1.48 -49.47 -3.84
CA SER D 425 2.27 -49.54 -2.61
C SER D 425 2.24 -48.21 -1.85
N ASP D 426 1.15 -47.48 -1.96
CA ASP D 426 0.99 -46.25 -1.18
C ASP D 426 0.53 -46.60 0.24
N PRO D 427 1.22 -46.13 1.27
CA PRO D 427 0.77 -46.41 2.65
C PRO D 427 -0.63 -45.89 2.93
N THR D 428 -1.04 -44.81 2.28
CA THR D 428 -2.39 -44.29 2.46
C THR D 428 -3.42 -45.09 1.67
N GLU D 429 -3.02 -45.65 0.53
CA GLU D 429 -3.95 -46.45 -0.27
C GLU D 429 -4.30 -47.75 0.46
N ALA D 430 -3.35 -48.34 1.18
CA ALA D 430 -3.63 -49.59 1.88
C ALA D 430 -4.51 -49.38 3.10
N THR D 431 -4.28 -48.30 3.84
CA THR D 431 -5.11 -48.01 5.00
C THR D 431 -6.54 -47.65 4.60
N ALA D 432 -6.73 -47.15 3.39
CA ALA D 432 -8.08 -46.86 2.93
C ALA D 432 -8.87 -48.15 2.72
N VAL D 433 -8.31 -49.09 1.98
CA VAL D 433 -9.00 -50.37 1.75
C VAL D 433 -9.25 -51.09 3.07
N GLY D 434 -8.27 -51.06 3.97
CA GLY D 434 -8.46 -51.69 5.27
C GLY D 434 -9.51 -51.00 6.12
N ALA D 435 -9.70 -49.69 5.93
CA ALA D 435 -10.69 -48.97 6.73
C ALA D 435 -12.11 -49.27 6.26
N VAL D 436 -12.30 -49.36 4.94
CA VAL D 436 -13.63 -49.72 4.42
C VAL D 436 -13.97 -51.17 4.78
N GLU D 437 -12.97 -52.04 4.87
CA GLU D 437 -13.23 -53.41 5.31
C GLU D 437 -13.57 -53.46 6.78
N ALA D 438 -12.90 -52.66 7.61
CA ALA D 438 -13.20 -52.64 9.03
C ALA D 438 -14.54 -52.00 9.34
N SER D 439 -15.10 -51.21 8.42
CA SER D 439 -16.40 -50.59 8.67
C SER D 439 -17.55 -51.55 8.38
N PHE D 440 -17.39 -52.39 7.35
CA PHE D 440 -18.41 -53.38 7.04
C PHE D 440 -18.49 -54.47 8.11
N LYS D 441 -17.41 -54.70 8.86
CA LYS D 441 -17.40 -55.77 9.85
C LYS D 441 -18.12 -55.37 11.13
N CYS D 442 -18.11 -54.09 11.50
CA CYS D 442 -18.69 -53.64 12.75
C CYS D 442 -19.94 -52.80 12.57
N CYS D 443 -20.41 -52.61 11.34
CA CYS D 443 -21.58 -51.79 11.04
C CYS D 443 -21.42 -50.39 11.63
N SER D 444 -20.33 -49.73 11.24
CA SER D 444 -19.96 -48.46 11.82
C SER D 444 -20.94 -47.36 11.41
N GLY D 445 -20.90 -46.25 12.16
CA GLY D 445 -21.73 -45.10 11.86
C GLY D 445 -21.12 -44.17 10.84
N ALA D 446 -19.81 -43.98 10.88
CA ALA D 446 -19.12 -43.11 9.93
C ALA D 446 -17.63 -43.46 9.92
N ILE D 447 -16.94 -42.88 8.95
CA ILE D 447 -15.49 -42.99 8.82
C ILE D 447 -14.91 -41.59 8.90
N ILE D 448 -14.29 -41.26 10.03
CA ILE D 448 -13.73 -39.94 10.27
C ILE D 448 -12.33 -39.87 9.69
N VAL D 449 -12.04 -38.80 8.95
CA VAL D 449 -10.76 -38.63 8.27
C VAL D 449 -10.29 -37.18 8.43
N LEU D 450 -9.05 -37.00 8.88
CA LEU D 450 -8.42 -35.69 8.90
C LEU D 450 -7.64 -35.50 7.60
N THR D 451 -7.99 -34.48 6.83
CA THR D 451 -7.37 -34.25 5.53
C THR D 451 -7.12 -32.76 5.33
N LYS D 452 -6.06 -32.46 4.58
CA LYS D 452 -5.71 -31.09 4.24
C LYS D 452 -6.06 -30.74 2.80
N SER D 453 -5.94 -31.69 1.87
CA SER D 453 -6.24 -31.46 0.46
C SER D 453 -7.35 -32.36 -0.06
N GLY D 454 -8.00 -33.12 0.81
CA GLY D 454 -9.07 -34.02 0.42
C GLY D 454 -8.61 -35.37 -0.12
N ARG D 455 -7.34 -35.49 -0.51
CA ARG D 455 -6.87 -36.72 -1.14
C ARG D 455 -7.05 -37.93 -0.23
N SER D 456 -6.81 -37.74 1.07
CA SER D 456 -7.05 -38.81 2.02
C SER D 456 -8.52 -39.23 2.04
N ALA D 457 -9.43 -38.27 1.85
CA ALA D 457 -10.85 -38.60 1.80
C ALA D 457 -11.25 -39.15 0.43
N HIS D 458 -10.58 -38.74 -0.64
CA HIS D 458 -10.91 -39.23 -1.97
C HIS D 458 -10.56 -40.71 -2.14
N GLN D 459 -9.65 -41.23 -1.32
CA GLN D 459 -9.22 -42.62 -1.44
C GLN D 459 -10.09 -43.58 -0.62
N VAL D 460 -10.68 -43.10 0.48
CA VAL D 460 -11.63 -43.92 1.21
C VAL D 460 -12.95 -44.03 0.44
N ALA D 461 -13.29 -43.00 -0.34
CA ALA D 461 -14.49 -43.03 -1.16
C ALA D 461 -14.33 -43.88 -2.41
N ARG D 462 -13.09 -44.12 -2.84
CA ARG D 462 -12.85 -44.91 -4.06
C ARG D 462 -13.38 -46.33 -3.93
N TYR D 463 -13.39 -46.89 -2.72
CA TYR D 463 -13.82 -48.25 -2.49
C TYR D 463 -15.27 -48.35 -2.03
N ARG D 464 -16.00 -47.23 -2.05
CA ARG D 464 -17.44 -47.14 -1.85
C ARG D 464 -17.89 -47.78 -0.54
N PRO D 465 -17.68 -47.14 0.60
CA PRO D 465 -18.20 -47.67 1.86
C PRO D 465 -19.71 -47.47 1.99
N ARG D 466 -20.28 -47.96 3.09
CA ARG D 466 -21.69 -47.71 3.35
C ARG D 466 -21.88 -46.52 4.29
N ALA D 467 -21.06 -46.43 5.34
CA ALA D 467 -21.16 -45.33 6.27
C ALA D 467 -20.66 -44.03 5.62
N PRO D 468 -21.15 -42.89 6.06
CA PRO D 468 -20.63 -41.62 5.51
C PRO D 468 -19.20 -41.37 5.93
N ILE D 469 -18.48 -40.63 5.08
CA ILE D 469 -17.09 -40.28 5.31
C ILE D 469 -17.06 -38.81 5.71
N ILE D 470 -17.02 -38.56 7.02
CA ILE D 470 -16.93 -37.19 7.53
C ILE D 470 -15.49 -36.70 7.38
N ALA D 471 -15.29 -35.71 6.52
CA ALA D 471 -13.97 -35.15 6.27
C ALA D 471 -13.84 -33.82 7.00
N VAL D 472 -12.98 -33.80 8.02
CA VAL D 472 -12.67 -32.58 8.76
C VAL D 472 -11.48 -31.90 8.11
N THR D 473 -11.54 -30.57 8.03
CA THR D 473 -10.46 -29.83 7.38
C THR D 473 -10.54 -28.37 7.80
N ARG D 474 -9.41 -27.69 7.67
CA ARG D 474 -9.34 -26.24 7.86
C ARG D 474 -9.30 -25.49 6.53
N ASN D 475 -8.84 -26.12 5.47
CA ASN D 475 -8.84 -25.55 4.14
C ASN D 475 -10.28 -25.40 3.65
N PRO D 476 -10.79 -24.18 3.48
CA PRO D 476 -12.20 -24.03 3.08
C PRO D 476 -12.46 -24.49 1.65
N GLN D 477 -11.48 -24.37 0.75
CA GLN D 477 -11.70 -24.78 -0.63
C GLN D 477 -11.82 -26.29 -0.75
N THR D 478 -11.11 -27.04 0.10
CA THR D 478 -11.23 -28.49 0.06
C THR D 478 -12.59 -28.96 0.56
N ALA D 479 -13.17 -28.24 1.54
CA ALA D 479 -14.50 -28.59 2.01
C ALA D 479 -15.54 -28.39 0.92
N ARG D 480 -15.46 -27.27 0.20
CA ARG D 480 -16.39 -27.04 -0.90
C ARG D 480 -16.14 -28.01 -2.05
N GLN D 481 -14.90 -28.46 -2.22
CA GLN D 481 -14.58 -29.38 -3.31
C GLN D 481 -14.93 -30.83 -2.99
N ALA D 482 -15.17 -31.15 -1.72
CA ALA D 482 -15.47 -32.53 -1.34
C ALA D 482 -16.84 -32.99 -1.83
N HIS D 483 -17.66 -32.09 -2.39
CA HIS D 483 -18.98 -32.47 -2.88
C HIS D 483 -18.91 -33.22 -4.20
N LEU D 484 -17.78 -33.16 -4.90
CA LEU D 484 -17.63 -33.88 -6.16
C LEU D 484 -17.59 -35.39 -5.97
N TYR D 485 -17.27 -35.86 -4.77
CA TYR D 485 -17.08 -37.27 -4.49
C TYR D 485 -18.26 -37.83 -3.70
N ARG D 486 -18.49 -39.13 -3.85
CA ARG D 486 -19.64 -39.78 -3.25
C ARG D 486 -19.37 -40.15 -1.80
N GLY D 487 -20.34 -39.90 -0.93
CA GLY D 487 -20.28 -40.33 0.45
C GLY D 487 -19.47 -39.46 1.37
N ILE D 488 -18.86 -38.37 0.88
CA ILE D 488 -18.03 -37.49 1.68
C ILE D 488 -18.88 -36.31 2.14
N PHE D 489 -19.03 -36.16 3.46
CA PHE D 489 -19.73 -35.02 4.05
C PHE D 489 -18.72 -34.12 4.73
N PRO D 490 -18.35 -32.99 4.13
CA PRO D 490 -17.28 -32.16 4.70
C PRO D 490 -17.79 -31.20 5.76
N VAL D 491 -16.97 -30.99 6.79
CA VAL D 491 -17.24 -30.00 7.83
C VAL D 491 -15.98 -29.18 8.05
N LEU D 492 -16.16 -27.87 8.27
CA LEU D 492 -15.05 -26.94 8.43
C LEU D 492 -14.88 -26.58 9.89
N CYS D 493 -13.66 -26.73 10.40
CA CYS D 493 -13.34 -26.42 11.79
C CYS D 493 -12.74 -25.03 11.88
N LYS D 494 -13.34 -24.16 12.70
CA LYS D 494 -12.91 -22.79 12.84
C LYS D 494 -12.10 -22.52 14.10
N ASP D 495 -11.92 -23.53 14.95
CA ASP D 495 -11.17 -23.34 16.19
C ASP D 495 -9.70 -23.09 15.88
N PRO D 496 -9.02 -22.32 16.72
CA PRO D 496 -7.59 -22.04 16.49
C PRO D 496 -6.73 -23.29 16.65
N VAL D 497 -5.53 -23.21 16.10
CA VAL D 497 -4.58 -24.32 16.15
C VAL D 497 -3.91 -24.35 17.52
N GLN D 498 -3.72 -25.55 18.06
CA GLN D 498 -3.14 -25.73 19.38
C GLN D 498 -1.62 -25.81 19.30
N GLU D 499 -0.98 -25.49 20.42
CA GLU D 499 0.48 -25.56 20.49
C GLU D 499 0.97 -27.00 20.41
N ALA D 500 0.27 -27.91 21.07
CA ALA D 500 0.60 -29.34 21.01
C ALA D 500 -0.14 -29.96 19.82
N TRP D 501 0.63 -30.54 18.90
CA TRP D 501 0.04 -31.16 17.72
C TRP D 501 -0.87 -32.33 18.09
N ALA D 502 -0.52 -33.06 19.16
CA ALA D 502 -1.35 -34.18 19.59
C ALA D 502 -2.71 -33.70 20.06
N GLU D 503 -2.74 -32.64 20.88
CA GLU D 503 -4.00 -32.10 21.34
C GLU D 503 -4.79 -31.44 20.21
N ASP D 504 -4.09 -30.96 19.19
CA ASP D 504 -4.78 -30.38 18.03
C ASP D 504 -5.40 -31.44 17.14
N VAL D 505 -4.76 -32.62 17.05
CA VAL D 505 -5.33 -33.70 16.25
C VAL D 505 -6.57 -34.27 16.93
N ASP D 506 -6.46 -34.56 18.23
CA ASP D 506 -7.60 -35.11 18.95
C ASP D 506 -8.71 -34.09 19.18
N LEU D 507 -8.44 -32.80 18.94
CA LEU D 507 -9.50 -31.81 19.00
C LEU D 507 -10.40 -31.90 17.78
N ARG D 508 -9.80 -31.98 16.59
CA ARG D 508 -10.59 -32.11 15.36
C ARG D 508 -11.33 -33.44 15.30
N VAL D 509 -10.87 -34.45 16.04
CA VAL D 509 -11.60 -35.71 16.12
C VAL D 509 -12.89 -35.52 16.91
N ASN D 510 -12.79 -34.91 18.09
CA ASN D 510 -13.97 -34.68 18.92
C ASN D 510 -14.95 -33.72 18.25
N PHE D 511 -14.44 -32.77 17.45
CA PHE D 511 -15.32 -31.88 16.71
C PHE D 511 -16.14 -32.65 15.68
N ALA D 512 -15.54 -33.67 15.07
CA ALA D 512 -16.28 -34.50 14.12
C ALA D 512 -17.35 -35.35 14.80
N MET D 513 -17.07 -35.80 16.04
CA MET D 513 -18.04 -36.61 16.75
C MET D 513 -19.30 -35.82 17.07
N ASN D 514 -19.14 -34.60 17.59
CA ASN D 514 -20.30 -33.79 17.93
C ASN D 514 -21.10 -33.39 16.70
N VAL D 515 -20.45 -33.26 15.55
CA VAL D 515 -21.18 -32.97 14.32
C VAL D 515 -22.05 -34.15 13.92
N GLY D 516 -21.50 -35.37 14.02
CA GLY D 516 -22.29 -36.55 13.69
C GLY D 516 -23.46 -36.76 14.63
N LYS D 517 -23.24 -36.54 15.94
CA LYS D 517 -24.33 -36.64 16.89
C LYS D 517 -25.39 -35.59 16.66
N ALA D 518 -25.00 -34.40 16.18
CA ALA D 518 -25.98 -33.34 15.92
C ALA D 518 -26.82 -33.67 14.69
N ARG D 519 -26.17 -33.90 13.55
CA ARG D 519 -26.89 -34.25 12.32
C ARG D 519 -27.49 -35.65 12.35
N GLY D 520 -27.41 -36.37 13.47
CA GLY D 520 -28.09 -37.64 13.63
C GLY D 520 -27.52 -38.78 12.81
N PHE D 521 -26.24 -39.08 13.02
CA PHE D 521 -25.59 -40.21 12.35
C PHE D 521 -25.23 -41.35 13.31
N PHE D 522 -24.93 -41.04 14.56
CA PHE D 522 -24.61 -42.07 15.55
C PHE D 522 -24.86 -41.48 16.94
N LYS D 523 -24.81 -42.36 17.94
CA LYS D 523 -25.07 -41.99 19.32
C LYS D 523 -23.88 -42.35 20.20
N LYS D 524 -23.84 -41.75 21.39
CA LYS D 524 -22.77 -42.00 22.34
C LYS D 524 -22.93 -43.50 22.43
N GLY D 525 -21.88 -44.25 22.10
CA GLY D 525 -21.78 -45.67 22.36
C GLY D 525 -21.47 -46.45 21.11
N ASP D 526 -21.88 -45.94 19.96
CA ASP D 526 -21.60 -46.58 18.69
C ASP D 526 -20.10 -46.52 18.38
N VAL D 527 -19.71 -47.24 17.34
CA VAL D 527 -18.30 -47.36 16.94
C VAL D 527 -18.07 -46.54 15.69
N VAL D 528 -16.90 -45.91 15.61
CA VAL D 528 -16.48 -45.15 14.44
C VAL D 528 -15.06 -45.56 14.08
N ILE D 529 -14.63 -45.13 12.89
CA ILE D 529 -13.28 -45.38 12.40
C ILE D 529 -12.64 -44.03 12.12
N VAL D 530 -11.49 -43.77 12.73
CA VAL D 530 -10.79 -42.49 12.63
C VAL D 530 -9.49 -42.72 11.90
N LEU D 531 -9.20 -41.88 10.91
CA LEU D 531 -7.95 -41.91 10.16
C LEU D 531 -7.12 -40.70 10.53
N THR D 532 -5.89 -40.95 11.00
CA THR D 532 -4.97 -39.87 11.35
C THR D 532 -3.58 -40.30 10.87
N GLY D 533 -2.54 -39.63 11.37
CA GLY D 533 -1.21 -39.78 10.83
C GLY D 533 -0.16 -39.62 11.91
N TRP D 534 1.10 -39.74 11.48
CA TRP D 534 2.24 -39.77 12.39
C TRP D 534 3.04 -38.48 12.40
N ARG D 535 2.76 -37.54 11.50
CA ARG D 535 3.56 -36.34 11.38
C ARG D 535 2.71 -35.22 10.80
N PRO D 536 2.84 -34.00 11.31
CA PRO D 536 2.11 -32.87 10.71
C PRO D 536 2.58 -32.63 9.28
N GLY D 537 1.62 -32.33 8.41
CA GLY D 537 1.93 -32.08 7.02
C GLY D 537 0.88 -32.62 6.07
N SER D 538 1.31 -33.26 4.99
CA SER D 538 0.40 -33.78 3.98
C SER D 538 0.98 -35.05 3.38
N GLY D 539 0.10 -36.02 3.12
CA GLY D 539 0.54 -37.26 2.53
C GLY D 539 1.12 -38.26 3.52
N PHE D 540 0.68 -38.22 4.78
CA PHE D 540 1.19 -39.12 5.80
C PHE D 540 0.06 -39.83 6.55
N THR D 541 -1.11 -39.97 5.93
CA THR D 541 -2.23 -40.66 6.57
C THR D 541 -1.94 -42.15 6.59
N ASN D 542 -1.71 -42.69 7.80
CA ASN D 542 -1.41 -44.11 7.92
C ASN D 542 -1.86 -44.71 9.25
N THR D 543 -2.72 -44.03 10.00
CA THR D 543 -3.17 -44.50 11.30
C THR D 543 -4.69 -44.68 11.28
N MET D 544 -5.14 -45.91 11.45
CA MET D 544 -6.55 -46.25 11.54
C MET D 544 -6.84 -46.80 12.92
N ARG D 545 -7.87 -46.28 13.57
CA ARG D 545 -8.25 -46.75 14.89
C ARG D 545 -9.76 -46.89 14.96
N VAL D 546 -10.21 -47.89 15.73
CA VAL D 546 -11.62 -48.11 16.00
C VAL D 546 -11.91 -47.61 17.42
N VAL D 547 -12.73 -46.58 17.52
CA VAL D 547 -13.00 -45.96 18.82
C VAL D 547 -14.51 -45.82 18.99
N PRO D 548 -15.02 -45.89 20.22
CA PRO D 548 -16.45 -45.68 20.44
C PRO D 548 -16.80 -44.20 20.55
N VAL D 549 -17.99 -43.86 20.07
CA VAL D 549 -18.49 -42.49 20.14
C VAL D 549 -18.76 -42.15 21.60
N PRO D 550 -18.13 -41.09 22.14
CA PRO D 550 -18.31 -40.69 23.54
C PRO D 550 -19.45 -39.70 23.74
#